data_7JN8
# 
_entry.id   7JN8 
# 
_audit_conform.dict_name       mmcif_pdbx.dic 
_audit_conform.dict_version    5.380 
_audit_conform.dict_location   http://mmcif.pdb.org/dictionaries/ascii/mmcif_pdbx.dic 
# 
loop_
_database_2.database_id 
_database_2.database_code 
_database_2.pdbx_database_accession 
_database_2.pdbx_DOI 
PDB   7JN8         pdb_00007jn8 10.2210/pdb7jn8/pdb 
WWPDB D_1000251123 ?            ?                   
# 
loop_
_pdbx_database_related.db_name 
_pdbx_database_related.details 
_pdbx_database_related.db_id 
_pdbx_database_related.content_type 
PDB '7JM8 contains the same protein but in complex with another peptide' 7JM8 unspecified 
PDB '7JML contains the same protein but in complex with another peptide' 7JML unspecified 
PDB '7JMM contains the same protein but in complex with another peptide' 7JMM unspecified 
PDB '7JMZ contains the same protein but in complex with another peptide' 7JMZ unspecified 
# 
_pdbx_database_status.status_code                     REL 
_pdbx_database_status.status_code_sf                  REL 
_pdbx_database_status.status_code_mr                  ? 
_pdbx_database_status.entry_id                        7JN8 
_pdbx_database_status.recvd_initial_deposition_date   2020-08-04 
_pdbx_database_status.SG_entry                        N 
_pdbx_database_status.deposit_site                    RCSB 
_pdbx_database_status.process_site                    RCSB 
_pdbx_database_status.status_code_cs                  ? 
_pdbx_database_status.status_code_nmr_data            ? 
_pdbx_database_status.methods_development_category    ? 
_pdbx_database_status.pdb_format_compatible           Y 
# 
loop_
_audit_author.name 
_audit_author.pdbx_ordinal 
_audit_author.identifier_ORCID 
'Jansen, R.M.'   1 0000-0003-4666-9976 
'Ozden, C.'      2 0000-0002-5673-878X 
'Gierasch, L.M.' 3 0000-0002-5706-115X 
'Garman, S.C.'   4 0000-0001-9912-2670 
# 
_citation.abstract                  ? 
_citation.abstract_id_CAS           ? 
_citation.book_id_ISBN              ? 
_citation.book_publisher            ? 
_citation.book_publisher_city       ? 
_citation.book_title                ? 
_citation.coordinate_linkage        ? 
_citation.country                   US 
_citation.database_id_Medline       ? 
_citation.details                   ? 
_citation.id                        primary 
_citation.journal_abbrev            Proc.Natl.Acad.Sci.USA 
_citation.journal_id_ASTM           PNASA6 
_citation.journal_id_CSD            0040 
_citation.journal_id_ISSN           1091-6490 
_citation.journal_full              ? 
_citation.journal_issue             ? 
_citation.journal_volume            118 
_citation.language                  ? 
_citation.page_first                ? 
_citation.page_last                 ? 
_citation.title                     'Selective promiscuity in the binding of E. coli Hsp70 to an unfolded protein.' 
_citation.year                      2021 
_citation.database_id_CSD           ? 
_citation.pdbx_database_id_DOI      10.1073/pnas.2016962118 
_citation.pdbx_database_id_PubMed   34625496 
_citation.unpublished_flag          ? 
# 
loop_
_citation_author.citation_id 
_citation_author.name 
_citation_author.ordinal 
_citation_author.identifier_ORCID 
primary 'Clerico, E.M.'    1 0000-0002-4433-8842 
primary 'Pozhidaeva, A.K.' 2 0000-0001-8602-1790 
primary 'Jansen, R.M.'     3 0000-0003-4666-9976 
primary 'Ozden, C.'        4 0000-0002-5673-878X 
primary 'Tilitsky, J.M.'   5 0000-0001-8555-398X 
primary 'Gierasch, L.M.'   6 0000-0002-5706-115X 
# 
_cell.angle_alpha                  90.000 
_cell.angle_alpha_esd              ? 
_cell.angle_beta                   90.000 
_cell.angle_beta_esd               ? 
_cell.angle_gamma                  90.000 
_cell.angle_gamma_esd              ? 
_cell.entry_id                     7JN8 
_cell.details                      ? 
_cell.formula_units_Z              ? 
_cell.length_a                     37.974 
_cell.length_a_esd                 ? 
_cell.length_b                     95.477 
_cell.length_b_esd                 ? 
_cell.length_c                     117.493 
_cell.length_c_esd                 ? 
_cell.volume                       ? 
_cell.volume_esd                   ? 
_cell.Z_PDB                        8 
_cell.reciprocal_angle_alpha       ? 
_cell.reciprocal_angle_beta        ? 
_cell.reciprocal_angle_gamma       ? 
_cell.reciprocal_angle_alpha_esd   ? 
_cell.reciprocal_angle_beta_esd    ? 
_cell.reciprocal_angle_gamma_esd   ? 
_cell.reciprocal_length_a          ? 
_cell.reciprocal_length_b          ? 
_cell.reciprocal_length_c          ? 
_cell.reciprocal_length_a_esd      ? 
_cell.reciprocal_length_b_esd      ? 
_cell.reciprocal_length_c_esd      ? 
_cell.pdbx_unique_axis             ? 
# 
_symmetry.entry_id                         7JN8 
_symmetry.cell_setting                     ? 
_symmetry.Int_Tables_number                23 
_symmetry.space_group_name_Hall            ? 
_symmetry.space_group_name_H-M             'I 2 2 2' 
_symmetry.pdbx_full_space_group_name_H-M   ? 
# 
loop_
_entity.id 
_entity.type 
_entity.src_method 
_entity.pdbx_description 
_entity.formula_weight 
_entity.pdbx_number_of_molecules 
_entity.pdbx_ec 
_entity.pdbx_mutation 
_entity.pdbx_fragment 
_entity.details 
1 polymer     man 'Chaperone protein DnaK'       23820.777 1 ?       ?                     ? ? 
2 polymer     syn 'Alkaline phosphatase peptide' 1116.316  1 3.1.3.1 'E381R, T389S, A390R' ? ? 
3 non-polymer syn 'SULFATE ION'                  96.063    2 ?       ?                     ? ? 
4 water       nat water                          18.015    4 ?       ?                     ? ? 
# 
loop_
_entity_name_com.entity_id 
_entity_name_com.name 
1 'HSP70,Heat shock 70 kDa protein,Heat shock protein 70' 
2 APase                                                   
# 
loop_
_entity_poly.entity_id 
_entity_poly.type 
_entity_poly.nstd_linkage 
_entity_poly.nstd_monomer 
_entity_poly.pdbx_seq_one_letter_code 
_entity_poly.pdbx_seq_one_letter_code_can 
_entity_poly.pdbx_strand_id 
_entity_poly.pdbx_target_identifier 
1 'polypeptide(L)' no no 
;VLLLDVTPLSLGIETMGGVMTTLIAKNTTIPTKHSQVFSTAEDNQSAVTIHVLQGERKRAADNKSLGQFNLDGINPAPRG
MPQIEVTFDIDADGILHVSAKDKNSGKEQKITIKASSGLNEDEIQKMVRDAEANAEADRKFEELVQTRNQGDHLLHSTRK
QVEEAGDKLPADDKTAIESALTALETALKGEDKAAIEAKMQELAQVSQKLMEIAQQQHA
;
;VLLLDVTPLSLGIETMGGVMTTLIAKNTTIPTKHSQVFSTAEDNQSAVTIHVLQGERKRAADNKSLGQFNLDGINPAPRG
MPQIEVTFDIDADGILHVSAKDKNSGKEQKITIKASSGLNEDEIQKMVRDAEANAEADRKFEELVQTRNQGDHLLHSTRK
QVEEAGDKLPADDKTAIESALTALETALKGEDKAAIEAKMQELAQVSQKLMEIAQQQHA
;
A ? 
2 'polypeptide(L)' no no RGNTLVIVSR RGNTLVIVSR B ? 
# 
loop_
_entity_poly_seq.entity_id 
_entity_poly_seq.num 
_entity_poly_seq.mon_id 
_entity_poly_seq.hetero 
1 1   VAL n 
1 2   LEU n 
1 3   LEU n 
1 4   LEU n 
1 5   ASP n 
1 6   VAL n 
1 7   THR n 
1 8   PRO n 
1 9   LEU n 
1 10  SER n 
1 11  LEU n 
1 12  GLY n 
1 13  ILE n 
1 14  GLU n 
1 15  THR n 
1 16  MET n 
1 17  GLY n 
1 18  GLY n 
1 19  VAL n 
1 20  MET n 
1 21  THR n 
1 22  THR n 
1 23  LEU n 
1 24  ILE n 
1 25  ALA n 
1 26  LYS n 
1 27  ASN n 
1 28  THR n 
1 29  THR n 
1 30  ILE n 
1 31  PRO n 
1 32  THR n 
1 33  LYS n 
1 34  HIS n 
1 35  SER n 
1 36  GLN n 
1 37  VAL n 
1 38  PHE n 
1 39  SER n 
1 40  THR n 
1 41  ALA n 
1 42  GLU n 
1 43  ASP n 
1 44  ASN n 
1 45  GLN n 
1 46  SER n 
1 47  ALA n 
1 48  VAL n 
1 49  THR n 
1 50  ILE n 
1 51  HIS n 
1 52  VAL n 
1 53  LEU n 
1 54  GLN n 
1 55  GLY n 
1 56  GLU n 
1 57  ARG n 
1 58  LYS n 
1 59  ARG n 
1 60  ALA n 
1 61  ALA n 
1 62  ASP n 
1 63  ASN n 
1 64  LYS n 
1 65  SER n 
1 66  LEU n 
1 67  GLY n 
1 68  GLN n 
1 69  PHE n 
1 70  ASN n 
1 71  LEU n 
1 72  ASP n 
1 73  GLY n 
1 74  ILE n 
1 75  ASN n 
1 76  PRO n 
1 77  ALA n 
1 78  PRO n 
1 79  ARG n 
1 80  GLY n 
1 81  MET n 
1 82  PRO n 
1 83  GLN n 
1 84  ILE n 
1 85  GLU n 
1 86  VAL n 
1 87  THR n 
1 88  PHE n 
1 89  ASP n 
1 90  ILE n 
1 91  ASP n 
1 92  ALA n 
1 93  ASP n 
1 94  GLY n 
1 95  ILE n 
1 96  LEU n 
1 97  HIS n 
1 98  VAL n 
1 99  SER n 
1 100 ALA n 
1 101 LYS n 
1 102 ASP n 
1 103 LYS n 
1 104 ASN n 
1 105 SER n 
1 106 GLY n 
1 107 LYS n 
1 108 GLU n 
1 109 GLN n 
1 110 LYS n 
1 111 ILE n 
1 112 THR n 
1 113 ILE n 
1 114 LYS n 
1 115 ALA n 
1 116 SER n 
1 117 SER n 
1 118 GLY n 
1 119 LEU n 
1 120 ASN n 
1 121 GLU n 
1 122 ASP n 
1 123 GLU n 
1 124 ILE n 
1 125 GLN n 
1 126 LYS n 
1 127 MET n 
1 128 VAL n 
1 129 ARG n 
1 130 ASP n 
1 131 ALA n 
1 132 GLU n 
1 133 ALA n 
1 134 ASN n 
1 135 ALA n 
1 136 GLU n 
1 137 ALA n 
1 138 ASP n 
1 139 ARG n 
1 140 LYS n 
1 141 PHE n 
1 142 GLU n 
1 143 GLU n 
1 144 LEU n 
1 145 VAL n 
1 146 GLN n 
1 147 THR n 
1 148 ARG n 
1 149 ASN n 
1 150 GLN n 
1 151 GLY n 
1 152 ASP n 
1 153 HIS n 
1 154 LEU n 
1 155 LEU n 
1 156 HIS n 
1 157 SER n 
1 158 THR n 
1 159 ARG n 
1 160 LYS n 
1 161 GLN n 
1 162 VAL n 
1 163 GLU n 
1 164 GLU n 
1 165 ALA n 
1 166 GLY n 
1 167 ASP n 
1 168 LYS n 
1 169 LEU n 
1 170 PRO n 
1 171 ALA n 
1 172 ASP n 
1 173 ASP n 
1 174 LYS n 
1 175 THR n 
1 176 ALA n 
1 177 ILE n 
1 178 GLU n 
1 179 SER n 
1 180 ALA n 
1 181 LEU n 
1 182 THR n 
1 183 ALA n 
1 184 LEU n 
1 185 GLU n 
1 186 THR n 
1 187 ALA n 
1 188 LEU n 
1 189 LYS n 
1 190 GLY n 
1 191 GLU n 
1 192 ASP n 
1 193 LYS n 
1 194 ALA n 
1 195 ALA n 
1 196 ILE n 
1 197 GLU n 
1 198 ALA n 
1 199 LYS n 
1 200 MET n 
1 201 GLN n 
1 202 GLU n 
1 203 LEU n 
1 204 ALA n 
1 205 GLN n 
1 206 VAL n 
1 207 SER n 
1 208 GLN n 
1 209 LYS n 
1 210 LEU n 
1 211 MET n 
1 212 GLU n 
1 213 ILE n 
1 214 ALA n 
1 215 GLN n 
1 216 GLN n 
1 217 GLN n 
1 218 HIS n 
1 219 ALA n 
2 1   ARG n 
2 2   GLY n 
2 3   ASN n 
2 4   THR n 
2 5   LEU n 
2 6   VAL n 
2 7   ILE n 
2 8   VAL n 
2 9   SER n 
2 10  ARG n 
# 
_entity_src_gen.entity_id                          1 
_entity_src_gen.pdbx_src_id                        1 
_entity_src_gen.pdbx_alt_source_flag               sample 
_entity_src_gen.pdbx_seq_type                      'Biological sequence' 
_entity_src_gen.pdbx_beg_seq_num                   1 
_entity_src_gen.pdbx_end_seq_num                   219 
_entity_src_gen.gene_src_common_name               ? 
_entity_src_gen.gene_src_genus                     ? 
_entity_src_gen.pdbx_gene_src_gene                 'dnaK, groP, grpF, seg, b0014, JW0013' 
_entity_src_gen.gene_src_species                   ? 
_entity_src_gen.gene_src_strain                    K12 
_entity_src_gen.gene_src_tissue                    ? 
_entity_src_gen.gene_src_tissue_fraction           ? 
_entity_src_gen.gene_src_details                   ? 
_entity_src_gen.pdbx_gene_src_fragment             ? 
_entity_src_gen.pdbx_gene_src_scientific_name      'Escherichia coli (strain K12)' 
_entity_src_gen.pdbx_gene_src_ncbi_taxonomy_id     83333 
_entity_src_gen.pdbx_gene_src_variant              ? 
_entity_src_gen.pdbx_gene_src_cell_line            ? 
_entity_src_gen.pdbx_gene_src_atcc                 ? 
_entity_src_gen.pdbx_gene_src_organ                ? 
_entity_src_gen.pdbx_gene_src_organelle            ? 
_entity_src_gen.pdbx_gene_src_cell                 ? 
_entity_src_gen.pdbx_gene_src_cellular_location    ? 
_entity_src_gen.host_org_common_name               ? 
_entity_src_gen.pdbx_host_org_scientific_name      'Escherichia coli BL21(DE3)' 
_entity_src_gen.pdbx_host_org_ncbi_taxonomy_id     469008 
_entity_src_gen.host_org_genus                     ? 
_entity_src_gen.pdbx_host_org_gene                 ? 
_entity_src_gen.pdbx_host_org_organ                ? 
_entity_src_gen.host_org_species                   ? 
_entity_src_gen.pdbx_host_org_tissue               ? 
_entity_src_gen.pdbx_host_org_tissue_fraction      ? 
_entity_src_gen.pdbx_host_org_strain               'BL21(DE3)' 
_entity_src_gen.pdbx_host_org_variant              ? 
_entity_src_gen.pdbx_host_org_cell_line            ? 
_entity_src_gen.pdbx_host_org_atcc                 ? 
_entity_src_gen.pdbx_host_org_culture_collection   ? 
_entity_src_gen.pdbx_host_org_cell                 ? 
_entity_src_gen.pdbx_host_org_organelle            ? 
_entity_src_gen.pdbx_host_org_cellular_location    ? 
_entity_src_gen.pdbx_host_org_vector_type          ? 
_entity_src_gen.pdbx_host_org_vector               ? 
_entity_src_gen.host_org_details                   ? 
_entity_src_gen.expression_system_id               ? 
_entity_src_gen.plasmid_name                       ? 
_entity_src_gen.plasmid_details                    ? 
_entity_src_gen.pdbx_description                   ? 
# 
_pdbx_entity_src_syn.entity_id              2 
_pdbx_entity_src_syn.pdbx_src_id            1 
_pdbx_entity_src_syn.pdbx_alt_source_flag   sample 
_pdbx_entity_src_syn.pdbx_beg_seq_num       1 
_pdbx_entity_src_syn.pdbx_end_seq_num       10 
_pdbx_entity_src_syn.organism_scientific    'Escherichia coli (strain K12)' 
_pdbx_entity_src_syn.organism_common_name   ? 
_pdbx_entity_src_syn.ncbi_taxonomy_id       83333 
_pdbx_entity_src_syn.details                ? 
# 
loop_
_struct_ref.id 
_struct_ref.db_name 
_struct_ref.db_code 
_struct_ref.pdbx_db_accession 
_struct_ref.pdbx_db_isoform 
_struct_ref.entity_id 
_struct_ref.pdbx_seq_one_letter_code 
_struct_ref.pdbx_align_begin 
1 UNP DNAK_ECOLI P0A6Y8 ? 1 
;VLLLDVTPLSLGIETMGGVMTTLIAKNTTIPTKHSQVFSTAEDNQSAVTIHVLQGERKRAADNKSLGQFNLDGINPAPRG
MPQIEVTFDIDADGILHVSAKDKNSGKEQKITIKASSGLNEDEIQKMVRDAEANAEADRKFEELVQTRNQGDHLLHSTRK
QVEEAGDKLPADDKTAIESALTALETALKGEDKAAIEAKMQELAQVSQKLMEIAQQQHA
;
389 
2 UNP PPB_ECOLI  P00634 ? 2 EGNTLVIVTA 381 
# 
loop_
_struct_ref_seq.align_id 
_struct_ref_seq.ref_id 
_struct_ref_seq.pdbx_PDB_id_code 
_struct_ref_seq.pdbx_strand_id 
_struct_ref_seq.seq_align_beg 
_struct_ref_seq.pdbx_seq_align_beg_ins_code 
_struct_ref_seq.seq_align_end 
_struct_ref_seq.pdbx_seq_align_end_ins_code 
_struct_ref_seq.pdbx_db_accession 
_struct_ref_seq.db_align_beg 
_struct_ref_seq.pdbx_db_align_beg_ins_code 
_struct_ref_seq.db_align_end 
_struct_ref_seq.pdbx_db_align_end_ins_code 
_struct_ref_seq.pdbx_auth_seq_align_beg 
_struct_ref_seq.pdbx_auth_seq_align_end 
1 1 7JN8 A 1 ? 219 ? P0A6Y8 389 ? 607 ? 389 607 
2 2 7JN8 B 1 ? 10  ? P00634 381 ? 390 ? 360 369 
# 
loop_
_struct_ref_seq_dif.align_id 
_struct_ref_seq_dif.pdbx_pdb_id_code 
_struct_ref_seq_dif.mon_id 
_struct_ref_seq_dif.pdbx_pdb_strand_id 
_struct_ref_seq_dif.seq_num 
_struct_ref_seq_dif.pdbx_pdb_ins_code 
_struct_ref_seq_dif.pdbx_seq_db_name 
_struct_ref_seq_dif.pdbx_seq_db_accession_code 
_struct_ref_seq_dif.db_mon_id 
_struct_ref_seq_dif.pdbx_seq_db_seq_num 
_struct_ref_seq_dif.details 
_struct_ref_seq_dif.pdbx_auth_seq_num 
_struct_ref_seq_dif.pdbx_ordinal 
2 7JN8 ARG B 1  ? UNP P00634 GLU 381 'engineered mutation' 360 1 
2 7JN8 SER B 9  ? UNP P00634 THR 389 'engineered mutation' 368 2 
2 7JN8 ARG B 10 ? UNP P00634 ALA 390 'engineered mutation' 369 3 
# 
loop_
_chem_comp.id 
_chem_comp.type 
_chem_comp.mon_nstd_flag 
_chem_comp.name 
_chem_comp.pdbx_synonyms 
_chem_comp.formula 
_chem_comp.formula_weight 
ALA 'L-peptide linking' y ALANINE         ? 'C3 H7 N O2'     89.093  
ARG 'L-peptide linking' y ARGININE        ? 'C6 H15 N4 O2 1' 175.209 
ASN 'L-peptide linking' y ASPARAGINE      ? 'C4 H8 N2 O3'    132.118 
ASP 'L-peptide linking' y 'ASPARTIC ACID' ? 'C4 H7 N O4'     133.103 
GLN 'L-peptide linking' y GLUTAMINE       ? 'C5 H10 N2 O3'   146.144 
GLU 'L-peptide linking' y 'GLUTAMIC ACID' ? 'C5 H9 N O4'     147.129 
GLY 'peptide linking'   y GLYCINE         ? 'C2 H5 N O2'     75.067  
HIS 'L-peptide linking' y HISTIDINE       ? 'C6 H10 N3 O2 1' 156.162 
HOH non-polymer         . WATER           ? 'H2 O'           18.015  
ILE 'L-peptide linking' y ISOLEUCINE      ? 'C6 H13 N O2'    131.173 
LEU 'L-peptide linking' y LEUCINE         ? 'C6 H13 N O2'    131.173 
LYS 'L-peptide linking' y LYSINE          ? 'C6 H15 N2 O2 1' 147.195 
MET 'L-peptide linking' y METHIONINE      ? 'C5 H11 N O2 S'  149.211 
PHE 'L-peptide linking' y PHENYLALANINE   ? 'C9 H11 N O2'    165.189 
PRO 'L-peptide linking' y PROLINE         ? 'C5 H9 N O2'     115.130 
SER 'L-peptide linking' y SERINE          ? 'C3 H7 N O3'     105.093 
SO4 non-polymer         . 'SULFATE ION'   ? 'O4 S -2'        96.063  
THR 'L-peptide linking' y THREONINE       ? 'C4 H9 N O3'     119.119 
VAL 'L-peptide linking' y VALINE          ? 'C5 H11 N O2'    117.146 
# 
_exptl.absorpt_coefficient_mu     ? 
_exptl.absorpt_correction_T_max   ? 
_exptl.absorpt_correction_T_min   ? 
_exptl.absorpt_correction_type    ? 
_exptl.absorpt_process_details    ? 
_exptl.entry_id                   7JN8 
_exptl.crystals_number            1 
_exptl.details                    ? 
_exptl.method                     'X-RAY DIFFRACTION' 
_exptl.method_details             ? 
# 
_exptl_crystal.colour                      ? 
_exptl_crystal.density_diffrn              ? 
_exptl_crystal.density_Matthews            2.14 
_exptl_crystal.density_method              ? 
_exptl_crystal.density_percent_sol         42.40 
_exptl_crystal.description                 ? 
_exptl_crystal.F_000                       ? 
_exptl_crystal.id                          1 
_exptl_crystal.preparation                 ? 
_exptl_crystal.size_max                    ? 
_exptl_crystal.size_mid                    ? 
_exptl_crystal.size_min                    ? 
_exptl_crystal.size_rad                    ? 
_exptl_crystal.colour_lustre               ? 
_exptl_crystal.colour_modifier             ? 
_exptl_crystal.colour_primary              ? 
_exptl_crystal.density_meas                ? 
_exptl_crystal.density_meas_esd            ? 
_exptl_crystal.density_meas_gt             ? 
_exptl_crystal.density_meas_lt             ? 
_exptl_crystal.density_meas_temp           ? 
_exptl_crystal.density_meas_temp_esd       ? 
_exptl_crystal.density_meas_temp_gt        ? 
_exptl_crystal.density_meas_temp_lt        ? 
_exptl_crystal.pdbx_crystal_image_url      ? 
_exptl_crystal.pdbx_crystal_image_format   ? 
_exptl_crystal.pdbx_mosaicity              ? 
_exptl_crystal.pdbx_mosaicity_esd          ? 
# 
_exptl_crystal_grow.apparatus       ? 
_exptl_crystal_grow.atmosphere      ? 
_exptl_crystal_grow.crystal_id      1 
_exptl_crystal_grow.details         ? 
_exptl_crystal_grow.method          'VAPOR DIFFUSION, HANGING DROP' 
_exptl_crystal_grow.method_ref      ? 
_exptl_crystal_grow.pH              7.0 
_exptl_crystal_grow.pressure        ? 
_exptl_crystal_grow.pressure_esd    ? 
_exptl_crystal_grow.seeding         ? 
_exptl_crystal_grow.seeding_ref     ? 
_exptl_crystal_grow.temp            293 
_exptl_crystal_grow.temp_details    ? 
_exptl_crystal_grow.temp_esd        ? 
_exptl_crystal_grow.time            ? 
_exptl_crystal_grow.pdbx_details    '2.8 M (NH4)2SO4, 0.1 M K3PO4' 
_exptl_crystal_grow.pdbx_pH_range   ? 
# 
_diffrn.ambient_environment              ? 
_diffrn.ambient_temp                     100 
_diffrn.ambient_temp_details             '100 K throughout the collection' 
_diffrn.ambient_temp_esd                 ? 
_diffrn.crystal_id                       1 
_diffrn.crystal_support                  ? 
_diffrn.crystal_treatment                ? 
_diffrn.details                          ? 
_diffrn.id                               1 
_diffrn.ambient_pressure                 ? 
_diffrn.ambient_pressure_esd             ? 
_diffrn.ambient_pressure_gt              ? 
_diffrn.ambient_pressure_lt              ? 
_diffrn.ambient_temp_gt                  ? 
_diffrn.ambient_temp_lt                  ? 
_diffrn.pdbx_serial_crystal_experiment   N 
# 
_diffrn_detector.details                      'Rigaku VariMax HF' 
_diffrn_detector.detector                     PIXEL 
_diffrn_detector.diffrn_id                    1 
_diffrn_detector.type                         'DECTRIS PILATUS3 R 200K-A' 
_diffrn_detector.area_resol_mean              ? 
_diffrn_detector.dtime                        ? 
_diffrn_detector.pdbx_frames_total            ? 
_diffrn_detector.pdbx_collection_time_total   ? 
_diffrn_detector.pdbx_collection_date         2020-03-04 
_diffrn_detector.pdbx_frequency               ? 
# 
_diffrn_radiation.collimation                      ? 
_diffrn_radiation.diffrn_id                        1 
_diffrn_radiation.filter_edge                      ? 
_diffrn_radiation.inhomogeneity                    ? 
_diffrn_radiation.monochromator                    ? 
_diffrn_radiation.polarisn_norm                    ? 
_diffrn_radiation.polarisn_ratio                   ? 
_diffrn_radiation.probe                            ? 
_diffrn_radiation.type                             ? 
_diffrn_radiation.xray_symbol                      ? 
_diffrn_radiation.wavelength_id                    1 
_diffrn_radiation.pdbx_monochromatic_or_laue_m_l   M 
_diffrn_radiation.pdbx_wavelength_list             ? 
_diffrn_radiation.pdbx_wavelength                  ? 
_diffrn_radiation.pdbx_diffrn_protocol             'SINGLE WAVELENGTH' 
_diffrn_radiation.pdbx_analyzer                    ? 
_diffrn_radiation.pdbx_scattering_type             x-ray 
# 
_diffrn_radiation_wavelength.id           1 
_diffrn_radiation_wavelength.wavelength   1.5418 
_diffrn_radiation_wavelength.wt           1.0 
# 
_diffrn_source.current                     ? 
_diffrn_source.details                     ? 
_diffrn_source.diffrn_id                   1 
_diffrn_source.power                       ? 
_diffrn_source.size                        ? 
_diffrn_source.source                      'ROTATING ANODE' 
_diffrn_source.target                      ? 
_diffrn_source.type                        'RIGAKU MICROMAX-007 HF' 
_diffrn_source.voltage                     ? 
_diffrn_source.take-off_angle              ? 
_diffrn_source.pdbx_wavelength_list        1.5418 
_diffrn_source.pdbx_wavelength             ? 
_diffrn_source.pdbx_synchrotron_beamline   ? 
_diffrn_source.pdbx_synchrotron_site       ? 
# 
_reflns.B_iso_Wilson_estimate            ? 
_reflns.entry_id                         7JN8 
_reflns.data_reduction_details           ? 
_reflns.data_reduction_method            ? 
_reflns.d_resolution_high                3.0900 
_reflns.d_resolution_low                 50.000 
_reflns.details                          ? 
_reflns.limit_h_max                      ? 
_reflns.limit_h_min                      ? 
_reflns.limit_k_max                      ? 
_reflns.limit_k_min                      ? 
_reflns.limit_l_max                      ? 
_reflns.limit_l_min                      ? 
_reflns.number_all                       ? 
_reflns.number_obs                       3772 
_reflns.observed_criterion               ? 
_reflns.observed_criterion_F_max         ? 
_reflns.observed_criterion_F_min         ? 
_reflns.observed_criterion_I_max         ? 
_reflns.observed_criterion_I_min         ? 
_reflns.observed_criterion_sigma_F       ? 
_reflns.observed_criterion_sigma_I       ? 
_reflns.percent_possible_obs             90.800 
_reflns.R_free_details                   ? 
_reflns.Rmerge_F_all                     ? 
_reflns.Rmerge_F_obs                     ? 
_reflns.Friedel_coverage                 ? 
_reflns.number_gt                        ? 
_reflns.threshold_expression             ? 
_reflns.pdbx_redundancy                  2.400 
_reflns.pdbx_Rmerge_I_obs                0.151 
_reflns.pdbx_Rmerge_I_all                ? 
_reflns.pdbx_Rsym_value                  ? 
_reflns.pdbx_netI_over_av_sigmaI         ? 
_reflns.pdbx_netI_over_sigmaI            4.200 
_reflns.pdbx_res_netI_over_av_sigmaI_2   ? 
_reflns.pdbx_res_netI_over_sigmaI_2      ? 
_reflns.pdbx_chi_squared                 1.133 
_reflns.pdbx_scaling_rejects             ? 
_reflns.pdbx_d_res_high_opt              ? 
_reflns.pdbx_d_res_low_opt               ? 
_reflns.pdbx_d_res_opt_method            ? 
_reflns.phase_calculation_details        ? 
_reflns.pdbx_Rrim_I_all                  0.187 
_reflns.pdbx_Rpim_I_all                  0.107 
_reflns.pdbx_d_opt                       ? 
_reflns.pdbx_number_measured_all         ? 
_reflns.pdbx_diffrn_id                   1 
_reflns.pdbx_ordinal                     1 
_reflns.pdbx_CC_half                     ? 
_reflns.pdbx_CC_star                     ? 
_reflns.pdbx_R_split                     ? 
# 
loop_
_reflns_shell.d_res_high 
_reflns_shell.d_res_low 
_reflns_shell.meanI_over_sigI_all 
_reflns_shell.meanI_over_sigI_obs 
_reflns_shell.number_measured_all 
_reflns_shell.number_measured_obs 
_reflns_shell.number_possible 
_reflns_shell.number_unique_all 
_reflns_shell.number_unique_obs 
_reflns_shell.percent_possible_all 
_reflns_shell.percent_possible_obs 
_reflns_shell.Rmerge_F_all 
_reflns_shell.Rmerge_F_obs 
_reflns_shell.Rmerge_I_all 
_reflns_shell.Rmerge_I_obs 
_reflns_shell.meanI_over_sigI_gt 
_reflns_shell.meanI_over_uI_all 
_reflns_shell.meanI_over_uI_gt 
_reflns_shell.number_measured_gt 
_reflns_shell.number_unique_gt 
_reflns_shell.percent_possible_gt 
_reflns_shell.Rmerge_F_gt 
_reflns_shell.Rmerge_I_gt 
_reflns_shell.pdbx_redundancy 
_reflns_shell.pdbx_Rsym_value 
_reflns_shell.pdbx_chi_squared 
_reflns_shell.pdbx_netI_over_sigmaI_all 
_reflns_shell.pdbx_netI_over_sigmaI_obs 
_reflns_shell.pdbx_Rrim_I_all 
_reflns_shell.pdbx_Rpim_I_all 
_reflns_shell.pdbx_rejects 
_reflns_shell.pdbx_ordinal 
_reflns_shell.pdbx_diffrn_id 
_reflns_shell.pdbx_CC_half 
_reflns_shell.pdbx_CC_star 
_reflns_shell.pdbx_R_split 
3.120 3.170  ? ? ? ? ? ? 175 83.700 ? ? ? ? 0.372 ? ? ? ? ? ? ? ? 1.900 ? 0.691 ? ? 0.485 0.308 ? 1  1 0.905 ? ? 
3.170 3.230  ? ? ? ? ? ? 170 87.600 ? ? ? ? 0.295 ? ? ? ? ? ? ? ? 1.900 ? 0.662 ? ? 0.368 0.215 ? 2  1 0.887 ? ? 
3.230 3.290  ? ? ? ? ? ? 183 89.300 ? ? ? ? 0.340 ? ? ? ? ? ? ? ? 2.400 ? 0.888 ? ? 0.421 0.245 ? 3  1 0.889 ? ? 
3.290 3.360  ? ? ? ? ? ? 165 86.400 ? ? ? ? 0.288 ? ? ? ? ? ? ? ? 2.500 ? 0.692 ? ? 0.348 0.190 ? 4  1 0.921 ? ? 
3.360 3.430  ? ? ? ? ? ? 186 88.600 ? ? ? ? 0.247 ? ? ? ? ? ? ? ? 2.400 ? 0.817 ? ? 0.302 0.170 ? 5  1 0.897 ? ? 
3.430 3.510  ? ? ? ? ? ? 185 92.000 ? ? ? ? 0.214 ? ? ? ? ? ? ? ? 2.400 ? 0.758 ? ? 0.269 0.160 ? 6  1 0.967 ? ? 
3.510 3.600  ? ? ? ? ? ? 185 93.400 ? ? ? ? 0.242 ? ? ? ? ? ? ? ? 2.600 ? 0.928 ? ? 0.301 0.175 ? 7  1 0.840 ? ? 
3.600 3.700  ? ? ? ? ? ? 194 93.300 ? ? ? ? 0.246 ? ? ? ? ? ? ? ? 2.400 ? 0.624 ? ? 0.307 0.180 ? 8  1 0.867 ? ? 
3.700 3.810  ? ? ? ? ? ? 192 90.600 ? ? ? ? 0.182 ? ? ? ? ? ? ? ? 2.600 ? 0.822 ? ? 0.221 0.123 ? 9  1 0.934 ? ? 
3.810 3.930  ? ? ? ? ? ? 195 95.100 ? ? ? ? 0.190 ? ? ? ? ? ? ? ? 2.600 ? 1.186 ? ? 0.233 0.132 ? 10 1 0.942 ? ? 
3.930 4.070  ? ? ? ? ? ? 175 90.700 ? ? ? ? 0.186 ? ? ? ? ? ? ? ? 2.600 ? 1.042 ? ? 0.229 0.131 ? 11 1 0.927 ? ? 
4.070 4.230  ? ? ? ? ? ? 203 95.300 ? ? ? ? 0.166 ? ? ? ? ? ? ? ? 2.700 ? 1.234 ? ? 0.203 0.113 ? 12 1 0.950 ? ? 
4.230 4.430  ? ? ? ? ? ? 191 97.400 ? ? ? ? 0.130 ? ? ? ? ? ? ? ? 2.500 ? 0.988 ? ? 0.159 0.091 ? 13 1 0.937 ? ? 
4.430 4.660  ? ? ? ? ? ? 195 92.900 ? ? ? ? 0.113 ? ? ? ? ? ? ? ? 2.500 ? 1.354 ? ? 0.139 0.078 ? 14 1 0.964 ? ? 
4.660 4.950  ? ? ? ? ? ? 194 92.400 ? ? ? ? 0.102 ? ? ? ? ? ? ? ? 2.500 ? 0.915 ? ? 0.127 0.074 ? 15 1 0.972 ? ? 
4.950 5.330  ? ? ? ? ? ? 193 91.500 ? ? ? ? 0.110 ? ? ? ? ? ? ? ? 2.500 ? 1.082 ? ? 0.136 0.077 ? 16 1 0.968 ? ? 
5.330 5.870  ? ? ? ? ? ? 188 90.000 ? ? ? ? 0.125 ? ? ? ? ? ? ? ? 2.400 ? 0.857 ? ? 0.156 0.090 ? 17 1 0.956 ? ? 
5.870 6.720  ? ? ? ? ? ? 194 91.100 ? ? ? ? 0.105 ? ? ? ? ? ? ? ? 2.400 ? 0.754 ? ? 0.131 0.076 ? 18 1 0.986 ? ? 
6.720 8.460  ? ? ? ? ? ? 200 90.900 ? ? ? ? 0.114 ? ? ? ? ? ? ? ? 2.500 ? 1.595 ? ? 0.139 0.077 ? 19 1 0.978 ? ? 
8.460 50.000 ? ? ? ? ? ? 209 84.600 ? ? ? ? 0.084 ? ? ? ? ? ? ? ? 2.100 ? 5.019 ? ? 0.106 0.063 ? 20 1 0.994 ? ? 
# 
_refine.aniso_B[1][1]                            -0.3700 
_refine.aniso_B[1][2]                            0.0000 
_refine.aniso_B[1][3]                            0.0000 
_refine.aniso_B[2][2]                            0.2900 
_refine.aniso_B[2][3]                            0.0000 
_refine.aniso_B[3][3]                            0.0800 
_refine.B_iso_max                                105.910 
_refine.B_iso_mean                               43.3260 
_refine.B_iso_min                                18.960 
_refine.correlation_coeff_Fo_to_Fc               0.9420 
_refine.correlation_coeff_Fo_to_Fc_free          0.7940 
_refine.details                                  
'HYDROGENS HAVE BEEN ADDED IN THE RIDING POSITIONS U VALUES      : REFINED INDIVIDUALLY' 
_refine.diff_density_max                         ? 
_refine.diff_density_max_esd                     ? 
_refine.diff_density_min                         ? 
_refine.diff_density_min_esd                     ? 
_refine.diff_density_rms                         ? 
_refine.diff_density_rms_esd                     ? 
_refine.entry_id                                 7JN8 
_refine.pdbx_refine_id                           'X-RAY DIFFRACTION' 
_refine.ls_abs_structure_details                 ? 
_refine.ls_abs_structure_Flack                   ? 
_refine.ls_abs_structure_Flack_esd               ? 
_refine.ls_abs_structure_Rogers                  ? 
_refine.ls_abs_structure_Rogers_esd              ? 
_refine.ls_d_res_high                            3.0900 
_refine.ls_d_res_low                             30.7400 
_refine.ls_extinction_coef                       ? 
_refine.ls_extinction_coef_esd                   ? 
_refine.ls_extinction_expression                 ? 
_refine.ls_extinction_method                     ? 
_refine.ls_goodness_of_fit_all                   ? 
_refine.ls_goodness_of_fit_all_esd               ? 
_refine.ls_goodness_of_fit_obs                   ? 
_refine.ls_goodness_of_fit_obs_esd               ? 
_refine.ls_hydrogen_treatment                    ? 
_refine.ls_matrix_type                           ? 
_refine.ls_number_constraints                    ? 
_refine.ls_number_parameters                     ? 
_refine.ls_number_reflns_all                     ? 
_refine.ls_number_reflns_obs                     3574 
_refine.ls_number_reflns_R_free                  198 
_refine.ls_number_reflns_R_work                  ? 
_refine.ls_number_restraints                     ? 
_refine.ls_percent_reflns_obs                    90.1300 
_refine.ls_percent_reflns_R_free                 5.2000 
_refine.ls_R_factor_all                          ? 
_refine.ls_R_factor_obs                          0.1845 
_refine.ls_R_factor_R_free                       0.3186 
_refine.ls_R_factor_R_free_error                 ? 
_refine.ls_R_factor_R_free_error_details         ? 
_refine.ls_R_factor_R_work                       0.1776 
_refine.ls_R_Fsqd_factor_obs                     ? 
_refine.ls_R_I_factor_obs                        ? 
_refine.ls_redundancy_reflns_all                 ? 
_refine.ls_redundancy_reflns_obs                 ? 
_refine.ls_restrained_S_all                      ? 
_refine.ls_restrained_S_obs                      ? 
_refine.ls_shift_over_esd_max                    ? 
_refine.ls_shift_over_esd_mean                   ? 
_refine.ls_structure_factor_coef                 ? 
_refine.ls_weighting_details                     ? 
_refine.ls_weighting_scheme                      ? 
_refine.ls_wR_factor_all                         ? 
_refine.ls_wR_factor_obs                         ? 
_refine.ls_wR_factor_R_free                      ? 
_refine.ls_wR_factor_R_work                      ? 
_refine.occupancy_max                            ? 
_refine.occupancy_min                            ? 
_refine.solvent_model_details                    MASK 
_refine.solvent_model_param_bsol                 ? 
_refine.solvent_model_param_ksol                 ? 
_refine.pdbx_R_complete                          ? 
_refine.ls_R_factor_gt                           ? 
_refine.ls_goodness_of_fit_gt                    ? 
_refine.ls_goodness_of_fit_ref                   ? 
_refine.ls_shift_over_su_max                     ? 
_refine.ls_shift_over_su_max_lt                  ? 
_refine.ls_shift_over_su_mean                    ? 
_refine.ls_shift_over_su_mean_lt                 ? 
_refine.pdbx_ls_sigma_I                          ? 
_refine.pdbx_ls_sigma_F                          0.000 
_refine.pdbx_ls_sigma_Fsqd                       ? 
_refine.pdbx_data_cutoff_high_absF               ? 
_refine.pdbx_data_cutoff_high_rms_absF           ? 
_refine.pdbx_data_cutoff_low_absF                ? 
_refine.pdbx_isotropic_thermal_model             ? 
_refine.pdbx_ls_cross_valid_method               THROUGHOUT 
_refine.pdbx_method_to_determine_struct          'MOLECULAR REPLACEMENT' 
_refine.pdbx_starting_model                      1DKZ 
_refine.pdbx_stereochemistry_target_values       'MAXIMUM LIKELIHOOD' 
_refine.pdbx_R_Free_selection_details            RANDOM 
_refine.pdbx_stereochem_target_val_spec_case     ? 
_refine.pdbx_overall_ESU_R                       ? 
_refine.pdbx_overall_ESU_R_Free                  0.6990 
_refine.pdbx_solvent_vdw_probe_radii             1.2000 
_refine.pdbx_solvent_ion_probe_radii             0.8000 
_refine.pdbx_solvent_shrinkage_radii             0.8000 
_refine.pdbx_real_space_R                        ? 
_refine.pdbx_density_correlation                 ? 
_refine.pdbx_pd_number_of_powder_patterns        ? 
_refine.pdbx_pd_number_of_points                 ? 
_refine.pdbx_pd_meas_number_of_points            ? 
_refine.pdbx_pd_proc_ls_prof_R_factor            ? 
_refine.pdbx_pd_proc_ls_prof_wR_factor           ? 
_refine.pdbx_pd_Marquardt_correlation_coeff      ? 
_refine.pdbx_pd_Fsqrd_R_factor                   ? 
_refine.pdbx_pd_ls_matrix_band_width             ? 
_refine.pdbx_overall_phase_error                 ? 
_refine.pdbx_overall_SU_R_free_Cruickshank_DPI   ? 
_refine.pdbx_overall_SU_R_free_Blow_DPI          ? 
_refine.pdbx_overall_SU_R_Blow_DPI               ? 
_refine.pdbx_TLS_residual_ADP_flag               ? 
_refine.pdbx_diffrn_id                           1 
_refine.overall_SU_B                             27.7170 
_refine.overall_SU_ML                            0.4840 
_refine.overall_SU_R_Cruickshank_DPI             ? 
_refine.overall_SU_R_free                        ? 
_refine.overall_FOM_free_R_set                   ? 
_refine.overall_FOM_work_R_set                   ? 
_refine.pdbx_average_fsc_overall                 ? 
_refine.pdbx_average_fsc_work                    ? 
_refine.pdbx_average_fsc_free                    ? 
# 
_refine_hist.pdbx_refine_id                   'X-RAY DIFFRACTION' 
_refine_hist.cycle_id                         final 
_refine_hist.details                          ? 
_refine_hist.d_res_high                       3.0900 
_refine_hist.d_res_low                        30.7400 
_refine_hist.number_atoms_solvent             4 
_refine_hist.number_atoms_total               1620 
_refine_hist.number_reflns_all                ? 
_refine_hist.number_reflns_obs                ? 
_refine_hist.number_reflns_R_free             ? 
_refine_hist.number_reflns_R_work             ? 
_refine_hist.R_factor_all                     ? 
_refine_hist.R_factor_obs                     ? 
_refine_hist.R_factor_R_free                  ? 
_refine_hist.R_factor_R_work                  ? 
_refine_hist.pdbx_number_residues_total       219 
_refine_hist.pdbx_B_iso_mean_ligand           101.12 
_refine_hist.pdbx_B_iso_mean_solvent          28.43 
_refine_hist.pdbx_number_atoms_protein        1606 
_refine_hist.pdbx_number_atoms_nucleic_acid   0 
_refine_hist.pdbx_number_atoms_ligand         10 
_refine_hist.pdbx_number_atoms_lipid          ? 
_refine_hist.pdbx_number_atoms_carb           ? 
_refine_hist.pdbx_pseudo_atom_details         ? 
# 
loop_
_refine_ls_restr.pdbx_refine_id 
_refine_ls_restr.criterion 
_refine_ls_restr.dev_ideal 
_refine_ls_restr.dev_ideal_target 
_refine_ls_restr.number 
_refine_ls_restr.rejects 
_refine_ls_restr.type 
_refine_ls_restr.weight 
_refine_ls_restr.pdbx_restraint_function 
'X-RAY DIFFRACTION' ? 0.006  0.013  1626 ? r_bond_refined_d       ? ? 
'X-RAY DIFFRACTION' ? 0.001  0.017  1506 ? r_bond_other_d         ? ? 
'X-RAY DIFFRACTION' ? 1.451  1.638  2198 ? r_angle_refined_deg    ? ? 
'X-RAY DIFFRACTION' ? 1.189  1.580  3504 ? r_angle_other_deg      ? ? 
'X-RAY DIFFRACTION' ? 6.881  5.000  217  ? r_dihedral_angle_1_deg ? ? 
'X-RAY DIFFRACTION' ? 40.743 25.915 71   ? r_dihedral_angle_2_deg ? ? 
'X-RAY DIFFRACTION' ? 19.030 15.000 286  ? r_dihedral_angle_3_deg ? ? 
'X-RAY DIFFRACTION' ? 17.727 15.000 5    ? r_dihedral_angle_4_deg ? ? 
'X-RAY DIFFRACTION' ? 0.048  0.200  236  ? r_chiral_restr         ? ? 
'X-RAY DIFFRACTION' ? 0.005  0.020  1821 ? r_gen_planes_refined   ? ? 
'X-RAY DIFFRACTION' ? 0.001  0.020  266  ? r_gen_planes_other     ? ? 
# 
_refine_ls_shell.pdbx_refine_id                   'X-RAY DIFFRACTION' 
_refine_ls_shell.d_res_high                       3.0920 
_refine_ls_shell.d_res_low                        3.1720 
_refine_ls_shell.number_reflns_all                238 
_refine_ls_shell.number_reflns_obs                ? 
_refine_ls_shell.number_reflns_R_free             12 
_refine_ls_shell.number_reflns_R_work             226 
_refine_ls_shell.percent_reflns_obs               76.7700 
_refine_ls_shell.percent_reflns_R_free            ? 
_refine_ls_shell.R_factor_all                     ? 
_refine_ls_shell.R_factor_obs                     ? 
_refine_ls_shell.R_factor_R_free                  0.4370 
_refine_ls_shell.R_factor_R_free_error            0.0000 
_refine_ls_shell.R_factor_R_work                  0.2630 
_refine_ls_shell.redundancy_reflns_all            ? 
_refine_ls_shell.redundancy_reflns_obs            ? 
_refine_ls_shell.wR_factor_all                    ? 
_refine_ls_shell.wR_factor_obs                    ? 
_refine_ls_shell.wR_factor_R_free                 ? 
_refine_ls_shell.wR_factor_R_work                 ? 
_refine_ls_shell.pdbx_R_complete                  ? 
_refine_ls_shell.pdbx_total_number_of_bins_used   20 
_refine_ls_shell.pdbx_phase_error                 ? 
_refine_ls_shell.pdbx_fsc_work                    ? 
_refine_ls_shell.pdbx_fsc_free                    ? 
# 
_struct.entry_id                     7JN8 
_struct.title                        
'Crystal structure of the substrate-binding domain of E. coli DnaK in complex with the peptide RGNTLVIVSR' 
_struct.pdbx_model_details           ? 
_struct.pdbx_formula_weight          ? 
_struct.pdbx_formula_weight_method   ? 
_struct.pdbx_model_type_details      ? 
_struct.pdbx_CASP_flag               N 
# 
_struct_keywords.entry_id        7JN8 
_struct_keywords.text            'Complex, Molecular chaperone, Protein/Peptide, CHAPERONE' 
_struct_keywords.pdbx_keywords   CHAPERONE 
# 
loop_
_struct_asym.id 
_struct_asym.pdbx_blank_PDB_chainid_flag 
_struct_asym.pdbx_modified 
_struct_asym.entity_id 
_struct_asym.details 
A N N 1 ? 
B N N 2 ? 
C N N 3 ? 
D N N 3 ? 
E N N 4 ? 
# 
loop_
_struct_conf.conf_type_id 
_struct_conf.id 
_struct_conf.pdbx_PDB_helix_id 
_struct_conf.beg_label_comp_id 
_struct_conf.beg_label_asym_id 
_struct_conf.beg_label_seq_id 
_struct_conf.pdbx_beg_PDB_ins_code 
_struct_conf.end_label_comp_id 
_struct_conf.end_label_asym_id 
_struct_conf.end_label_seq_id 
_struct_conf.pdbx_end_PDB_ins_code 
_struct_conf.beg_auth_comp_id 
_struct_conf.beg_auth_asym_id 
_struct_conf.beg_auth_seq_id 
_struct_conf.end_auth_comp_id 
_struct_conf.end_auth_asym_id 
_struct_conf.end_auth_seq_id 
_struct_conf.pdbx_PDB_helix_class 
_struct_conf.details 
_struct_conf.pdbx_PDB_helix_length 
HELX_P HELX_P1 AA1 ASN A 120 ? ASN A 134 ? ASN A 508 ASN A 522 1 ? 15 
HELX_P HELX_P2 AA2 ASN A 134 ? GLY A 166 ? ASN A 522 GLY A 554 1 ? 33 
HELX_P HELX_P3 AA3 ASP A 167 ? LEU A 169 ? ASP A 555 LEU A 557 5 ? 3  
HELX_P HELX_P4 AA4 PRO A 170 ? GLY A 190 ? PRO A 558 GLY A 578 1 ? 21 
HELX_P HELX_P5 AA5 ASP A 192 ? SER A 207 ? ASP A 580 SER A 595 1 ? 16 
HELX_P HELX_P6 AA6 SER A 207 ? GLN A 215 ? SER A 595 GLN A 603 1 ? 9  
# 
_struct_conf_type.id          HELX_P 
_struct_conf_type.criteria    ? 
_struct_conf_type.reference   ? 
# 
_struct_mon_prot_cis.pdbx_id                1 
_struct_mon_prot_cis.label_comp_id          ILE 
_struct_mon_prot_cis.label_seq_id           30 
_struct_mon_prot_cis.label_asym_id          A 
_struct_mon_prot_cis.label_alt_id           . 
_struct_mon_prot_cis.pdbx_PDB_ins_code      ? 
_struct_mon_prot_cis.auth_comp_id           ILE 
_struct_mon_prot_cis.auth_seq_id            418 
_struct_mon_prot_cis.auth_asym_id           A 
_struct_mon_prot_cis.pdbx_label_comp_id_2   PRO 
_struct_mon_prot_cis.pdbx_label_seq_id_2    31 
_struct_mon_prot_cis.pdbx_label_asym_id_2   A 
_struct_mon_prot_cis.pdbx_PDB_ins_code_2    ? 
_struct_mon_prot_cis.pdbx_auth_comp_id_2    PRO 
_struct_mon_prot_cis.pdbx_auth_seq_id_2     419 
_struct_mon_prot_cis.pdbx_auth_asym_id_2    A 
_struct_mon_prot_cis.pdbx_PDB_model_num     1 
_struct_mon_prot_cis.pdbx_omega_angle       0.09 
# 
loop_
_struct_sheet.id 
_struct_sheet.type 
_struct_sheet.number_strands 
_struct_sheet.details 
AA1 ? 4 ? 
AA2 ? 5 ? 
# 
loop_
_struct_sheet_order.sheet_id 
_struct_sheet_order.range_id_1 
_struct_sheet_order.range_id_2 
_struct_sheet_order.offset 
_struct_sheet_order.sense 
AA1 1 2 ? anti-parallel 
AA1 2 3 ? anti-parallel 
AA1 3 4 ? anti-parallel 
AA2 1 2 ? anti-parallel 
AA2 2 3 ? anti-parallel 
AA2 3 4 ? anti-parallel 
AA2 4 5 ? anti-parallel 
# 
loop_
_struct_sheet_range.sheet_id 
_struct_sheet_range.id 
_struct_sheet_range.beg_label_comp_id 
_struct_sheet_range.beg_label_asym_id 
_struct_sheet_range.beg_label_seq_id 
_struct_sheet_range.pdbx_beg_PDB_ins_code 
_struct_sheet_range.end_label_comp_id 
_struct_sheet_range.end_label_asym_id 
_struct_sheet_range.end_label_seq_id 
_struct_sheet_range.pdbx_end_PDB_ins_code 
_struct_sheet_range.beg_auth_comp_id 
_struct_sheet_range.beg_auth_asym_id 
_struct_sheet_range.beg_auth_seq_id 
_struct_sheet_range.end_auth_comp_id 
_struct_sheet_range.end_auth_asym_id 
_struct_sheet_range.end_auth_seq_id 
AA1 1 VAL A 19  ? ILE A 24  ? VAL A 407 ILE A 412 
AA1 2 LEU A 11  ? THR A 15  ? LEU A 399 THR A 403 
AA1 3 VAL A 48  ? GLN A 54  ? VAL A 436 GLN A 442 
AA1 4 LYS A 64  ? LEU A 71  ? LYS A 452 LEU A 459 
AA2 1 GLN A 109 ? ILE A 113 ? GLN A 497 ILE A 501 
AA2 2 LEU A 96  ? ASP A 102 ? LEU A 484 ASP A 490 
AA2 3 ILE A 84  ? ILE A 90  ? ILE A 472 ILE A 478 
AA2 4 THR A 32  ? THR A 40  ? THR A 420 THR A 428 
AA2 5 LEU B 5   ? VAL B 6   ? LEU B 364 VAL B 365 
# 
loop_
_pdbx_struct_sheet_hbond.sheet_id 
_pdbx_struct_sheet_hbond.range_id_1 
_pdbx_struct_sheet_hbond.range_id_2 
_pdbx_struct_sheet_hbond.range_1_label_atom_id 
_pdbx_struct_sheet_hbond.range_1_label_comp_id 
_pdbx_struct_sheet_hbond.range_1_label_asym_id 
_pdbx_struct_sheet_hbond.range_1_label_seq_id 
_pdbx_struct_sheet_hbond.range_1_PDB_ins_code 
_pdbx_struct_sheet_hbond.range_1_auth_atom_id 
_pdbx_struct_sheet_hbond.range_1_auth_comp_id 
_pdbx_struct_sheet_hbond.range_1_auth_asym_id 
_pdbx_struct_sheet_hbond.range_1_auth_seq_id 
_pdbx_struct_sheet_hbond.range_2_label_atom_id 
_pdbx_struct_sheet_hbond.range_2_label_comp_id 
_pdbx_struct_sheet_hbond.range_2_label_asym_id 
_pdbx_struct_sheet_hbond.range_2_label_seq_id 
_pdbx_struct_sheet_hbond.range_2_PDB_ins_code 
_pdbx_struct_sheet_hbond.range_2_auth_atom_id 
_pdbx_struct_sheet_hbond.range_2_auth_comp_id 
_pdbx_struct_sheet_hbond.range_2_auth_asym_id 
_pdbx_struct_sheet_hbond.range_2_auth_seq_id 
AA1 1 2 O LEU A 23  ? O LEU A 411 N LEU A 11 ? N LEU A 399 
AA1 2 3 N GLY A 12  ? N GLY A 400 O LEU A 53 ? O LEU A 441 
AA1 3 4 N ILE A 50  ? N ILE A 438 O PHE A 69 ? O PHE A 457 
AA2 1 2 O ILE A 113 ? O ILE A 501 N LEU A 96 ? N LEU A 484 
AA2 2 3 O HIS A 97  ? O HIS A 485 N ASP A 89 ? N ASP A 477 
AA2 3 4 O ILE A 90  ? O ILE A 478 N THR A 32 ? N THR A 420 
AA2 4 5 N SER A 39  ? N SER A 427 O VAL B 6  ? O VAL B 365 
# 
loop_
_struct_site.id 
_struct_site.pdbx_evidence_code 
_struct_site.pdbx_auth_asym_id 
_struct_site.pdbx_auth_comp_id 
_struct_site.pdbx_auth_seq_id 
_struct_site.pdbx_auth_ins_code 
_struct_site.pdbx_num_residues 
_struct_site.details 
AC1 Software A SO4 701 ? 3 'binding site for residue SO4 A 701' 
AC2 Software A SO4 702 ? 2 'binding site for residue SO4 A 702' 
# 
loop_
_struct_site_gen.id 
_struct_site_gen.site_id 
_struct_site_gen.pdbx_num_res 
_struct_site_gen.label_comp_id 
_struct_site_gen.label_asym_id 
_struct_site_gen.label_seq_id 
_struct_site_gen.pdbx_auth_ins_code 
_struct_site_gen.auth_comp_id 
_struct_site_gen.auth_asym_id 
_struct_site_gen.auth_seq_id 
_struct_site_gen.label_atom_id 
_struct_site_gen.label_alt_id 
_struct_site_gen.symmetry 
_struct_site_gen.details 
1 AC1 3 ARG A 79  ? ARG A 467 . ? 1_555 ? 
2 AC1 3 HIS A 153 ? HIS A 541 . ? 1_555 ? 
3 AC1 3 HIS A 156 ? HIS A 544 . ? 1_555 ? 
4 AC2 2 LYS A 64  ? LYS A 452 . ? 1_555 ? 
5 AC2 2 GLY A 118 ? GLY A 506 . ? 1_555 ? 
# 
_atom_sites.entry_id                    7JN8 
_atom_sites.Cartn_transf_matrix[1][1]   ? 
_atom_sites.Cartn_transf_matrix[1][2]   ? 
_atom_sites.Cartn_transf_matrix[1][3]   ? 
_atom_sites.Cartn_transf_matrix[2][1]   ? 
_atom_sites.Cartn_transf_matrix[2][2]   ? 
_atom_sites.Cartn_transf_matrix[2][3]   ? 
_atom_sites.Cartn_transf_matrix[3][1]   ? 
_atom_sites.Cartn_transf_matrix[3][2]   ? 
_atom_sites.Cartn_transf_matrix[3][3]   ? 
_atom_sites.Cartn_transf_vector[1]      ? 
_atom_sites.Cartn_transf_vector[2]      ? 
_atom_sites.Cartn_transf_vector[3]      ? 
_atom_sites.fract_transf_matrix[1][1]   0.00961635 
_atom_sites.fract_transf_matrix[1][2]   0.02268807 
_atom_sites.fract_transf_matrix[1][3]   -0.00928745 
_atom_sites.fract_transf_matrix[2][1]   0.00971902 
_atom_sites.fract_transf_matrix[2][2]   -0.00384768 
_atom_sites.fract_transf_matrix[2][3]   0.00066382 
_atom_sites.fract_transf_matrix[3][1]   -0.00063794 
_atom_sites.fract_transf_matrix[3][2]   -0.00298226 
_atom_sites.fract_transf_matrix[3][3]   -0.00794583 
_atom_sites.fract_transf_vector[1]      0.188621 
_atom_sites.fract_transf_vector[2]      0.056805 
_atom_sites.fract_transf_vector[3]      0.223050 
_atom_sites.solution_primary            ? 
_atom_sites.solution_secondary          ? 
_atom_sites.solution_hydrogens          ? 
_atom_sites.special_details             ? 
# 
loop_
_atom_type.symbol 
C 
N 
O 
S 
# 
loop_
_atom_site.group_PDB 
_atom_site.id 
_atom_site.type_symbol 
_atom_site.label_atom_id 
_atom_site.label_alt_id 
_atom_site.label_comp_id 
_atom_site.label_asym_id 
_atom_site.label_entity_id 
_atom_site.label_seq_id 
_atom_site.pdbx_PDB_ins_code 
_atom_site.Cartn_x 
_atom_site.Cartn_y 
_atom_site.Cartn_z 
_atom_site.occupancy 
_atom_site.B_iso_or_equiv 
_atom_site.pdbx_formal_charge 
_atom_site.auth_seq_id 
_atom_site.auth_comp_id 
_atom_site.auth_asym_id 
_atom_site.auth_atom_id 
_atom_site.pdbx_PDB_model_num 
ATOM   1    N N   . VAL A 1 1   ? 9.597   -8.632  34.216  1.00 32.58  ? 389 VAL A N   1 
ATOM   2    C CA  . VAL A 1 1   ? 8.678   -8.827  35.364  1.00 35.87  ? 389 VAL A CA  1 
ATOM   3    C C   . VAL A 1 1   ? 8.553   -7.545  36.218  1.00 39.00  ? 389 VAL A C   1 
ATOM   4    O O   . VAL A 1 1   ? 7.561   -7.435  36.970  1.00 42.50  ? 389 VAL A O   1 
ATOM   5    C CB  . VAL A 1 1   ? 9.082   -10.065 36.191  1.00 34.44  ? 389 VAL A CB  1 
ATOM   6    N N   . LEU A 1 2   ? 9.531   -6.640  36.087  1.00 40.13  ? 390 LEU A N   1 
ATOM   7    C CA  . LEU A 1 2   ? 9.606   -5.324  36.779  1.00 42.59  ? 390 LEU A CA  1 
ATOM   8    C C   . LEU A 1 2   ? 9.750   -4.224  35.721  1.00 43.68  ? 390 LEU A C   1 
ATOM   9    O O   . LEU A 1 2   ? 9.171   -3.165  35.917  1.00 42.79  ? 390 LEU A O   1 
ATOM   10   C CB  . LEU A 1 2   ? 10.785  -5.318  37.752  1.00 30.00  ? 390 LEU A CB  1 
ATOM   11   C CG  . LEU A 1 2   ? 10.503  -4.727  39.133  1.00 30.00  ? 390 LEU A CG  1 
ATOM   12   C CD1 . LEU A 1 2   ? 9.355   -5.443  39.793  1.00 30.00  ? 390 LEU A CD1 1 
ATOM   13   C CD2 . LEU A 1 2   ? 11.719  -4.809  40.026  1.00 30.00  ? 390 LEU A CD2 1 
ATOM   14   N N   . LEU A 1 3   ? 10.582  -4.469  34.708  1.00 47.39  ? 391 LEU A N   1 
ATOM   15   C CA  . LEU A 1 3   ? 10.782  -3.687  33.454  1.00 47.78  ? 391 LEU A CA  1 
ATOM   16   C C   . LEU A 1 3   ? 10.036  -4.423  32.331  1.00 49.56  ? 391 LEU A C   1 
ATOM   17   O O   . LEU A 1 3   ? 9.422   -5.468  32.601  1.00 44.08  ? 391 LEU A O   1 
ATOM   18   C CB  . LEU A 1 3   ? 12.266  -3.500  33.108  1.00 46.60  ? 391 LEU A CB  1 
ATOM   19   N N   . LEU A 1 4   ? 10.096  -3.878  31.114  1.00 59.30  ? 392 LEU A N   1 
ATOM   20   C CA  . LEU A 1 4   ? 9.556   -4.474  29.855  1.00 63.06  ? 392 LEU A CA  1 
ATOM   21   C C   . LEU A 1 4   ? 10.120  -3.703  28.657  1.00 64.82  ? 392 LEU A C   1 
ATOM   22   O O   . LEU A 1 4   ? 9.601   -2.608  28.399  1.00 72.39  ? 392 LEU A O   1 
ATOM   23   C CB  . LEU A 1 4   ? 8.022   -4.373  29.836  1.00 63.20  ? 392 LEU A CB  1 
ATOM   24   C CG  . LEU A 1 4   ? 7.219   -5.620  30.214  1.00 64.97  ? 392 LEU A CG  1 
ATOM   25   C CD1 . LEU A 1 4   ? 5.813   -5.527  29.636  1.00 60.91  ? 392 LEU A CD1 1 
ATOM   26   C CD2 . LEU A 1 4   ? 7.894   -6.906  29.747  1.00 66.45  ? 392 LEU A CD2 1 
ATOM   27   N N   . ASP A 1 5   ? 11.132  -4.229  27.958  1.00 63.52  ? 393 ASP A N   1 
ATOM   28   C CA  . ASP A 1 5   ? 11.548  -3.691  26.634  1.00 60.79  ? 393 ASP A CA  1 
ATOM   29   C C   . ASP A 1 5   ? 10.323  -3.722  25.713  1.00 56.33  ? 393 ASP A C   1 
ATOM   30   O O   . ASP A 1 5   ? 9.779   -4.821  25.507  1.00 57.10  ? 393 ASP A O   1 
ATOM   31   C CB  . ASP A 1 5   ? 12.703  -4.481  26.019  1.00 61.00  ? 393 ASP A CB  1 
ATOM   32   C CG  . ASP A 1 5   ? 14.058  -3.849  26.260  1.00 66.54  ? 393 ASP A CG  1 
ATOM   33   O OD1 . ASP A 1 5   ? 14.363  -2.833  25.577  1.00 67.00  ? 393 ASP A OD1 1 
ATOM   34   O OD2 . ASP A 1 5   ? 14.788  -4.369  27.133  1.00 69.96  ? 393 ASP A OD2 1 
ATOM   35   N N   . VAL A 1 6   ? 9.876   -2.560  25.225  1.00 51.33  ? 394 VAL A N   1 
ATOM   36   C CA  . VAL A 1 6   ? 8.703   -2.454  24.308  1.00 51.72  ? 394 VAL A CA  1 
ATOM   37   C C   . VAL A 1 6   ? 9.031   -1.530  23.134  1.00 51.61  ? 394 VAL A C   1 
ATOM   38   O O   . VAL A 1 6   ? 10.044  -0.806  23.186  1.00 53.60  ? 394 VAL A O   1 
ATOM   39   C CB  . VAL A 1 6   ? 7.431   -1.977  25.031  1.00 51.37  ? 394 VAL A CB  1 
ATOM   40   C CG1 . VAL A 1 6   ? 7.069   -2.892  26.188  1.00 51.95  ? 394 VAL A CG1 1 
ATOM   41   C CG2 . VAL A 1 6   ? 7.537   -0.530  25.490  1.00 50.79  ? 394 VAL A CG2 1 
ATOM   42   N N   . THR A 1 7   ? 8.185   -1.575  22.108  1.00 48.36  ? 395 THR A N   1 
ATOM   43   C CA  . THR A 1 7   ? 8.206   -0.639  20.965  1.00 46.91  ? 395 THR A CA  1 
ATOM   44   C C   . THR A 1 7   ? 7.435   0.596   21.394  1.00 45.06  ? 395 THR A C   1 
ATOM   45   O O   . THR A 1 7   ? 6.270   0.473   21.738  1.00 48.54  ? 395 THR A O   1 
ATOM   46   C CB  . THR A 1 7   ? 7.549   -1.261  19.735  1.00 46.69  ? 395 THR A CB  1 
ATOM   47   O OG1 . THR A 1 7   ? 6.176   -1.434  20.087  1.00 46.22  ? 395 THR A OG1 1 
ATOM   48   C CG2 . THR A 1 7   ? 8.188   -2.573  19.342  1.00 46.10  ? 395 THR A CG2 1 
ATOM   49   N N   . PRO A 1 8   ? 8.057   1.791   21.437  1.00 43.11  ? 396 PRO A N   1 
ATOM   50   C CA  . PRO A 1 8   ? 7.326   3.028   21.707  1.00 42.76  ? 396 PRO A CA  1 
ATOM   51   C C   . PRO A 1 8   ? 6.445   3.470   20.532  1.00 42.40  ? 396 PRO A C   1 
ATOM   52   O O   . PRO A 1 8   ? 5.513   4.211   20.769  1.00 41.16  ? 396 PRO A O   1 
ATOM   53   C CB  . PRO A 1 8   ? 8.443   4.052   21.914  1.00 43.05  ? 396 PRO A CB  1 
ATOM   54   C CG  . PRO A 1 8   ? 9.567   3.522   21.065  1.00 43.82  ? 396 PRO A CG  1 
ATOM   55   C CD  . PRO A 1 8   ? 9.492   2.022   21.243  1.00 44.22  ? 396 PRO A CD  1 
ATOM   56   N N   . LEU A 1 9   ? 6.774   3.030   19.310  1.00 41.82  ? 397 LEU A N   1 
ATOM   57   C CA  . LEU A 1 9   ? 6.056   3.428   18.069  1.00 42.27  ? 397 LEU A CA  1 
ATOM   58   C C   . LEU A 1 9   ? 5.857   2.231   17.118  1.00 41.83  ? 397 LEU A C   1 
ATOM   59   O O   . LEU A 1 9   ? 6.630   1.238   17.172  1.00 43.00  ? 397 LEU A O   1 
ATOM   60   C CB  . LEU A 1 9   ? 6.833   4.562   17.391  1.00 43.23  ? 397 LEU A CB  1 
ATOM   61   C CG  . LEU A 1 9   ? 6.814   5.909   18.119  1.00 44.54  ? 397 LEU A CG  1 
ATOM   62   C CD1 . LEU A 1 9   ? 7.818   6.877   17.509  1.00 43.11  ? 397 LEU A CD1 1 
ATOM   63   C CD2 . LEU A 1 9   ? 5.424   6.523   18.100  1.00 44.49  ? 397 LEU A CD2 1 
ATOM   64   N N   . SER A 1 10  ? 4.818   2.327   16.287  1.00 38.71  ? 398 SER A N   1 
ATOM   65   C CA  . SER A 1 10  ? 4.437   1.330   15.261  1.00 36.62  ? 398 SER A CA  1 
ATOM   66   C C   . SER A 1 10  ? 5.557   1.259   14.221  1.00 36.18  ? 398 SER A C   1 
ATOM   67   O O   . SER A 1 10  ? 6.127   2.318   13.894  1.00 36.38  ? 398 SER A O   1 
ATOM   68   C CB  . SER A 1 10  ? 3.104   1.683   14.639  1.00 35.92  ? 398 SER A CB  1 
ATOM   69   O OG  . SER A 1 10  ? 2.045   1.521   15.569  1.00 34.55  ? 398 SER A OG  1 
ATOM   70   N N   . LEU A 1 11  ? 5.866   0.055   13.737  1.00 34.12  ? 399 LEU A N   1 
ATOM   71   C CA  . LEU A 1 11  ? 6.892   -0.188  12.693  1.00 32.87  ? 399 LEU A CA  1 
ATOM   72   C C   . LEU A 1 11  ? 6.231   -0.863  11.499  1.00 32.17  ? 399 LEU A C   1 
ATOM   73   O O   . LEU A 1 11  ? 5.470   -1.833  11.697  1.00 31.94  ? 399 LEU A O   1 
ATOM   74   C CB  . LEU A 1 11  ? 7.996   -1.077  13.268  1.00 33.46  ? 399 LEU A CB  1 
ATOM   75   C CG  . LEU A 1 11  ? 8.733   -0.485  14.462  1.00 33.19  ? 399 LEU A CG  1 
ATOM   76   C CD1 . LEU A 1 11  ? 9.708   -1.490  15.038  1.00 32.44  ? 399 LEU A CD1 1 
ATOM   77   C CD2 . LEU A 1 11  ? 9.447   0.797   14.067  1.00 33.23  ? 399 LEU A CD2 1 
ATOM   78   N N   . GLY A 1 12  ? 6.546   -0.394  10.299  1.00 30.78  ? 400 GLY A N   1 
ATOM   79   C CA  . GLY A 1 12  ? 5.936   -0.941  9.081   1.00 30.65  ? 400 GLY A CA  1 
ATOM   80   C C   . GLY A 1 12  ? 6.596   -0.388  7.844   1.00 30.68  ? 400 GLY A C   1 
ATOM   81   O O   . GLY A 1 12  ? 7.741   0.091   7.951   1.00 29.90  ? 400 GLY A O   1 
ATOM   82   N N   . ILE A 1 13  ? 5.880   -0.454  6.722   1.00 31.17  ? 401 ILE A N   1 
ATOM   83   C CA  . ILE A 1 13  ? 6.405   -0.156  5.363   1.00 32.11  ? 401 ILE A CA  1 
ATOM   84   C C   . ILE A 1 13  ? 5.438   0.799   4.666   1.00 31.71  ? 401 ILE A C   1 
ATOM   85   O O   . ILE A 1 13  ? 4.249   0.787   4.997   1.00 31.88  ? 401 ILE A O   1 
ATOM   86   C CB  . ILE A 1 13  ? 6.611   -1.451  4.552   1.00 32.80  ? 401 ILE A CB  1 
ATOM   87   C CG1 . ILE A 1 13  ? 5.290   -2.092  4.121   1.00 32.74  ? 401 ILE A CG1 1 
ATOM   88   C CG2 . ILE A 1 13  ? 7.484   -2.434  5.317   1.00 33.50  ? 401 ILE A CG2 1 
ATOM   89   C CD1 . ILE A 1 13  ? 5.456   -3.067  2.988   1.00 33.03  ? 401 ILE A CD1 1 
ATOM   90   N N   . GLU A 1 14  ? 5.956   1.608   3.748   1.00 30.89  ? 402 GLU A N   1 
ATOM   91   C CA  . GLU A 1 14  ? 5.124   2.425   2.848   1.00 29.89  ? 402 GLU A CA  1 
ATOM   92   C C   . GLU A 1 14  ? 4.460   1.440   1.907   1.00 28.51  ? 402 GLU A C   1 
ATOM   93   O O   . GLU A 1 14  ? 5.155   0.542   1.463   1.00 25.51  ? 402 GLU A O   1 
ATOM   94   C CB  . GLU A 1 14  ? 5.966   3.447   2.090   1.00 30.26  ? 402 GLU A CB  1 
ATOM   95   C CG  . GLU A 1 14  ? 5.168   4.264   1.093   1.00 30.69  ? 402 GLU A CG  1 
ATOM   96   C CD  . GLU A 1 14  ? 5.969   5.400   0.496   1.00 31.43  ? 402 GLU A CD  1 
ATOM   97   O OE1 . GLU A 1 14  ? 7.129   5.580   0.913   1.00 32.02  ? 402 GLU A OE1 1 
ATOM   98   O OE2 . GLU A 1 14  ? 5.438   6.090   -0.385  1.00 33.02  ? 402 GLU A OE2 1 
ATOM   99   N N   . THR A 1 15  ? 3.152   1.584   1.708   1.00 31.32  ? 403 THR A N   1 
ATOM   100  C CA  . THR A 1 15  ? 2.352   0.851   0.692   1.00 32.43  ? 403 THR A CA  1 
ATOM   101  C C   . THR A 1 15  ? 1.688   1.900   -0.204  1.00 33.50  ? 403 THR A C   1 
ATOM   102  O O   . THR A 1 15  ? 1.763   3.089   0.147   1.00 33.74  ? 403 THR A O   1 
ATOM   103  C CB  . THR A 1 15  ? 1.381   -0.142  1.349   1.00 30.65  ? 403 THR A CB  1 
ATOM   104  O OG1 . THR A 1 15  ? 0.415   0.588   2.107   1.00 28.11  ? 403 THR A OG1 1 
ATOM   105  C CG2 . THR A 1 15  ? 2.090   -1.154  2.222   1.00 29.04  ? 403 THR A CG2 1 
ATOM   106  N N   . MET A 1 16  ? 1.098   1.462   -1.316  1.00 35.04  ? 404 MET A N   1 
ATOM   107  C CA  . MET A 1 16  ? 0.611   2.315   -2.431  1.00 37.72  ? 404 MET A CA  1 
ATOM   108  C C   . MET A 1 16  ? -0.231  3.492   -1.920  1.00 37.87  ? 404 MET A C   1 
ATOM   109  O O   . MET A 1 16  ? -1.074  3.284   -1.019  1.00 35.99  ? 404 MET A O   1 
ATOM   110  C CB  . MET A 1 16  ? -0.244  1.474   -3.376  1.00 40.83  ? 404 MET A CB  1 
ATOM   111  C CG  . MET A 1 16  ? -0.550  2.164   -4.663  1.00 43.89  ? 404 MET A CG  1 
ATOM   112  S SD  . MET A 1 16  ? -1.032  0.961   -5.903  1.00 49.71  ? 404 MET A SD  1 
ATOM   113  C CE  . MET A 1 16  ? -2.704  0.545   -5.406  1.00 50.11  ? 404 MET A CE  1 
ATOM   114  N N   . GLY A 1 17  ? -0.022  4.677   -2.502  1.00 38.00  ? 405 GLY A N   1 
ATOM   115  C CA  . GLY A 1 17  ? -0.743  5.911   -2.138  1.00 39.66  ? 405 GLY A CA  1 
ATOM   116  C C   . GLY A 1 17  ? -0.072  6.656   -0.990  1.00 39.64  ? 405 GLY A C   1 
ATOM   117  O O   . GLY A 1 17  ? -0.679  7.611   -0.466  1.00 40.83  ? 405 GLY A O   1 
ATOM   118  N N   . GLY A 1 18  ? 1.145   6.263   -0.613  1.00 38.21  ? 406 GLY A N   1 
ATOM   119  C CA  . GLY A 1 18  ? 1.925   6.944   0.438   1.00 37.35  ? 406 GLY A CA  1 
ATOM   120  C C   . GLY A 1 18  ? 1.371   6.711   1.837   1.00 36.81  ? 406 GLY A C   1 
ATOM   121  O O   . GLY A 1 18  ? 1.718   7.496   2.746   1.00 40.54  ? 406 GLY A O   1 
ATOM   122  N N   . VAL A 1 19  ? 0.557   5.672   2.028   1.00 32.83  ? 407 VAL A N   1 
ATOM   123  C CA  . VAL A 1 19  ? 0.056   5.261   3.365   1.00 30.97  ? 407 VAL A CA  1 
ATOM   124  C C   . VAL A 1 19  ? 1.109   4.363   4.016   1.00 32.19  ? 407 VAL A C   1 
ATOM   125  O O   . VAL A 1 19  ? 1.733   3.555   3.316   1.00 31.63  ? 407 VAL A O   1 
ATOM   126  C CB  . VAL A 1 19  ? -1.310  4.564   3.275   1.00 33.00  ? 407 VAL A CB  1 
ATOM   127  C CG1 . VAL A 1 19  ? -1.317  3.349   2.361   1.00 35.48  ? 407 VAL A CG1 1 
ATOM   128  C CG2 . VAL A 1 19  ? -1.811  4.161   4.642   1.00 35.64  ? 407 VAL A CG2 1 
ATOM   129  N N   . MET A 1 20  ? 1.321   4.534   5.319   1.00 35.49  ? 408 MET A N   1 
ATOM   130  C CA  . MET A 1 20  ? 2.121   3.605   6.150   1.00 35.45  ? 408 MET A CA  1 
ATOM   131  C C   . MET A 1 20  ? 1.219   2.429   6.498   1.00 35.24  ? 408 MET A C   1 
ATOM   132  O O   . MET A 1 20  ? 0.150   2.663   7.080   1.00 33.32  ? 408 MET A O   1 
ATOM   133  C CB  . MET A 1 20  ? 2.610   4.240   7.455   1.00 36.57  ? 408 MET A CB  1 
ATOM   134  C CG  . MET A 1 20  ? 3.191   3.213   8.414   1.00 39.16  ? 408 MET A CG  1 
ATOM   135  S SD  . MET A 1 20  ? 4.018   3.953   9.835   1.00 42.99  ? 408 MET A SD  1 
ATOM   136  C CE  . MET A 1 20  ? 4.491   2.478   10.739  1.00 40.75  ? 408 MET A CE  1 
ATOM   137  N N   . THR A 1 21  ? 1.653   1.226   6.140   1.00 36.77  ? 409 THR A N   1 
ATOM   138  C CA  . THR A 1 21  ? 1.113   -0.064  6.637   1.00 37.45  ? 409 THR A CA  1 
ATOM   139  C C   . THR A 1 21  ? 1.990   -0.549  7.791   1.00 35.64  ? 409 THR A C   1 
ATOM   140  O O   . THR A 1 21  ? 3.166   -0.813  7.549   1.00 37.31  ? 409 THR A O   1 
ATOM   141  C CB  . THR A 1 21  ? 1.048   -1.109  5.522   1.00 38.44  ? 409 THR A CB  1 
ATOM   142  O OG1 . THR A 1 21  ? 0.267   -0.522  4.479   1.00 38.96  ? 409 THR A OG1 1 
ATOM   143  C CG2 . THR A 1 21  ? 0.456   -2.423  5.988   1.00 38.92  ? 409 THR A CG2 1 
ATOM   144  N N   . THR A 1 22  ? 1.430   -0.611  8.999   1.00 34.87  ? 410 THR A N   1 
ATOM   145  C CA  . THR A 1 22  ? 2.127   -1.056  10.227  1.00 32.23  ? 410 THR A CA  1 
ATOM   146  C C   . THR A 1 22  ? 2.347   -2.552  10.102  1.00 32.94  ? 410 THR A C   1 
ATOM   147  O O   . THR A 1 22  ? 1.494   -3.197  9.500   1.00 34.68  ? 410 THR A O   1 
ATOM   148  C CB  . THR A 1 22  ? 1.312   -0.726  11.476  1.00 29.92  ? 410 THR A CB  1 
ATOM   149  O OG1 . THR A 1 22  ? 1.262   0.694   11.574  1.00 30.05  ? 410 THR A OG1 1 
ATOM   150  C CG2 . THR A 1 22  ? 1.901   -1.303  12.740  1.00 30.42  ? 410 THR A CG2 1 
ATOM   151  N N   . LEU A 1 23  ? 3.465   -3.049  10.618  1.00 34.11  ? 411 LEU A N   1 
ATOM   152  C CA  . LEU A 1 23  ? 3.794   -4.495  10.674  1.00 34.60  ? 411 LEU A CA  1 
ATOM   153  C C   . LEU A 1 23  ? 3.854   -4.954  12.131  1.00 33.40  ? 411 LEU A C   1 
ATOM   154  O O   . LEU A 1 23  ? 3.320   -6.037  12.413  1.00 32.78  ? 411 LEU A O   1 
ATOM   155  C CB  . LEU A 1 23  ? 5.140   -4.711  9.980   1.00 36.03  ? 411 LEU A CB  1 
ATOM   156  C CG  . LEU A 1 23  ? 5.069   -5.396  8.623   1.00 34.81  ? 411 LEU A CG  1 
ATOM   157  C CD1 . LEU A 1 23  ? 4.500   -6.789  8.764   1.00 34.55  ? 411 LEU A CD1 1 
ATOM   158  C CD2 . LEU A 1 23  ? 4.256   -4.575  7.649   1.00 35.14  ? 411 LEU A CD2 1 
ATOM   159  N N   . ILE A 1 24  ? 4.534   -4.180  12.983  1.00 32.76  ? 412 ILE A N   1 
ATOM   160  C CA  . ILE A 1 24  ? 4.595   -4.384  14.458  1.00 35.76  ? 412 ILE A CA  1 
ATOM   161  C C   . ILE A 1 24  ? 4.042   -3.128  15.133  1.00 36.85  ? 412 ILE A C   1 
ATOM   162  O O   . ILE A 1 24  ? 4.573   -2.031  14.890  1.00 35.99  ? 412 ILE A O   1 
ATOM   163  C CB  . ILE A 1 24  ? 6.027   -4.725  14.927  1.00 38.35  ? 412 ILE A CB  1 
ATOM   164  C CG1 . ILE A 1 24  ? 6.497   -6.057  14.324  1.00 38.04  ? 412 ILE A CG1 1 
ATOM   165  C CG2 . ILE A 1 24  ? 6.112   -4.718  16.453  1.00 38.04  ? 412 ILE A CG2 1 
ATOM   166  C CD1 . ILE A 1 24  ? 7.802   -6.594  14.861  1.00 36.67  ? 412 ILE A CD1 1 
ATOM   167  N N   . ALA A 1 25  ? 3.030   -3.324  15.980  1.00 40.10  ? 413 ALA A N   1 
ATOM   168  C CA  . ALA A 1 25  ? 2.246   -2.278  16.672  1.00 40.24  ? 413 ALA A CA  1 
ATOM   169  C C   . ALA A 1 25  ? 3.095   -1.537  17.703  1.00 41.80  ? 413 ALA A C   1 
ATOM   170  O O   . ALA A 1 25  ? 4.242   -1.945  17.950  1.00 45.16  ? 413 ALA A O   1 
ATOM   171  C CB  . ALA A 1 25  ? 1.072   -2.919  17.354  1.00 40.53  ? 413 ALA A CB  1 
ATOM   172  N N   . LYS A 1 26  ? 2.513   -0.478  18.265  1.00 44.19  ? 414 LYS A N   1 
ATOM   173  C CA  . LYS A 1 26  ? 3.045   0.325   19.399  1.00 45.43  ? 414 LYS A CA  1 
ATOM   174  C C   . LYS A 1 26  ? 2.999   -0.549  20.655  1.00 44.45  ? 414 LYS A C   1 
ATOM   175  O O   . LYS A 1 26  ? 2.214   -1.515  20.673  1.00 43.68  ? 414 LYS A O   1 
ATOM   176  C CB  . LYS A 1 26  ? 2.209   1.603   19.531  1.00 48.00  ? 414 LYS A CB  1 
ATOM   177  C CG  . LYS A 1 26  ? 2.599   2.609   20.609  1.00 50.96  ? 414 LYS A CG  1 
ATOM   178  C CD  . LYS A 1 26  ? 1.407   3.485   21.027  1.00 55.06  ? 414 LYS A CD  1 
ATOM   179  C CE  . LYS A 1 26  ? 1.775   4.837   21.607  1.00 57.43  ? 414 LYS A CE  1 
ATOM   180  N NZ  . LYS A 1 26  ? 2.146   4.754   23.042  1.00 56.38  ? 414 LYS A NZ  1 
ATOM   181  N N   . ASN A 1 27  ? 3.842   -0.245  21.640  1.00 45.17  ? 415 ASN A N   1 
ATOM   182  C CA  . ASN A 1 27  ? 3.865   -0.915  22.964  1.00 44.50  ? 415 ASN A CA  1 
ATOM   183  C C   . ASN A 1 27  ? 3.765   -2.423  22.760  1.00 45.03  ? 415 ASN A C   1 
ATOM   184  O O   . ASN A 1 27  ? 2.881   -3.038  23.376  1.00 48.02  ? 415 ASN A O   1 
ATOM   185  C CB  . ASN A 1 27  ? 2.741   -0.396  23.855  1.00 44.64  ? 415 ASN A CB  1 
ATOM   186  C CG  . ASN A 1 27  ? 2.702   1.115   23.876  1.00 48.71  ? 415 ASN A CG  1 
ATOM   187  O OD1 . ASN A 1 27  ? 1.635   1.716   23.747  1.00 51.65  ? 415 ASN A OD1 1 
ATOM   188  N ND2 . ASN A 1 27  ? 3.868   1.734   23.991  1.00 50.74  ? 415 ASN A ND2 1 
ATOM   189  N N   . THR A 1 28  ? 4.620   -2.983  21.902  1.00 43.57  ? 416 THR A N   1 
ATOM   190  C CA  . THR A 1 28  ? 4.769   -4.450  21.739  1.00 44.33  ? 416 THR A CA  1 
ATOM   191  C C   . THR A 1 28  ? 6.004   -4.882  22.531  1.00 49.00  ? 416 THR A C   1 
ATOM   192  O O   . THR A 1 28  ? 6.979   -4.117  22.549  1.00 53.60  ? 416 THR A O   1 
ATOM   193  C CB  . THR A 1 28  ? 4.837   -4.868  20.267  1.00 41.45  ? 416 THR A CB  1 
ATOM   194  O OG1 . THR A 1 28  ? 3.626   -4.473  19.624  1.00 40.14  ? 416 THR A OG1 1 
ATOM   195  C CG2 . THR A 1 28  ? 5.031   -6.359  20.106  1.00 42.07  ? 416 THR A CG2 1 
ATOM   196  N N   . THR A 1 29  ? 5.938   -6.053  23.165  1.00 49.96  ? 417 THR A N   1 
ATOM   197  C CA  . THR A 1 29  ? 7.015   -6.659  23.983  1.00 48.28  ? 417 THR A CA  1 
ATOM   198  C C   . THR A 1 29  ? 8.023   -7.317  23.036  1.00 47.45  ? 417 THR A C   1 
ATOM   199  O O   . THR A 1 29  ? 7.605   -8.160  22.232  1.00 46.70  ? 417 THR A O   1 
ATOM   200  C CB  . THR A 1 29  ? 6.414   -7.638  25.003  1.00 51.02  ? 417 THR A CB  1 
ATOM   201  O OG1 . THR A 1 29  ? 5.579   -8.583  24.327  1.00 59.55  ? 417 THR A OG1 1 
ATOM   202  C CG2 . THR A 1 29  ? 5.583   -6.946  26.059  1.00 50.20  ? 417 THR A CG2 1 
ATOM   203  N N   . ILE A 1 30  ? 9.291   -6.916  23.116  1.00 48.91  ? 418 ILE A N   1 
ATOM   204  C CA  . ILE A 1 30  ? 10.433  -7.560  22.399  1.00 49.31  ? 418 ILE A CA  1 
ATOM   205  C C   . ILE A 1 30  ? 11.003  -8.648  23.306  1.00 51.98  ? 418 ILE A C   1 
ATOM   206  O O   . ILE A 1 30  ? 11.006  -8.482  24.525  1.00 46.45  ? 418 ILE A O   1 
ATOM   207  C CB  . ILE A 1 30  ? 11.512  -6.533  22.015  1.00 47.91  ? 418 ILE A CB  1 
ATOM   208  C CG1 . ILE A 1 30  ? 12.291  -6.053  23.238  1.00 49.10  ? 418 ILE A CG1 1 
ATOM   209  C CG2 . ILE A 1 30  ? 10.911  -5.368  21.253  1.00 48.13  ? 418 ILE A CG2 1 
ATOM   210  N N   . PRO A 1 31  ? 11.508  -9.783  22.755  1.00 58.02  ? 419 PRO A N   1 
ATOM   211  C CA  . PRO A 1 31  ? 11.537  -10.022 21.309  1.00 55.21  ? 419 PRO A CA  1 
ATOM   212  C C   . PRO A 1 31  ? 10.147  -10.310 20.713  1.00 52.20  ? 419 PRO A C   1 
ATOM   213  O O   . PRO A 1 31  ? 9.282   -10.755 21.444  1.00 50.72  ? 419 PRO A O   1 
ATOM   214  C CB  . PRO A 1 31  ? 12.462  -11.246 21.177  1.00 57.74  ? 419 PRO A CB  1 
ATOM   215  C CG  . PRO A 1 31  ? 12.258  -12.001 22.476  1.00 59.54  ? 419 PRO A CG  1 
ATOM   216  C CD  . PRO A 1 31  ? 12.087  -10.909 23.513  1.00 60.91  ? 419 PRO A CD  1 
ATOM   217  N N   . THR A 1 32  ? 9.985   -10.032 19.412  1.00 48.71  ? 420 THR A N   1 
ATOM   218  C CA  . THR A 1 32  ? 8.748   -10.223 18.611  1.00 45.67  ? 420 THR A CA  1 
ATOM   219  C C   . THR A 1 32  ? 9.132   -10.359 17.137  1.00 44.33  ? 420 THR A C   1 
ATOM   220  O O   . THR A 1 32  ? 10.192  -9.844  16.760  1.00 41.96  ? 420 THR A O   1 
ATOM   221  C CB  . THR A 1 32  ? 7.781   -9.049  18.808  1.00 47.54  ? 420 THR A CB  1 
ATOM   222  O OG1 . THR A 1 32  ? 6.567   -9.293  18.095  1.00 48.29  ? 420 THR A OG1 1 
ATOM   223  C CG2 . THR A 1 32  ? 8.368   -7.731  18.353  1.00 48.19  ? 420 THR A CG2 1 
ATOM   224  N N   . LYS A 1 33  ? 8.282   -11.013 16.344  1.00 45.64  ? 421 LYS A N   1 
ATOM   225  C CA  . LYS A 1 33  ? 8.463   -11.205 14.880  1.00 46.08  ? 421 LYS A CA  1 
ATOM   226  C C   . LYS A 1 33  ? 7.095   -11.439 14.245  1.00 49.01  ? 421 LYS A C   1 
ATOM   227  O O   . LYS A 1 33  ? 6.502   -12.496 14.538  1.00 56.04  ? 421 LYS A O   1 
ATOM   228  C CB  . LYS A 1 33  ? 9.386   -12.393 14.588  1.00 44.42  ? 421 LYS A CB  1 
ATOM   229  C CG  . LYS A 1 33  ? 9.182   -13.060 13.232  1.00 45.33  ? 421 LYS A CG  1 
ATOM   230  C CD  . LYS A 1 33  ? 10.345  -13.938 12.786  1.00 47.46  ? 421 LYS A CD  1 
ATOM   231  N N   . HIS A 1 34  ? 6.618   -10.502 13.417  1.00 48.17  ? 422 HIS A N   1 
ATOM   232  C CA  . HIS A 1 34  ? 5.375   -10.651 12.613  1.00 47.36  ? 422 HIS A CA  1 
ATOM   233  C C   . HIS A 1 34  ? 5.740   -10.594 11.134  1.00 42.84  ? 422 HIS A C   1 
ATOM   234  O O   . HIS A 1 34  ? 6.703   -9.887  10.804  1.00 42.16  ? 422 HIS A O   1 
ATOM   235  C CB  . HIS A 1 34  ? 4.327   -9.579  12.960  1.00 54.15  ? 422 HIS A CB  1 
ATOM   236  C CG  . HIS A 1 34  ? 3.869   -9.587  14.386  1.00 58.33  ? 422 HIS A CG  1 
ATOM   237  N ND1 . HIS A 1 34  ? 4.196   -8.574  15.283  1.00 59.52  ? 422 HIS A ND1 1 
ATOM   238  C CD2 . HIS A 1 34  ? 3.107   -10.466 15.075  1.00 57.83  ? 422 HIS A CD2 1 
ATOM   239  C CE1 . HIS A 1 34  ? 3.658   -8.833  16.456  1.00 58.24  ? 422 HIS A CE1 1 
ATOM   240  N NE2 . HIS A 1 34  ? 2.984   -9.989  16.355  1.00 57.49  ? 422 HIS A NE2 1 
ATOM   241  N N   . SER A 1 35  ? 4.988   -11.318 10.301  1.00 41.43  ? 423 SER A N   1 
ATOM   242  C CA  . SER A 1 35  ? 5.061   -11.295 8.817   1.00 38.82  ? 423 SER A CA  1 
ATOM   243  C C   . SER A 1 35  ? 3.720   -10.860 8.234   1.00 36.04  ? 423 SER A C   1 
ATOM   244  O O   . SER A 1 35  ? 2.711   -10.953 8.940   1.00 34.16  ? 423 SER A O   1 
ATOM   245  C CB  . SER A 1 35  ? 5.427   -12.630 8.284   1.00 40.99  ? 423 SER A CB  1 
ATOM   246  O OG  . SER A 1 35  ? 6.622   -13.067 8.893   1.00 46.76  ? 423 SER A OG  1 
ATOM   247  N N   . GLN A 1 36  ? 3.736   -10.419 6.977   1.00 35.19  ? 424 GLN A N   1 
ATOM   248  C CA  . GLN A 1 36  ? 2.525   -10.126 6.174   1.00 35.04  ? 424 GLN A CA  1 
ATOM   249  C C   . GLN A 1 36  ? 2.905   -10.144 4.696   1.00 34.04  ? 424 GLN A C   1 
ATOM   250  O O   . GLN A 1 36  ? 4.040   -9.781  4.367   1.00 34.18  ? 424 GLN A O   1 
ATOM   251  C CB  . GLN A 1 36  ? 1.938   -8.781  6.586   1.00 35.58  ? 424 GLN A CB  1 
ATOM   252  C CG  . GLN A 1 36  ? 0.601   -8.475  5.934   1.00 35.98  ? 424 GLN A CG  1 
ATOM   253  C CD  . GLN A 1 36  ? 0.047   -7.170  6.444   1.00 36.35  ? 424 GLN A CD  1 
ATOM   254  O OE1 . GLN A 1 36  ? 0.330   -6.754  7.568   1.00 33.94  ? 424 GLN A OE1 1 
ATOM   255  N NE2 . GLN A 1 36  ? -0.746  -6.517  5.608   1.00 38.57  ? 424 GLN A NE2 1 
ATOM   256  N N   . VAL A 1 37  ? 1.982   -10.544 3.835   1.00 34.13  ? 425 VAL A N   1 
ATOM   257  C CA  . VAL A 1 37  ? 2.273   -10.673 2.383   1.00 35.53  ? 425 VAL A CA  1 
ATOM   258  C C   . VAL A 1 37  ? 1.657   -9.492  1.622   1.00 38.01  ? 425 VAL A C   1 
ATOM   259  O O   . VAL A 1 37  ? 0.532   -9.045  1.977   1.00 39.07  ? 425 VAL A O   1 
ATOM   260  C CB  . VAL A 1 37  ? 1.799   -12.032 1.847   1.00 34.54  ? 425 VAL A CB  1 
ATOM   261  C CG1 . VAL A 1 37  ? 1.907   -12.104 0.334   1.00 35.38  ? 425 VAL A CG1 1 
ATOM   262  C CG2 . VAL A 1 37  ? 2.571   -13.166 2.497   1.00 33.80  ? 425 VAL A CG2 1 
ATOM   263  N N   . PHE A 1 38  ? 2.391   -9.024  0.606   1.00 38.52  ? 426 PHE A N   1 
ATOM   264  C CA  . PHE A 1 38  ? 2.044   -7.888  -0.285  1.00 37.97  ? 426 PHE A CA  1 
ATOM   265  C C   . PHE A 1 38  ? 2.211   -8.339  -1.737  1.00 38.05  ? 426 PHE A C   1 
ATOM   266  O O   . PHE A 1 38  ? 2.399   -9.550  -1.954  1.00 38.10  ? 426 PHE A O   1 
ATOM   267  C CB  . PHE A 1 38  ? 2.945   -6.690  0.018   1.00 37.29  ? 426 PHE A CB  1 
ATOM   268  C CG  . PHE A 1 38  ? 3.007   -6.289  1.467   1.00 35.98  ? 426 PHE A CG  1 
ATOM   269  C CD1 . PHE A 1 38  ? 3.635   -7.096  2.398   1.00 36.52  ? 426 PHE A CD1 1 
ATOM   270  C CD2 . PHE A 1 38  ? 2.427   -5.111  1.895   1.00 37.49  ? 426 PHE A CD2 1 
ATOM   271  C CE1 . PHE A 1 38  ? 3.692   -6.724  3.730   1.00 38.62  ? 426 PHE A CE1 1 
ATOM   272  C CE2 . PHE A 1 38  ? 2.468   -4.749  3.232   1.00 39.74  ? 426 PHE A CE2 1 
ATOM   273  C CZ  . PHE A 1 38  ? 3.110   -5.550  4.146   1.00 39.30  ? 426 PHE A CZ  1 
ATOM   274  N N   . SER A 1 39  ? 2.157   -7.401  -2.689  1.00 38.87  ? 427 SER A N   1 
ATOM   275  C CA  . SER A 1 39  ? 2.282   -7.681  -4.142  1.00 39.49  ? 427 SER A CA  1 
ATOM   276  C C   . SER A 1 39  ? 2.693   -6.421  -4.916  1.00 40.97  ? 427 SER A C   1 
ATOM   277  O O   . SER A 1 39  ? 3.111   -5.437  -4.275  1.00 45.80  ? 427 SER A O   1 
ATOM   278  C CB  . SER A 1 39  ? 0.995   -8.246  -4.658  1.00 39.92  ? 427 SER A CB  1 
ATOM   279  O OG  . SER A 1 39  ? 1.218   -9.017  -5.823  1.00 42.38  ? 427 SER A OG  1 
ATOM   280  N N   . THR A 1 40  ? 2.567   -6.456  -6.245  1.00 39.55  ? 428 THR A N   1 
ATOM   281  C CA  . THR A 1 40  ? 3.001   -5.391  -7.186  1.00 38.04  ? 428 THR A CA  1 
ATOM   282  C C   . THR A 1 40  ? 1.824   -4.463  -7.507  1.00 39.57  ? 428 THR A C   1 
ATOM   283  O O   . THR A 1 40  ? 0.673   -4.925  -7.394  1.00 37.29  ? 428 THR A O   1 
ATOM   284  C CB  . THR A 1 40  ? 3.597   -6.035  -8.439  1.00 37.51  ? 428 THR A CB  1 
ATOM   285  O OG1 . THR A 1 40  ? 2.695   -7.003  -8.985  1.00 33.81  ? 428 THR A OG1 1 
ATOM   286  C CG2 . THR A 1 40  ? 4.916   -6.699  -8.123  1.00 39.88  ? 428 THR A CG2 1 
ATOM   287  N N   . ALA A 1 41  ? 2.119   -3.222  -7.918  1.00 42.31  ? 429 ALA A N   1 
ATOM   288  C CA  . ALA A 1 41  ? 1.139   -2.142  -8.200  1.00 43.73  ? 429 ALA A CA  1 
ATOM   289  C C   . ALA A 1 41  ? 0.877   -2.011  -9.705  1.00 47.28  ? 429 ALA A C   1 
ATOM   290  O O   . ALA A 1 41  ? -0.273  -1.699  -10.072 1.00 51.27  ? 429 ALA A O   1 
ATOM   291  C CB  . ALA A 1 41  ? 1.640   -0.839  -7.634  1.00 44.20  ? 429 ALA A CB  1 
ATOM   292  N N   . GLU A 1 42  ? 1.915   -2.152  -10.537 1.00 48.81  ? 430 GLU A N   1 
ATOM   293  C CA  . GLU A 1 42  ? 1.805   -2.139  -12.021 1.00 50.39  ? 430 GLU A CA  1 
ATOM   294  C C   . GLU A 1 42  ? 2.143   -3.556  -12.506 1.00 55.31  ? 430 GLU A C   1 
ATOM   295  O O   . GLU A 1 42  ? 2.976   -4.205  -11.844 1.00 59.79  ? 430 GLU A O   1 
ATOM   296  C CB  . GLU A 1 42  ? 2.709   -1.056  -12.624 1.00 46.14  ? 430 GLU A CB  1 
ATOM   297  N N   . ASP A 1 43  ? 1.500   -4.025  -13.585 1.00 55.63  ? 431 ASP A N   1 
ATOM   298  C CA  . ASP A 1 43  ? 1.775   -5.328  -14.255 1.00 52.63  ? 431 ASP A CA  1 
ATOM   299  C C   . ASP A 1 43  ? 3.260   -5.396  -14.619 1.00 51.00  ? 431 ASP A C   1 
ATOM   300  O O   . ASP A 1 43  ? 3.904   -4.332  -14.637 1.00 50.28  ? 431 ASP A O   1 
ATOM   301  C CB  . ASP A 1 43  ? 0.923   -5.477  -15.515 1.00 56.65  ? 431 ASP A CB  1 
ATOM   302  C CG  . ASP A 1 43  ? -0.568  -5.633  -15.257 1.00 58.52  ? 431 ASP A CG  1 
ATOM   303  O OD1 . ASP A 1 43  ? -0.926  -6.244  -14.238 1.00 59.26  ? 431 ASP A OD1 1 
ATOM   304  O OD2 . ASP A 1 43  ? -1.360  -5.154  -16.090 1.00 62.83  ? 431 ASP A OD2 1 
ATOM   305  N N   . ASN A 1 44  ? 3.803   -6.585  -14.899 1.00 51.60  ? 432 ASN A N   1 
ATOM   306  C CA  . ASN A 1 44  ? 5.208   -6.724  -15.375 1.00 52.33  ? 432 ASN A CA  1 
ATOM   307  C C   . ASN A 1 44  ? 6.128   -5.913  -14.443 1.00 50.69  ? 432 ASN A C   1 
ATOM   308  O O   . ASN A 1 44  ? 7.083   -5.306  -14.946 1.00 48.72  ? 432 ASN A O   1 
ATOM   309  C CB  . ASN A 1 44  ? 5.315   -6.257  -16.837 1.00 52.03  ? 432 ASN A CB  1 
ATOM   310  C CG  . ASN A 1 44  ? 6.617   -6.585  -17.547 1.00 52.07  ? 432 ASN A CG  1 
ATOM   311  O OD1 . ASN A 1 44  ? 7.463   -7.305  -17.029 1.00 54.50  ? 432 ASN A OD1 1 
ATOM   312  N ND2 . ASN A 1 44  ? 6.785   -6.070  -18.755 1.00 50.66  ? 432 ASN A ND2 1 
ATOM   313  N N   . GLN A 1 45  ? 5.823   -5.859  -13.141 1.00 51.15  ? 433 GLN A N   1 
ATOM   314  C CA  . GLN A 1 45  ? 6.681   -5.200  -12.119 1.00 50.26  ? 433 GLN A CA  1 
ATOM   315  C C   . GLN A 1 45  ? 7.762   -6.210  -11.759 1.00 48.21  ? 433 GLN A C   1 
ATOM   316  O O   . GLN A 1 45  ? 7.408   -7.391  -11.560 1.00 48.71  ? 433 GLN A O   1 
ATOM   317  C CB  . GLN A 1 45  ? 5.923   -4.765  -10.859 1.00 50.96  ? 433 GLN A CB  1 
ATOM   318  C CG  . GLN A 1 45  ? 6.272   -3.352  -10.400 1.00 51.30  ? 433 GLN A CG  1 
ATOM   319  C CD  . GLN A 1 45  ? 5.925   -3.067  -8.958  1.00 50.47  ? 433 GLN A CD  1 
ATOM   320  O OE1 . GLN A 1 45  ? 4.764   -2.899  -8.582  1.00 48.36  ? 433 GLN A OE1 1 
ATOM   321  N NE2 . GLN A 1 45  ? 6.955   -2.980  -8.136  1.00 48.56  ? 433 GLN A NE2 1 
ATOM   322  N N   . SER A 1 46  ? 9.012   -5.753  -11.744 1.00 45.61  ? 434 SER A N   1 
ATOM   323  C CA  . SER A 1 46  ? 10.229  -6.589  -11.641 1.00 46.08  ? 434 SER A CA  1 
ATOM   324  C C   . SER A 1 46  ? 10.899  -6.362  -10.291 1.00 46.14  ? 434 SER A C   1 
ATOM   325  O O   . SER A 1 46  ? 11.792  -7.153  -9.949  1.00 52.07  ? 434 SER A O   1 
ATOM   326  C CB  . SER A 1 46  ? 11.177  -6.319  -12.782 1.00 47.26  ? 434 SER A CB  1 
ATOM   327  O OG  . SER A 1 46  ? 11.504  -4.942  -12.872 1.00 47.64  ? 434 SER A OG  1 
ATOM   328  N N   . ALA A 1 47  ? 10.493  -5.325  -9.557  1.00 48.38  ? 435 ALA A N   1 
ATOM   329  C CA  . ALA A 1 47  ? 11.040  -4.999  -8.216  1.00 49.47  ? 435 ALA A CA  1 
ATOM   330  C C   . ALA A 1 47  ? 10.027  -4.187  -7.397  1.00 47.64  ? 435 ALA A C   1 
ATOM   331  O O   . ALA A 1 47  ? 9.088   -3.596  -7.994  1.00 46.22  ? 435 ALA A O   1 
ATOM   332  C CB  . ALA A 1 47  ? 12.356  -4.262  -8.335  1.00 50.09  ? 435 ALA A CB  1 
ATOM   333  N N   . VAL A 1 48  ? 10.241  -4.186  -6.077  1.00 44.20  ? 436 VAL A N   1 
ATOM   334  C CA  . VAL A 1 48  ? 9.450   -3.461  -5.039  1.00 40.22  ? 436 VAL A CA  1 
ATOM   335  C C   . VAL A 1 48  ? 10.448  -2.766  -4.123  1.00 38.99  ? 436 VAL A C   1 
ATOM   336  O O   . VAL A 1 48  ? 11.448  -3.427  -3.763  1.00 37.61  ? 436 VAL A O   1 
ATOM   337  C CB  . VAL A 1 48  ? 8.555   -4.414  -4.226  1.00 38.56  ? 436 VAL A CB  1 
ATOM   338  C CG1 . VAL A 1 48  ? 7.520   -5.090  -5.113  1.00 38.37  ? 436 VAL A CG1 1 
ATOM   339  C CG2 . VAL A 1 48  ? 9.364   -5.446  -3.441  1.00 36.58  ? 436 VAL A CG2 1 
ATOM   340  N N   . THR A 1 49  ? 10.184  -1.502  -3.782  1.00 37.26  ? 437 THR A N   1 
ATOM   341  C CA  . THR A 1 49  ? 10.969  -0.713  -2.794  1.00 35.07  ? 437 THR A CA  1 
ATOM   342  C C   . THR A 1 49  ? 10.330  -0.909  -1.410  1.00 34.37  ? 437 THR A C   1 
ATOM   343  O O   . THR A 1 49  ? 9.243   -0.363  -1.154  1.00 33.18  ? 437 THR A O   1 
ATOM   344  C CB  . THR A 1 49  ? 11.118  0.740   -3.266  1.00 33.66  ? 437 THR A CB  1 
ATOM   345  O OG1 . THR A 1 49  ? 12.198  0.760   -4.197  1.00 32.85  ? 437 THR A OG1 1 
ATOM   346  C CG2 . THR A 1 49  ? 11.398  1.738   -2.164  1.00 33.62  ? 437 THR A CG2 1 
ATOM   347  N N   . ILE A 1 50  ? 10.972  -1.699  -0.552  1.00 34.38  ? 438 ILE A N   1 
ATOM   348  C CA  . ILE A 1 50  ? 10.654  -1.751  0.903   1.00 33.16  ? 438 ILE A CA  1 
ATOM   349  C C   . ILE A 1 50  ? 11.171  -0.447  1.495   1.00 31.15  ? 438 ILE A C   1 
ATOM   350  O O   . ILE A 1 50  ? 12.383  -0.256  1.461   1.00 30.13  ? 438 ILE A O   1 
ATOM   351  C CB  . ILE A 1 50  ? 11.293  -2.960  1.620   1.00 33.10  ? 438 ILE A CB  1 
ATOM   352  C CG1 . ILE A 1 50  ? 11.095  -4.282  0.870   1.00 33.34  ? 438 ILE A CG1 1 
ATOM   353  C CG2 . ILE A 1 50  ? 10.784  -3.049  3.048   1.00 33.09  ? 438 ILE A CG2 1 
ATOM   354  C CD1 . ILE A 1 50  ? 9.670   -4.563  0.476   1.00 33.30  ? 438 ILE A CD1 1 
ATOM   355  N N   . HIS A 1 51  ? 10.286  0.421   1.973   1.00 32.81  ? 439 HIS A N   1 
ATOM   356  C CA  . HIS A 1 51  ? 10.677  1.662   2.694   1.00 35.35  ? 439 HIS A CA  1 
ATOM   357  C C   . HIS A 1 51  ? 10.147  1.564   4.132   1.00 34.34  ? 439 HIS A C   1 
ATOM   358  O O   . HIS A 1 51  ? 8.917   1.547   4.324   1.00 33.68  ? 439 HIS A O   1 
ATOM   359  C CB  . HIS A 1 51  ? 10.279  2.900   1.869   1.00 36.66  ? 439 HIS A CB  1 
ATOM   360  C CG  . HIS A 1 51  ? 10.420  4.187   2.606   1.00 37.70  ? 439 HIS A CG  1 
ATOM   361  N ND1 . HIS A 1 51  ? 9.592   5.268   2.361   1.00 38.04  ? 439 HIS A ND1 1 
ATOM   362  C CD2 . HIS A 1 51  ? 11.242  4.555   3.613   1.00 37.07  ? 439 HIS A CD2 1 
ATOM   363  C CE1 . HIS A 1 51  ? 9.911   6.252   3.179   1.00 38.02  ? 439 HIS A CE1 1 
ATOM   364  N NE2 . HIS A 1 51  ? 10.923  5.842   3.956   1.00 36.86  ? 439 HIS A NE2 1 
ATOM   365  N N   . VAL A 1 52  ? 11.063  1.456   5.101   1.00 33.58  ? 440 VAL A N   1 
ATOM   366  C CA  . VAL A 1 52  ? 10.765  1.111   6.523   1.00 31.71  ? 440 VAL A CA  1 
ATOM   367  C C   . VAL A 1 52  ? 10.396  2.384   7.287   1.00 30.18  ? 440 VAL A C   1 
ATOM   368  O O   . VAL A 1 52  ? 11.122  3.378   7.158   1.00 31.12  ? 440 VAL A O   1 
ATOM   369  C CB  . VAL A 1 52  ? 11.955  0.389   7.177   1.00 29.65  ? 440 VAL A CB  1 
ATOM   370  C CG1 . VAL A 1 52  ? 11.679  0.039   8.625   1.00 29.10  ? 440 VAL A CG1 1 
ATOM   371  C CG2 . VAL A 1 52  ? 12.338  -0.860  6.405   1.00 29.56  ? 440 VAL A CG2 1 
ATOM   372  N N   . LEU A 1 53  ? 9.325   2.331   8.074   1.00 29.80  ? 441 LEU A N   1 
ATOM   373  C CA  . LEU A 1 53  ? 8.779   3.510   8.791   1.00 31.94  ? 441 LEU A CA  1 
ATOM   374  C C   . LEU A 1 53  ? 8.611   3.196   10.277  1.00 31.39  ? 441 LEU A C   1 
ATOM   375  O O   . LEU A 1 53  ? 8.245   2.045   10.614  1.00 29.33  ? 441 LEU A O   1 
ATOM   376  C CB  . LEU A 1 53  ? 7.429   3.886   8.176   1.00 33.34  ? 441 LEU A CB  1 
ATOM   377  C CG  . LEU A 1 53  ? 7.440   4.096   6.666   1.00 33.32  ? 441 LEU A CG  1 
ATOM   378  C CD1 . LEU A 1 53  ? 6.027   4.067   6.104   1.00 33.83  ? 441 LEU A CD1 1 
ATOM   379  C CD2 . LEU A 1 53  ? 8.138   5.404   6.327   1.00 33.43  ? 441 LEU A CD2 1 
ATOM   380  N N   . GLN A 1 54  ? 8.847   4.214   11.109  1.00 33.20  ? 442 GLN A N   1 
ATOM   381  C CA  . GLN A 1 54  ? 8.521   4.252   12.560  1.00 34.88  ? 442 GLN A CA  1 
ATOM   382  C C   . GLN A 1 54  ? 7.611   5.459   12.834  1.00 34.42  ? 442 GLN A C   1 
ATOM   383  O O   . GLN A 1 54  ? 7.857   6.541   12.264  1.00 34.27  ? 442 GLN A O   1 
ATOM   384  C CB  . GLN A 1 54  ? 9.801   4.334   13.390  1.00 35.90  ? 442 GLN A CB  1 
ATOM   385  C CG  . GLN A 1 54  ? 9.557   4.299   14.895  1.00 37.86  ? 442 GLN A CG  1 
ATOM   386  C CD  . GLN A 1 54  ? 10.783  4.631   15.714  1.00 38.81  ? 442 GLN A CD  1 
ATOM   387  O OE1 . GLN A 1 54  ? 11.839  4.966   15.186  1.00 41.88  ? 442 GLN A OE1 1 
ATOM   388  N NE2 . GLN A 1 54  ? 10.650  4.560   17.028  1.00 39.05  ? 442 GLN A NE2 1 
ATOM   389  N N   . GLY A 1 55  ? 6.593   5.281   13.675  1.00 34.46  ? 443 GLY A N   1 
ATOM   390  C CA  . GLY A 1 55  ? 5.676   6.367   14.065  1.00 35.98  ? 443 GLY A CA  1 
ATOM   391  C C   . GLY A 1 55  ? 4.223   5.981   13.904  1.00 36.71  ? 443 GLY A C   1 
ATOM   392  O O   . GLY A 1 55  ? 3.953   4.893   13.333  1.00 37.40  ? 443 GLY A O   1 
ATOM   393  N N   . GLU A 1 56  ? 3.326   6.869   14.351  1.00 36.83  ? 444 GLU A N   1 
ATOM   394  C CA  . GLU A 1 56  ? 1.874   6.592   14.509  1.00 38.11  ? 444 GLU A CA  1 
ATOM   395  C C   . GLU A 1 56  ? 1.018   7.257   13.423  1.00 38.44  ? 444 GLU A C   1 
ATOM   396  O O   . GLU A 1 56  ? -0.206  7.117   13.524  1.00 35.25  ? 444 GLU A O   1 
ATOM   397  C CB  . GLU A 1 56  ? 1.444   7.065   15.890  1.00 38.67  ? 444 GLU A CB  1 
ATOM   398  C CG  . GLU A 1 56  ? 2.127   6.292   16.991  1.00 39.59  ? 444 GLU A CG  1 
ATOM   399  C CD  . GLU A 1 56  ? 2.034   4.794   16.804  1.00 38.93  ? 444 GLU A CD  1 
ATOM   400  O OE1 . GLU A 1 56  ? 0.932   4.259   16.983  1.00 38.57  ? 444 GLU A OE1 1 
ATOM   401  O OE2 . GLU A 1 56  ? 3.050   4.184   16.440  1.00 39.91  ? 444 GLU A OE2 1 
ATOM   402  N N   . ARG A 1 57  ? 1.626   7.898   12.414  1.00 42.86  ? 445 ARG A N   1 
ATOM   403  C CA  . ARG A 1 57  ? 0.921   8.667   11.345  1.00 44.33  ? 445 ARG A CA  1 
ATOM   404  C C   . ARG A 1 57  ? 0.567   7.726   10.199  1.00 45.86  ? 445 ARG A C   1 
ATOM   405  O O   . ARG A 1 57  ? 1.267   6.697   10.066  1.00 46.50  ? 445 ARG A O   1 
ATOM   406  C CB  . ARG A 1 57  ? 1.762   9.830   10.808  1.00 43.50  ? 445 ARG A CB  1 
ATOM   407  C CG  . ARG A 1 57  ? 2.209   10.795  11.889  1.00 44.88  ? 445 ARG A CG  1 
ATOM   408  C CD  . ARG A 1 57  ? 1.055   11.535  12.550  1.00 47.06  ? 445 ARG A CD  1 
ATOM   409  N NE  . ARG A 1 57  ? 1.187   12.961  12.288  1.00 50.29  ? 445 ARG A NE  1 
ATOM   410  C CZ  . ARG A 1 57  ? 0.416   13.686  11.485  1.00 50.72  ? 445 ARG A CZ  1 
ATOM   411  N NH1 . ARG A 1 57  ? -0.616  13.138  10.864  1.00 51.85  ? 445 ARG A NH1 1 
ATOM   412  N NH2 . ARG A 1 57  ? 0.680   14.973  11.328  1.00 49.42  ? 445 ARG A NH2 1 
ATOM   413  N N   . LYS A 1 58  ? -0.477  8.082   9.433   1.00 48.75  ? 446 LYS A N   1 
ATOM   414  C CA  . LYS A 1 58  ? -1.053  7.263   8.330   1.00 52.06  ? 446 LYS A CA  1 
ATOM   415  C C   . LYS A 1 58  ? -0.306  7.611   7.040   1.00 48.20  ? 446 LYS A C   1 
ATOM   416  O O   . LYS A 1 58  ? 0.109   6.688   6.329   1.00 46.26  ? 446 LYS A O   1 
ATOM   417  C CB  . LYS A 1 58  ? -2.566  7.489   8.201   1.00 55.22  ? 446 LYS A CB  1 
ATOM   418  C CG  . LYS A 1 58  ? -3.392  7.117   9.430   1.00 57.38  ? 446 LYS A CG  1 
ATOM   419  C CD  . LYS A 1 58  ? -3.663  5.623   9.577   1.00 61.34  ? 446 LYS A CD  1 
ATOM   420  C CE  . LYS A 1 58  ? -3.864  5.181   11.015  1.00 63.17  ? 446 LYS A CE  1 
ATOM   421  N NZ  . LYS A 1 58  ? -4.268  3.759   11.110  1.00 61.72  ? 446 LYS A NZ  1 
ATOM   422  N N   . ARG A 1 59  ? -0.125  8.902   6.768   1.00 46.75  ? 447 ARG A N   1 
ATOM   423  C CA  . ARG A 1 59  ? 0.778   9.373   5.689   1.00 44.12  ? 447 ARG A CA  1 
ATOM   424  C C   . ARG A 1 59  ? 2.158   8.776   5.987   1.00 42.23  ? 447 ARG A C   1 
ATOM   425  O O   . ARG A 1 59  ? 2.638   8.931   7.133   1.00 40.74  ? 447 ARG A O   1 
ATOM   426  C CB  . ARG A 1 59  ? 0.810   10.908  5.607   1.00 42.08  ? 447 ARG A CB  1 
ATOM   427  C CG  . ARG A 1 59  ? 1.059   11.455  4.205   1.00 40.29  ? 447 ARG A CG  1 
ATOM   428  C CD  . ARG A 1 59  ? 1.054   12.967  4.122   1.00 39.14  ? 447 ARG A CD  1 
ATOM   429  N NE  . ARG A 1 59  ? -0.215  13.548  4.557   1.00 38.26  ? 447 ARG A NE  1 
ATOM   430  C CZ  . ARG A 1 59  ? -1.244  13.862  3.766   1.00 38.12  ? 447 ARG A CZ  1 
ATOM   431  N NH1 . ARG A 1 59  ? -1.193  13.676  2.458   1.00 38.53  ? 447 ARG A NH1 1 
ATOM   432  N NH2 . ARG A 1 59  ? -2.344  14.364  4.297   1.00 38.67  ? 447 ARG A NH2 1 
ATOM   433  N N   . ALA A 1 60  ? 2.759   8.090   5.013   1.00 40.52  ? 448 ALA A N   1 
ATOM   434  C CA  . ALA A 1 60  ? 4.134   7.554   5.114   1.00 42.00  ? 448 ALA A CA  1 
ATOM   435  C C   . ALA A 1 60  ? 5.070   8.676   5.577   1.00 43.41  ? 448 ALA A C   1 
ATOM   436  O O   . ALA A 1 60  ? 5.826   8.459   6.536   1.00 43.88  ? 448 ALA A O   1 
ATOM   437  C CB  . ALA A 1 60  ? 4.565   6.984   3.791   1.00 42.77  ? 448 ALA A CB  1 
ATOM   438  N N   . ALA A 1 61  ? 4.961   9.846   4.938   1.00 44.98  ? 449 ALA A N   1 
ATOM   439  C CA  . ALA A 1 61  ? 5.885   11.002  5.062   1.00 42.34  ? 449 ALA A CA  1 
ATOM   440  C C   . ALA A 1 61  ? 5.861   11.602  6.478   1.00 41.43  ? 449 ALA A C   1 
ATOM   441  O O   . ALA A 1 61  ? 6.932   11.997  6.956   1.00 41.90  ? 449 ALA A O   1 
ATOM   442  C CB  . ALA A 1 61  ? 5.536   12.029  4.018   1.00 40.57  ? 449 ALA A CB  1 
ATOM   443  N N   . ASP A 1 62  ? 4.697   11.669  7.133   1.00 40.57  ? 450 ASP A N   1 
ATOM   444  C CA  . ASP A 1 62  ? 4.558   12.266  8.487   1.00 40.05  ? 450 ASP A CA  1 
ATOM   445  C C   . ASP A 1 62  ? 5.271   11.379  9.510   1.00 42.54  ? 450 ASP A C   1 
ATOM   446  O O   . ASP A 1 62  ? 5.261   11.756  10.713  1.00 44.19  ? 450 ASP A O   1 
ATOM   447  C CB  . ASP A 1 62  ? 3.102   12.382  8.946   1.00 42.51  ? 450 ASP A CB  1 
ATOM   448  C CG  . ASP A 1 62  ? 2.161   13.164  8.049   1.00 43.02  ? 450 ASP A CG  1 
ATOM   449  O OD1 . ASP A 1 62  ? 2.646   14.075  7.330   1.00 39.68  ? 450 ASP A OD1 1 
ATOM   450  O OD2 . ASP A 1 62  ? 0.939   12.850  8.099   1.00 42.19  ? 450 ASP A OD2 1 
ATOM   451  N N   . ASN A 1 63  ? 5.792   10.218  9.074   1.00 43.37  ? 451 ASN A N   1 
ATOM   452  C CA  . ASN A 1 63  ? 6.479   9.219   9.941   1.00 41.81  ? 451 ASN A CA  1 
ATOM   453  C C   . ASN A 1 63  ? 7.981   9.317   9.727   1.00 39.41  ? 451 ASN A C   1 
ATOM   454  O O   . ASN A 1 63  ? 8.365   9.970   8.750   1.00 35.52  ? 451 ASN A O   1 
ATOM   455  C CB  . ASN A 1 63  ? 6.042   7.783   9.660   1.00 40.49  ? 451 ASN A CB  1 
ATOM   456  C CG  . ASN A 1 63  ? 4.648   7.502   10.164  1.00 40.74  ? 451 ASN A CG  1 
ATOM   457  O OD1 . ASN A 1 63  ? 4.440   7.381   11.367  1.00 39.63  ? 451 ASN A OD1 1 
ATOM   458  N ND2 . ASN A 1 63  ? 3.701   7.397   9.249   1.00 41.55  ? 451 ASN A ND2 1 
ATOM   459  N N   . LYS A 1 64  ? 8.751   8.673   10.617  1.00 41.70  ? 452 LYS A N   1 
ATOM   460  C CA  . LYS A 1 64  ? 10.234  8.559   10.576  1.00 41.85  ? 452 LYS A CA  1 
ATOM   461  C C   . LYS A 1 64  ? 10.642  7.374   9.701   1.00 41.33  ? 452 LYS A C   1 
ATOM   462  O O   . LYS A 1 64  ? 10.284  6.225   10.026  1.00 42.97  ? 452 LYS A O   1 
ATOM   463  C CB  . LYS A 1 64  ? 10.830  8.352   11.970  1.00 44.21  ? 452 LYS A CB  1 
ATOM   464  C CG  . LYS A 1 64  ? 12.343  8.162   11.994  1.00 48.83  ? 452 LYS A CG  1 
ATOM   465  C CD  . LYS A 1 64  ? 13.127  9.327   11.413  1.00 51.59  ? 452 LYS A CD  1 
ATOM   466  C CE  . LYS A 1 64  ? 14.625  9.217   11.619  1.00 52.84  ? 452 LYS A CE  1 
ATOM   467  N NZ  . LYS A 1 64  ? 15.351  10.328  10.953  1.00 54.57  ? 452 LYS A NZ  1 
ATOM   468  N N   . SER A 1 65  ? 11.377  7.662   8.632   1.00 40.40  ? 453 SER A N   1 
ATOM   469  C CA  . SER A 1 65  ? 12.020  6.666   7.744   1.00 37.09  ? 453 SER A CA  1 
ATOM   470  C C   . SER A 1 65  ? 13.161  6.020   8.531   1.00 33.94  ? 453 SER A C   1 
ATOM   471  O O   . SER A 1 65  ? 13.776  6.733   9.320   1.00 32.41  ? 453 SER A O   1 
ATOM   472  C CB  . SER A 1 65  ? 12.489  7.343   6.492   1.00 37.13  ? 453 SER A CB  1 
ATOM   473  O OG  . SER A 1 65  ? 12.796  6.394   5.500   1.00 41.15  ? 453 SER A OG  1 
ATOM   474  N N   . LEU A 1 66  ? 13.378  4.715   8.393   1.00 33.69  ? 454 LEU A N   1 
ATOM   475  C CA  . LEU A 1 66  ? 14.470  3.995   9.107   1.00 34.99  ? 454 LEU A CA  1 
ATOM   476  C C   . LEU A 1 66  ? 15.487  3.442   8.106   1.00 37.82  ? 454 LEU A C   1 
ATOM   477  O O   . LEU A 1 66  ? 16.541  2.925   8.558   1.00 38.79  ? 454 LEU A O   1 
ATOM   478  C CB  . LEU A 1 66  ? 13.884  2.850   9.939   1.00 33.11  ? 454 LEU A CB  1 
ATOM   479  C CG  . LEU A 1 66  ? 13.067  3.255   11.160  1.00 32.59  ? 454 LEU A CG  1 
ATOM   480  C CD1 . LEU A 1 66  ? 12.554  2.020   11.872  1.00 32.09  ? 454 LEU A CD1 1 
ATOM   481  C CD2 . LEU A 1 66  ? 13.877  4.114   12.115  1.00 33.00  ? 454 LEU A CD2 1 
ATOM   482  N N   . GLY A 1 67  ? 15.186  3.546   6.808   1.00 38.06  ? 455 GLY A N   1 
ATOM   483  C CA  . GLY A 1 67  ? 15.902  2.818   5.749   1.00 40.35  ? 455 GLY A CA  1 
ATOM   484  C C   . GLY A 1 67  ? 14.968  2.465   4.612   1.00 43.72  ? 455 GLY A C   1 
ATOM   485  O O   . GLY A 1 67  ? 13.774  2.807   4.690   1.00 45.93  ? 455 GLY A O   1 
ATOM   486  N N   . GLN A 1 68  ? 15.494  1.788   3.597   1.00 45.24  ? 456 GLN A N   1 
ATOM   487  C CA  . GLN A 1 68  ? 14.831  1.609   2.285   1.00 44.93  ? 456 GLN A CA  1 
ATOM   488  C C   . GLN A 1 68  ? 15.657  0.604   1.504   1.00 42.12  ? 456 GLN A C   1 
ATOM   489  O O   . GLN A 1 68  ? 16.877  0.802   1.473   1.00 43.11  ? 456 GLN A O   1 
ATOM   490  C CB  . GLN A 1 68  ? 14.781  2.953   1.558   1.00 50.70  ? 456 GLN A CB  1 
ATOM   491  C CG  . GLN A 1 68  ? 14.401  2.856   0.088   1.00 55.37  ? 456 GLN A CG  1 
ATOM   492  C CD  . GLN A 1 68  ? 13.902  4.184   -0.431  1.00 60.32  ? 456 GLN A CD  1 
ATOM   493  O OE1 . GLN A 1 68  ? 12.725  4.346   -0.776  1.00 60.14  ? 456 GLN A OE1 1 
ATOM   494  N NE2 . GLN A 1 68  ? 14.801  5.157   -0.455  1.00 61.40  ? 456 GLN A NE2 1 
ATOM   495  N N   . PHE A 1 69  ? 15.032  -0.425  0.926   1.00 42.58  ? 457 PHE A N   1 
ATOM   496  C CA  . PHE A 1 69  ? 15.724  -1.419  0.060   1.00 41.83  ? 457 PHE A CA  1 
ATOM   497  C C   . PHE A 1 69  ? 14.786  -2.003  -1.005  1.00 38.90  ? 457 PHE A C   1 
ATOM   498  O O   . PHE A 1 69  ? 13.575  -2.112  -0.804  1.00 35.68  ? 457 PHE A O   1 
ATOM   499  C CB  . PHE A 1 69  ? 16.376  -2.498  0.926   1.00 40.55  ? 457 PHE A CB  1 
ATOM   500  C CG  . PHE A 1 69  ? 15.440  -3.482  1.573   1.00 40.15  ? 457 PHE A CG  1 
ATOM   501  C CD1 . PHE A 1 69  ? 14.938  -3.255  2.842   1.00 40.25  ? 457 PHE A CD1 1 
ATOM   502  C CD2 . PHE A 1 69  ? 15.103  -4.665  0.934   1.00 40.53  ? 457 PHE A CD2 1 
ATOM   503  C CE1 . PHE A 1 69  ? 14.108  -4.187  3.451   1.00 40.76  ? 457 PHE A CE1 1 
ATOM   504  C CE2 . PHE A 1 69  ? 14.278  -5.596  1.548   1.00 40.12  ? 457 PHE A CE2 1 
ATOM   505  C CZ  . PHE A 1 69  ? 13.782  -5.360  2.807   1.00 39.79  ? 457 PHE A CZ  1 
ATOM   506  N N   . ASN A 1 70  ? 15.369  -2.382  -2.137  1.00 40.73  ? 458 ASN A N   1 
ATOM   507  C CA  . ASN A 1 70  ? 14.634  -2.990  -3.273  1.00 44.29  ? 458 ASN A CA  1 
ATOM   508  C C   . ASN A 1 70  ? 14.809  -4.510  -3.217  1.00 42.04  ? 458 ASN A C   1 
ATOM   509  O O   . ASN A 1 70  ? 15.839  -4.979  -2.706  1.00 38.47  ? 458 ASN A O   1 
ATOM   510  C CB  . ASN A 1 70  ? 15.068  -2.389  -4.613  1.00 47.77  ? 458 ASN A CB  1 
ATOM   511  C CG  . ASN A 1 70  ? 15.250  -0.886  -4.536  1.00 51.57  ? 458 ASN A CG  1 
ATOM   512  O OD1 . ASN A 1 70  ? 14.451  -0.184  -3.915  1.00 58.05  ? 458 ASN A OD1 1 
ATOM   513  N ND2 . ASN A 1 70  ? 16.317  -0.385  -5.131  1.00 50.82  ? 458 ASN A ND2 1 
ATOM   514  N N   . LEU A 1 71  ? 13.782  -5.237  -3.656  1.00 42.91  ? 459 LEU A N   1 
ATOM   515  C CA  . LEU A 1 71  ? 13.841  -6.671  -4.024  1.00 43.14  ? 459 LEU A CA  1 
ATOM   516  C C   . LEU A 1 71  ? 13.469  -6.729  -5.501  1.00 47.33  ? 459 LEU A C   1 
ATOM   517  O O   . LEU A 1 71  ? 12.354  -6.272  -5.828  1.00 48.27  ? 459 LEU A O   1 
ATOM   518  C CB  . LEU A 1 71  ? 12.852  -7.458  -3.165  1.00 41.96  ? 459 LEU A CB  1 
ATOM   519  C CG  . LEU A 1 71  ? 12.590  -8.897  -3.595  1.00 41.22  ? 459 LEU A CG  1 
ATOM   520  C CD1 . LEU A 1 71  ? 13.876  -9.698  -3.557  1.00 44.01  ? 459 LEU A CD1 1 
ATOM   521  C CD2 . LEU A 1 71  ? 11.531  -9.537  -2.714  1.00 40.10  ? 459 LEU A CD2 1 
ATOM   522  N N   . ASP A 1 72  ? 14.384  -7.187  -6.356  1.00 48.93  ? 460 ASP A N   1 
ATOM   523  C CA  . ASP A 1 72  ? 14.131  -7.278  -7.814  1.00 50.94  ? 460 ASP A CA  1 
ATOM   524  C C   . ASP A 1 72  ? 14.225  -8.750  -8.232  1.00 47.67  ? 460 ASP A C   1 
ATOM   525  O O   . ASP A 1 72  ? 14.196  -9.632  -7.342  1.00 44.75  ? 460 ASP A O   1 
ATOM   526  C CB  . ASP A 1 72  ? 15.037  -6.313  -8.580  1.00 56.31  ? 460 ASP A CB  1 
ATOM   527  C CG  . ASP A 1 72  ? 16.490  -6.740  -8.650  1.00 61.53  ? 460 ASP A CG  1 
ATOM   528  O OD1 . ASP A 1 72  ? 16.818  -7.826  -8.101  1.00 63.47  ? 460 ASP A OD1 1 
ATOM   529  O OD2 . ASP A 1 72  ? 17.278  -5.987  -9.271  1.00 62.77  ? 460 ASP A OD2 1 
ATOM   530  N N   . GLY A 1 73  ? 14.312  -8.997  -9.537  1.00 46.40  ? 461 GLY A N   1 
ATOM   531  C CA  . GLY A 1 73  ? 14.064  -10.327 -10.113 1.00 47.92  ? 461 GLY A CA  1 
ATOM   532  C C   . GLY A 1 73  ? 12.685  -10.818 -9.718  1.00 46.92  ? 461 GLY A C   1 
ATOM   533  O O   . GLY A 1 73  ? 12.558  -11.964 -9.209  1.00 48.84  ? 461 GLY A O   1 
ATOM   534  N N   . ILE A 1 74  ? 11.688  -9.956  -9.889  1.00 46.19  ? 462 ILE A N   1 
ATOM   535  C CA  . ILE A 1 74  ? 10.255  -10.350 -9.843  1.00 48.81  ? 462 ILE A CA  1 
ATOM   536  C C   . ILE A 1 74  ? 9.873   -10.728 -11.276 1.00 49.41  ? 462 ILE A C   1 
ATOM   537  O O   . ILE A 1 74  ? 9.933   -9.858  -12.174 1.00 44.55  ? 462 ILE A O   1 
ATOM   538  C CB  . ILE A 1 74  ? 9.384   -9.242  -9.217  1.00 50.11  ? 462 ILE A CB  1 
ATOM   539  C CG1 . ILE A 1 74  ? 9.854   -8.941  -7.791  1.00 52.75  ? 462 ILE A CG1 1 
ATOM   540  C CG2 . ILE A 1 74  ? 7.897   -9.587  -9.260  1.00 48.04  ? 462 ILE A CG2 1 
ATOM   541  C CD1 . ILE A 1 74  ? 9.154   -7.767  -7.152  1.00 54.68  ? 462 ILE A CD1 1 
ATOM   542  N N   . ASN A 1 75  ? 9.587   -12.016 -11.483 1.00 54.98  ? 463 ASN A N   1 
ATOM   543  C CA  . ASN A 1 75  ? 9.273   -12.595 -12.812 1.00 56.64  ? 463 ASN A CA  1 
ATOM   544  C C   . ASN A 1 75  ? 7.969   -11.960 -13.264 1.00 55.39  ? 463 ASN A C   1 
ATOM   545  O O   . ASN A 1 75  ? 7.035   -11.838 -12.474 1.00 56.68  ? 463 ASN A O   1 
ATOM   546  C CB  . ASN A 1 75  ? 9.215   -14.127 -12.798 1.00 59.00  ? 463 ASN A CB  1 
ATOM   547  C CG  . ASN A 1 75  ? 10.559  -14.779 -12.529 1.00 61.47  ? 463 ASN A CG  1 
ATOM   548  O OD1 . ASN A 1 75  ? 11.608  -14.213 -12.839 1.00 63.29  ? 463 ASN A OD1 1 
ATOM   549  N ND2 . ASN A 1 75  ? 10.539  -15.969 -11.948 1.00 61.81  ? 463 ASN A ND2 1 
ATOM   550  N N   . PRO A 1 76  ? 7.889   -11.515 -14.533 1.00 53.71  ? 464 PRO A N   1 
ATOM   551  C CA  . PRO A 1 76  ? 6.727   -10.781 -15.028 1.00 55.04  ? 464 PRO A CA  1 
ATOM   552  C C   . PRO A 1 76  ? 5.398   -11.488 -14.733 1.00 54.51  ? 464 PRO A C   1 
ATOM   553  O O   . PRO A 1 76  ? 5.283   -12.649 -15.099 1.00 53.25  ? 464 PRO A O   1 
ATOM   554  C CB  . PRO A 1 76  ? 6.934   -10.764 -16.546 1.00 54.11  ? 464 PRO A CB  1 
ATOM   555  C CG  . PRO A 1 76  ? 7.969   -11.845 -16.780 1.00 55.00  ? 464 PRO A CG  1 
ATOM   556  C CD  . PRO A 1 76  ? 8.884   -11.755 -15.583 1.00 52.05  ? 464 PRO A CD  1 
ATOM   557  N N   . ALA A 1 77  ? 4.454   -10.775 -14.106 1.00 52.09  ? 465 ALA A N   1 
ATOM   558  C CA  . ALA A 1 77  ? 3.086   -11.265 -13.808 1.00 48.82  ? 465 ALA A CA  1 
ATOM   559  C C   . ALA A 1 77  ? 2.070   -10.121 -13.859 1.00 47.11  ? 465 ALA A C   1 
ATOM   560  O O   . ALA A 1 77  ? 2.433   -8.943  -13.908 1.00 45.30  ? 465 ALA A O   1 
ATOM   561  C CB  . ALA A 1 77  ? 3.080   -11.950 -12.463 1.00 47.37  ? 465 ALA A CB  1 
ATOM   562  N N   . PRO A 1 78  ? 0.757   -10.446 -13.894 1.00 45.14  ? 466 PRO A N   1 
ATOM   563  C CA  . PRO A 1 78  ? -0.298  -9.470  -13.630 1.00 45.77  ? 466 PRO A CA  1 
ATOM   564  C C   . PRO A 1 78  ? -0.032  -8.741  -12.314 1.00 48.36  ? 466 PRO A C   1 
ATOM   565  O O   . PRO A 1 78  ? 0.607   -9.326  -11.473 1.00 57.66  ? 466 PRO A O   1 
ATOM   566  C CB  . PRO A 1 78  ? -1.560  -10.331 -13.501 1.00 45.26  ? 466 PRO A CB  1 
ATOM   567  C CG  . PRO A 1 78  ? -1.269  -11.514 -14.396 1.00 45.35  ? 466 PRO A CG  1 
ATOM   568  C CD  . PRO A 1 78  ? 0.215   -11.769 -14.234 1.00 45.14  ? 466 PRO A CD  1 
ATOM   569  N N   . ARG A 1 79  ? -0.513  -7.509  -12.161 1.00 49.96  ? 467 ARG A N   1 
ATOM   570  C CA  . ARG A 1 79  ? -0.323  -6.747  -10.897 1.00 50.50  ? 467 ARG A CA  1 
ATOM   571  C C   . ARG A 1 79  ? -1.074  -7.506  -9.797  1.00 46.49  ? 467 ARG A C   1 
ATOM   572  O O   . ARG A 1 79  ? -2.064  -8.189  -10.112 1.00 43.60  ? 467 ARG A O   1 
ATOM   573  C CB  . ARG A 1 79  ? -0.747  -5.280  -11.049 1.00 52.17  ? 467 ARG A CB  1 
ATOM   574  C CG  . ARG A 1 79  ? -2.230  -5.012  -10.829 1.00 57.96  ? 467 ARG A CG  1 
ATOM   575  C CD  . ARG A 1 79  ? -2.668  -3.670  -11.397 1.00 64.72  ? 467 ARG A CD  1 
ATOM   576  N NE  . ARG A 1 79  ? -3.450  -2.851  -10.473 1.00 70.37  ? 467 ARG A NE  1 
ATOM   577  C CZ  . ARG A 1 79  ? -3.784  -1.573  -10.671 1.00 76.60  ? 467 ARG A CZ  1 
ATOM   578  N NH1 . ARG A 1 79  ? -3.419  -0.944  -11.778 1.00 78.21  ? 467 ARG A NH1 1 
ATOM   579  N NH2 . ARG A 1 79  ? -4.488  -0.927  -9.753  1.00 80.21  ? 467 ARG A NH2 1 
ATOM   580  N N   . GLY A 1 80  ? -0.593  -7.432  -8.560  1.00 44.86  ? 468 GLY A N   1 
ATOM   581  C CA  . GLY A 1 80  ? -1.279  -8.045  -7.408  1.00 45.54  ? 468 GLY A CA  1 
ATOM   582  C C   . GLY A 1 80  ? -1.366  -9.552  -7.552  1.00 42.66  ? 468 GLY A C   1 
ATOM   583  O O   . GLY A 1 80  ? -2.327  -10.149 -7.061  1.00 44.55  ? 468 GLY A O   1 
ATOM   584  N N   . MET A 1 81  ? -0.398  -10.143 -8.235  1.00 41.33  ? 469 MET A N   1 
ATOM   585  C CA  . MET A 1 81  ? -0.314  -11.606 -8.425  1.00 41.41  ? 469 MET A CA  1 
ATOM   586  C C   . MET A 1 81  ? 0.917   -12.171 -7.718  1.00 39.17  ? 469 MET A C   1 
ATOM   587  O O   . MET A 1 81  ? 0.855   -13.270 -7.180  1.00 40.30  ? 469 MET A O   1 
ATOM   588  C CB  . MET A 1 81  ? -0.279  -11.920 -9.920  1.00 44.08  ? 469 MET A CB  1 
ATOM   589  C CG  . MET A 1 81  ? -1.237  -13.012 -10.310 1.00 45.96  ? 469 MET A CG  1 
ATOM   590  S SD  . MET A 1 81  ? -2.839  -12.796 -9.525  1.00 47.82  ? 469 MET A SD  1 
ATOM   591  C CE  . MET A 1 81  ? -3.607  -14.331 -10.032 1.00 49.64  ? 469 MET A CE  1 
ATOM   592  N N   . PRO A 1 82  ? 2.081   -11.484 -7.720  1.00 37.80  ? 470 PRO A N   1 
ATOM   593  C CA  . PRO A 1 82  ? 3.201   -11.874 -6.855  1.00 40.40  ? 470 PRO A CA  1 
ATOM   594  C C   . PRO A 1 82  ? 2.927   -11.974 -5.337  1.00 41.12  ? 470 PRO A C   1 
ATOM   595  O O   . PRO A 1 82  ? 2.021   -11.320 -4.835  1.00 43.46  ? 470 PRO A O   1 
ATOM   596  C CB  . PRO A 1 82  ? 4.209   -10.744 -7.125  1.00 39.76  ? 470 PRO A CB  1 
ATOM   597  C CG  . PRO A 1 82  ? 3.948   -10.375 -8.558  1.00 39.19  ? 470 PRO A CG  1 
ATOM   598  C CD  . PRO A 1 82  ? 2.440   -10.387 -8.632  1.00 38.43  ? 470 PRO A CD  1 
ATOM   599  N N   . GLN A 1 83  ? 3.723   -12.795 -4.637  1.00 39.25  ? 471 GLN A N   1 
ATOM   600  C CA  . GLN A 1 83  ? 3.693   -12.969 -3.158  1.00 38.02  ? 471 GLN A CA  1 
ATOM   601  C C   . GLN A 1 83  ? 5.009   -12.440 -2.574  1.00 35.28  ? 471 GLN A C   1 
ATOM   602  O O   . GLN A 1 83  ? 6.038   -13.135 -2.630  1.00 32.34  ? 471 GLN A O   1 
ATOM   603  C CB  . GLN A 1 83  ? 3.428   -14.430 -2.777  1.00 39.22  ? 471 GLN A CB  1 
ATOM   604  C CG  . GLN A 1 83  ? 1.986   -14.868 -3.018  1.00 40.62  ? 471 GLN A CG  1 
ATOM   605  C CD  . GLN A 1 83  ? 1.780   -16.360 -2.890  1.00 42.02  ? 471 GLN A CD  1 
ATOM   606  O OE1 . GLN A 1 83  ? 2.096   -16.973 -1.872  1.00 42.23  ? 471 GLN A OE1 1 
ATOM   607  N NE2 . GLN A 1 83  ? 1.229   -16.961 -3.933  1.00 43.35  ? 471 GLN A NE2 1 
ATOM   608  N N   . ILE A 1 84  ? 4.964   -11.215 -2.064  1.00 35.56  ? 472 ILE A N   1 
ATOM   609  C CA  . ILE A 1 84  ? 6.105   -10.537 -1.396  1.00 35.89  ? 472 ILE A CA  1 
ATOM   610  C C   . ILE A 1 84  ? 5.853   -10.590 0.108   1.00 35.57  ? 472 ILE A C   1 
ATOM   611  O O   . ILE A 1 84  ? 5.007   -9.811  0.590   1.00 36.29  ? 472 ILE A O   1 
ATOM   612  C CB  . ILE A 1 84  ? 6.251   -9.089  -1.889  1.00 35.64  ? 472 ILE A CB  1 
ATOM   613  C CG1 . ILE A 1 84  ? 6.322   -9.004  -3.411  1.00 33.05  ? 472 ILE A CG1 1 
ATOM   614  C CG2 . ILE A 1 84  ? 7.463   -8.449  -1.235  1.00 39.39  ? 472 ILE A CG2 1 
ATOM   615  C CD1 . ILE A 1 84  ? 7.499   -9.733  -4.002  1.00 32.27  ? 472 ILE A CD1 1 
ATOM   616  N N   . GLU A 1 85  ? 6.553   -11.475 0.811   1.00 33.11  ? 473 GLU A N   1 
ATOM   617  C CA  . GLU A 1 85  ? 6.337   -11.674 2.257   1.00 33.81  ? 473 GLU A CA  1 
ATOM   618  C C   . GLU A 1 85  ? 7.329   -10.797 3.021   1.00 34.80  ? 473 GLU A C   1 
ATOM   619  O O   . GLU A 1 85  ? 8.513   -11.167 3.119   1.00 36.42  ? 473 GLU A O   1 
ATOM   620  C CB  . GLU A 1 85  ? 6.482   -13.147 2.609   1.00 35.01  ? 473 GLU A CB  1 
ATOM   621  C CG  . GLU A 1 85  ? 5.995   -13.466 4.011   1.00 36.20  ? 473 GLU A CG  1 
ATOM   622  C CD  . GLU A 1 85  ? 6.755   -14.609 4.645   1.00 35.42  ? 473 GLU A CD  1 
ATOM   623  O OE1 . GLU A 1 85  ? 7.908   -14.386 5.060   1.00 33.95  ? 473 GLU A OE1 1 
ATOM   624  O OE2 . GLU A 1 85  ? 6.209   -15.717 4.669   1.00 35.46  ? 473 GLU A OE2 1 
ATOM   625  N N   . VAL A 1 86  ? 6.854   -9.675  3.555   1.00 34.11  ? 474 VAL A N   1 
ATOM   626  C CA  . VAL A 1 86  ? 7.693   -8.747  4.361   1.00 33.76  ? 474 VAL A CA  1 
ATOM   627  C C   . VAL A 1 86  ? 7.635   -9.219  5.810   1.00 34.31  ? 474 VAL A C   1 
ATOM   628  O O   . VAL A 1 86  ? 6.518   -9.363  6.318   1.00 37.73  ? 474 VAL A O   1 
ATOM   629  C CB  . VAL A 1 86  ? 7.219   -7.291  4.225   1.00 33.19  ? 474 VAL A CB  1 
ATOM   630  C CG1 . VAL A 1 86  ? 8.183   -6.342  4.910   1.00 34.37  ? 474 VAL A CG1 1 
ATOM   631  C CG2 . VAL A 1 86  ? 7.022   -6.887  2.774   1.00 32.58  ? 474 VAL A CG2 1 
ATOM   632  N N   . THR A 1 87  ? 8.784   -9.453  6.444   1.00 35.21  ? 475 THR A N   1 
ATOM   633  C CA  . THR A 1 87  ? 8.872   -9.941  7.848   1.00 35.28  ? 475 THR A CA  1 
ATOM   634  C C   . THR A 1 87  ? 9.647   -8.931  8.687   1.00 34.13  ? 475 THR A C   1 
ATOM   635  O O   . THR A 1 87  ? 10.691  -8.479  8.213   1.00 35.83  ? 475 THR A O   1 
ATOM   636  C CB  . THR A 1 87  ? 9.568   -11.303 7.920   1.00 36.32  ? 475 THR A CB  1 
ATOM   637  O OG1 . THR A 1 87  ? 8.991   -12.149 6.923   1.00 36.67  ? 475 THR A OG1 1 
ATOM   638  C CG2 . THR A 1 87  ? 9.465   -11.939 9.290   1.00 36.99  ? 475 THR A CG2 1 
ATOM   639  N N   . PHE A 1 88  ? 9.153   -8.605  9.882   1.00 33.41  ? 476 PHE A N   1 
ATOM   640  C CA  . PHE A 1 88  ? 9.856   -7.761  10.885  1.00 34.00  ? 476 PHE A CA  1 
ATOM   641  C C   . PHE A 1 88  ? 10.234  -8.643  12.079  1.00 35.49  ? 476 PHE A C   1 
ATOM   642  O O   . PHE A 1 88  ? 9.316   -9.273  12.633  1.00 34.97  ? 476 PHE A O   1 
ATOM   643  C CB  . PHE A 1 88  ? 8.975   -6.586  11.311  1.00 32.90  ? 476 PHE A CB  1 
ATOM   644  C CG  . PHE A 1 88  ? 8.930   -5.419  10.358  1.00 29.74  ? 476 PHE A CG  1 
ATOM   645  C CD1 . PHE A 1 88  ? 8.701   -5.604  9.012   1.00 29.85  ? 476 PHE A CD1 1 
ATOM   646  C CD2 . PHE A 1 88  ? 9.076   -4.127  10.824  1.00 29.49  ? 476 PHE A CD2 1 
ATOM   647  C CE1 . PHE A 1 88  ? 8.650   -4.523  8.147   1.00 30.95  ? 476 PHE A CE1 1 
ATOM   648  C CE2 . PHE A 1 88  ? 9.028   -3.046  9.960   1.00 30.02  ? 476 PHE A CE2 1 
ATOM   649  C CZ  . PHE A 1 88  ? 8.819   -3.245  8.620   1.00 30.71  ? 476 PHE A CZ  1 
ATOM   650  N N   . ASP A 1 89  ? 11.530  -8.695  12.427  1.00 40.44  ? 477 ASP A N   1 
ATOM   651  C CA  . ASP A 1 89  ? 12.118  -9.566  13.487  1.00 44.06  ? 477 ASP A CA  1 
ATOM   652  C C   . ASP A 1 89  ? 12.892  -8.695  14.483  1.00 46.53  ? 477 ASP A C   1 
ATOM   653  O O   . ASP A 1 89  ? 13.897  -8.099  14.076  1.00 52.53  ? 477 ASP A O   1 
ATOM   654  C CB  . ASP A 1 89  ? 13.033  -10.628 12.870  1.00 47.02  ? 477 ASP A CB  1 
ATOM   655  C CG  . ASP A 1 89  ? 13.466  -11.723 13.834  1.00 53.57  ? 477 ASP A CG  1 
ATOM   656  O OD1 . ASP A 1 89  ? 13.750  -11.385 15.004  1.00 59.46  ? 477 ASP A OD1 1 
ATOM   657  O OD2 . ASP A 1 89  ? 13.519  -12.916 13.407  1.00 55.55  ? 477 ASP A OD2 1 
ATOM   658  N N   . ILE A 1 90  ? 12.435  -8.602  15.734  1.00 50.64  ? 478 ILE A N   1 
ATOM   659  C CA  . ILE A 1 90  ? 13.192  -7.926  16.834  1.00 54.99  ? 478 ILE A CA  1 
ATOM   660  C C   . ILE A 1 90  ? 13.568  -8.978  17.890  1.00 58.57  ? 478 ILE A C   1 
ATOM   661  O O   . ILE A 1 90  ? 12.674  -9.697  18.388  1.00 56.50  ? 478 ILE A O   1 
ATOM   662  C CB  . ILE A 1 90  ? 12.425  -6.728  17.430  1.00 56.17  ? 478 ILE A CB  1 
ATOM   663  C CG1 . ILE A 1 90  ? 11.715  -5.921  16.336  1.00 55.23  ? 478 ILE A CG1 1 
ATOM   664  C CG2 . ILE A 1 90  ? 13.359  -5.873  18.282  1.00 53.65  ? 478 ILE A CG2 1 
ATOM   665  C CD1 . ILE A 1 90  ? 11.447  -4.471  16.683  1.00 52.73  ? 478 ILE A CD1 1 
ATOM   666  N N   . ASP A 1 91  ? 14.867  -9.069  18.181  1.00 62.42  ? 479 ASP A N   1 
ATOM   667  C CA  . ASP A 1 91  ? 15.492  -10.090 19.062  1.00 60.21  ? 479 ASP A CA  1 
ATOM   668  C C   . ASP A 1 91  ? 15.567  -9.476  20.456  1.00 57.47  ? 479 ASP A C   1 
ATOM   669  O O   . ASP A 1 91  ? 14.984  -8.385  20.642  1.00 56.41  ? 479 ASP A O   1 
ATOM   670  C CB  . ASP A 1 91  ? 16.855  -10.507 18.500  1.00 60.61  ? 479 ASP A CB  1 
ATOM   671  C CG  . ASP A 1 91  ? 17.675  -9.334  17.971  1.00 60.41  ? 479 ASP A CG  1 
ATOM   672  O OD1 . ASP A 1 91  ? 17.472  -8.206  18.473  1.00 55.32  ? 479 ASP A OD1 1 
ATOM   673  O OD2 . ASP A 1 91  ? 18.495  -9.548  17.042  1.00 57.13  ? 479 ASP A OD2 1 
ATOM   674  N N   . ALA A 1 92  ? 16.258  -10.132 21.387  1.00 56.58  ? 480 ALA A N   1 
ATOM   675  C CA  . ALA A 1 92  ? 16.424  -9.658  22.783  1.00 58.27  ? 480 ALA A CA  1 
ATOM   676  C C   . ALA A 1 92  ? 17.263  -8.371  22.835  1.00 53.02  ? 480 ALA A C   1 
ATOM   677  O O   . ALA A 1 92  ? 17.093  -7.628  23.807  1.00 45.23  ? 480 ALA A O   1 
ATOM   678  C CB  . ALA A 1 92  ? 17.026  -10.751 23.637  1.00 60.46  ? 480 ALA A CB  1 
ATOM   679  N N   . ASP A 1 93  ? 18.099  -8.104  21.821  1.00 55.77  ? 481 ASP A N   1 
ATOM   680  C CA  . ASP A 1 93  ? 19.100  -6.994  21.811  1.00 58.60  ? 481 ASP A CA  1 
ATOM   681  C C   . ASP A 1 93  ? 18.472  -5.678  21.294  1.00 58.88  ? 481 ASP A C   1 
ATOM   682  O O   . ASP A 1 93  ? 19.138  -4.625  21.433  1.00 58.42  ? 481 ASP A O   1 
ATOM   683  C CB  . ASP A 1 93  ? 20.354  -7.411  21.026  1.00 57.65  ? 481 ASP A CB  1 
ATOM   684  C CG  . ASP A 1 93  ? 21.124  -8.586  21.627  1.00 57.15  ? 481 ASP A CG  1 
ATOM   685  O OD1 . ASP A 1 93  ? 20.518  -9.410  22.325  1.00 59.95  ? 481 ASP A OD1 1 
ATOM   686  O OD2 . ASP A 1 93  ? 22.327  -8.681  21.387  1.00 55.74  ? 481 ASP A OD2 1 
ATOM   687  N N   . GLY A 1 94  ? 17.244  -5.715  20.746  1.00 56.17  ? 482 GLY A N   1 
ATOM   688  C CA  . GLY A 1 94  ? 16.481  -4.540  20.263  1.00 50.85  ? 482 GLY A CA  1 
ATOM   689  C C   . GLY A 1 94  ? 16.633  -4.325  18.760  1.00 47.62  ? 482 GLY A C   1 
ATOM   690  O O   . GLY A 1 94  ? 15.996  -3.410  18.202  1.00 42.74  ? 482 GLY A O   1 
ATOM   691  N N   . ILE A 1 95  ? 17.431  -5.163  18.108  1.00 45.25  ? 483 ILE A N   1 
ATOM   692  C CA  . ILE A 1 95  ? 17.835  -5.002  16.684  1.00 46.61  ? 483 ILE A CA  1 
ATOM   693  C C   . ILE A 1 95  ? 16.654  -5.423  15.788  1.00 42.88  ? 483 ILE A C   1 
ATOM   694  O O   . ILE A 1 95  ? 16.148  -6.553  15.943  1.00 42.13  ? 483 ILE A O   1 
ATOM   695  C CB  . ILE A 1 95  ? 19.130  -5.810  16.440  1.00 49.33  ? 483 ILE A CB  1 
ATOM   696  C CG1 . ILE A 1 95  ? 20.234  -5.399  17.416  1.00 52.74  ? 483 ILE A CG1 1 
ATOM   697  C CG2 . ILE A 1 95  ? 19.619  -5.704  15.004  1.00 49.36  ? 483 ILE A CG2 1 
ATOM   698  C CD1 . ILE A 1 95  ? 21.206  -6.512  17.731  1.00 55.31  ? 483 ILE A CD1 1 
ATOM   699  N N   . LEU A 1 96  ? 16.220  -4.544  14.884  1.00 36.25  ? 484 LEU A N   1 
ATOM   700  C CA  . LEU A 1 96  ? 15.135  -4.860  13.926  1.00 36.35  ? 484 LEU A CA  1 
ATOM   701  C C   . LEU A 1 96  ? 15.749  -5.288  12.591  1.00 37.73  ? 484 LEU A C   1 
ATOM   702  O O   . LEU A 1 96  ? 16.520  -4.494  12.001  1.00 38.75  ? 484 LEU A O   1 
ATOM   703  C CB  . LEU A 1 96  ? 14.229  -3.638  13.730  1.00 34.97  ? 484 LEU A CB  1 
ATOM   704  C CG  . LEU A 1 96  ? 13.358  -3.675  12.472  1.00 31.33  ? 484 LEU A CG  1 
ATOM   705  C CD1 . LEU A 1 96  ? 12.300  -4.758  12.586  1.00 29.82  ? 484 LEU A CD1 1 
ATOM   706  C CD2 . LEU A 1 96  ? 12.740  -2.319  12.197  1.00 29.26  ? 484 LEU A CD2 1 
ATOM   707  N N   . HIS A 1 97  ? 15.374  -6.473  12.109  1.00 37.00  ? 485 HIS A N   1 
ATOM   708  C CA  . HIS A 1 97  ? 15.743  -6.990  10.768  1.00 36.46  ? 485 HIS A CA  1 
ATOM   709  C C   . HIS A 1 97  ? 14.470  -7.106  9.958   1.00 34.46  ? 485 HIS A C   1 
ATOM   710  O O   . HIS A 1 97  ? 13.473  -7.592  10.516  1.00 32.12  ? 485 HIS A O   1 
ATOM   711  C CB  . HIS A 1 97  ? 16.416  -8.366  10.825  1.00 39.09  ? 485 HIS A CB  1 
ATOM   712  C CG  . HIS A 1 97  ? 17.320  -8.564  11.990  1.00 40.53  ? 485 HIS A CG  1 
ATOM   713  N ND1 . HIS A 1 97  ? 18.692  -8.549  11.856  1.00 41.79  ? 485 HIS A ND1 1 
ATOM   714  C CD2 . HIS A 1 97  ? 17.052  -8.781  13.298  1.00 41.73  ? 485 HIS A CD2 1 
ATOM   715  C CE1 . HIS A 1 97  ? 19.237  -8.761  13.039  1.00 46.65  ? 485 HIS A CE1 1 
ATOM   716  N NE2 . HIS A 1 97  ? 18.247  -8.903  13.945  1.00 44.96  ? 485 HIS A NE2 1 
ATOM   717  N N   . VAL A 1 98  ? 14.534  -6.716  8.692   1.00 34.59  ? 486 VAL A N   1 
ATOM   718  C CA  . VAL A 1 98  ? 13.352  -6.689  7.796   1.00 34.24  ? 486 VAL A CA  1 
ATOM   719  C C   . VAL A 1 98  ? 13.743  -7.326  6.474   1.00 34.88  ? 486 VAL A C   1 
ATOM   720  O O   . VAL A 1 98  ? 14.550  -6.737  5.774   1.00 36.95  ? 486 VAL A O   1 
ATOM   721  C CB  . VAL A 1 98  ? 12.851  -5.256  7.584   1.00 34.57  ? 486 VAL A CB  1 
ATOM   722  C CG1 . VAL A 1 98  ? 11.662  -5.233  6.641   1.00 36.24  ? 486 VAL A CG1 1 
ATOM   723  C CG2 . VAL A 1 98  ? 12.513  -4.590  8.903   1.00 34.90  ? 486 VAL A CG2 1 
ATOM   724  N N   . SER A 1 99  ? 13.161  -8.477  6.159   1.00 37.52  ? 487 SER A N   1 
ATOM   725  C CA  . SER A 1 99  ? 13.327  -9.178  4.865   1.00 38.79  ? 487 SER A CA  1 
ATOM   726  C C   . SER A 1 99  ? 12.069  -9.005  4.013   1.00 41.33  ? 487 SER A C   1 
ATOM   727  O O   . SER A 1 99  ? 10.991  -8.716  4.565   1.00 41.08  ? 487 SER A O   1 
ATOM   728  C CB  . SER A 1 99  ? 13.636  -10.632 5.076   1.00 39.14  ? 487 SER A CB  1 
ATOM   729  O OG  . SER A 1 99  ? 12.515  -11.306 5.615   1.00 38.54  ? 487 SER A OG  1 
ATOM   730  N N   . ALA A 1 100 ? 12.234  -9.187  2.706   1.00 44.45  ? 488 ALA A N   1 
ATOM   731  C CA  . ALA A 1 100 ? 11.161  -9.396  1.715   1.00 45.71  ? 488 ALA A CA  1 
ATOM   732  C C   . ALA A 1 100 ? 11.562  -10.595 0.858   1.00 49.22  ? 488 ALA A C   1 
ATOM   733  O O   . ALA A 1 100 ? 12.684  -10.551 0.322   1.00 49.69  ? 488 ALA A O   1 
ATOM   734  C CB  . ALA A 1 100 ? 10.998  -8.156  0.887   1.00 46.59  ? 488 ALA A CB  1 
ATOM   735  N N   . LYS A 1 101 ? 10.699  -11.614 0.766   1.00 52.17  ? 489 LYS A N   1 
ATOM   736  C CA  . LYS A 1 101 ? 10.952  -12.893 0.041   1.00 50.69  ? 489 LYS A CA  1 
ATOM   737  C C   . LYS A 1 101 ? 9.892   -13.081 -1.061  1.00 49.29  ? 489 LYS A C   1 
ATOM   738  O O   . LYS A 1 101 ? 8.700   -13.204 -0.725  1.00 46.67  ? 489 LYS A O   1 
ATOM   739  C CB  . LYS A 1 101 ? 10.983  -14.060 1.033   1.00 51.24  ? 489 LYS A CB  1 
ATOM   740  C CG  . LYS A 1 101 ? 10.975  -15.453 0.408   1.00 56.14  ? 489 LYS A CG  1 
ATOM   741  C CD  . LYS A 1 101 ? 11.422  -16.565 1.348   1.00 56.16  ? 489 LYS A CD  1 
ATOM   742  N N   . ASP A 1 102 ? 10.326  -13.062 -2.329  1.00 49.27  ? 490 ASP A N   1 
ATOM   743  C CA  . ASP A 1 102 ? 9.537   -13.470 -3.525  1.00 47.49  ? 490 ASP A CA  1 
ATOM   744  C C   . ASP A 1 102 ? 9.363   -14.984 -3.438  1.00 47.46  ? 490 ASP A C   1 
ATOM   745  O O   . ASP A 1 102 ? 10.378  -15.700 -3.579  1.00 46.93  ? 490 ASP A O   1 
ATOM   746  C CB  . ASP A 1 102 ? 10.223  -13.060 -4.834  1.00 47.43  ? 490 ASP A CB  1 
ATOM   747  C CG  . ASP A 1 102 ? 9.540   -13.541 -6.107  1.00 47.05  ? 490 ASP A CG  1 
ATOM   748  O OD1 . ASP A 1 102 ? 8.649   -14.408 -6.013  1.00 45.06  ? 490 ASP A OD1 1 
ATOM   749  O OD2 . ASP A 1 102 ? 9.917   -13.050 -7.192  1.00 48.02  ? 490 ASP A OD2 1 
ATOM   750  N N   . LYS A 1 103 ? 8.125   -15.427 -3.204  1.00 46.09  ? 491 LYS A N   1 
ATOM   751  C CA  . LYS A 1 103 ? 7.780   -16.839 -2.899  1.00 44.44  ? 491 LYS A CA  1 
ATOM   752  C C   . LYS A 1 103 ? 7.855   -17.685 -4.173  1.00 44.87  ? 491 LYS A C   1 
ATOM   753  O O   . LYS A 1 103 ? 7.857   -18.915 -4.053  1.00 44.41  ? 491 LYS A O   1 
ATOM   754  C CB  . LYS A 1 103 ? 6.403   -16.917 -2.235  1.00 42.58  ? 491 LYS A CB  1 
ATOM   755  C CG  . LYS A 1 103 ? 6.374   -16.448 -0.787  1.00 43.03  ? 491 LYS A CG  1 
ATOM   756  C CD  . LYS A 1 103 ? 5.107   -16.835 -0.052  1.00 44.99  ? 491 LYS A CD  1 
ATOM   757  C CE  . LYS A 1 103 ? 5.206   -16.734 1.458   1.00 45.41  ? 491 LYS A CE  1 
ATOM   758  N NZ  . LYS A 1 103 ? 4.478   -17.846 2.119   1.00 46.88  ? 491 LYS A NZ  1 
ATOM   759  N N   . ASN A 1 104 ? 7.932   -17.056 -5.347  1.00 50.33  ? 492 ASN A N   1 
ATOM   760  C CA  . ASN A 1 104 ? 8.210   -17.762 -6.627  1.00 53.69  ? 492 ASN A CA  1 
ATOM   761  C C   . ASN A 1 104 ? 9.729   -17.876 -6.801  1.00 51.88  ? 492 ASN A C   1 
ATOM   762  O O   . ASN A 1 104 ? 10.269  -18.960 -6.509  1.00 48.96  ? 492 ASN A O   1 
ATOM   763  C CB  . ASN A 1 104 ? 7.548   -17.067 -7.817  1.00 55.80  ? 492 ASN A CB  1 
ATOM   764  C CG  . ASN A 1 104 ? 7.871   -17.749 -9.126  1.00 56.09  ? 492 ASN A CG  1 
ATOM   765  O OD1 . ASN A 1 104 ? 8.644   -17.227 -9.929  1.00 58.67  ? 492 ASN A OD1 1 
ATOM   766  N ND2 . ASN A 1 104 ? 7.305   -18.925 -9.328  1.00 54.09  ? 492 ASN A ND2 1 
ATOM   767  N N   . SER A 1 105 ? 10.383  -16.786 -7.220  1.00 51.99  ? 493 SER A N   1 
ATOM   768  C CA  . SER A 1 105 ? 11.848  -16.711 -7.470  1.00 53.57  ? 493 SER A CA  1 
ATOM   769  C C   . SER A 1 105 ? 12.589  -17.371 -6.306  1.00 51.09  ? 493 SER A C   1 
ATOM   770  O O   . SER A 1 105 ? 13.582  -18.072 -6.562  1.00 54.24  ? 493 SER A O   1 
ATOM   771  C CB  . SER A 1 105 ? 12.318  -15.283 -7.699  1.00 56.38  ? 493 SER A CB  1 
ATOM   772  O OG  . SER A 1 105 ? 12.311  -14.522 -6.497  1.00 56.15  ? 493 SER A OG  1 
ATOM   773  N N   . GLY A 1 106 ? 12.103  -17.166 -5.082  1.00 47.85  ? 494 GLY A N   1 
ATOM   774  C CA  . GLY A 1 106 ? 12.756  -17.651 -3.856  1.00 48.22  ? 494 GLY A CA  1 
ATOM   775  C C   . GLY A 1 106 ? 13.889  -16.732 -3.428  1.00 47.94  ? 494 GLY A C   1 
ATOM   776  O O   . GLY A 1 106 ? 14.618  -17.127 -2.499  1.00 42.54  ? 494 GLY A O   1 
ATOM   777  N N   . LYS A 1 107 ? 14.026  -15.560 -4.082  1.00 50.97  ? 495 LYS A N   1 
ATOM   778  C CA  . LYS A 1 107 ? 15.014  -14.480 -3.771  1.00 52.24  ? 495 LYS A CA  1 
ATOM   779  C C   . LYS A 1 107 ? 14.707  -13.891 -2.386  1.00 53.11  ? 495 LYS A C   1 
ATOM   780  O O   . LYS A 1 107 ? 13.695  -14.310 -1.774  1.00 57.29  ? 495 LYS A O   1 
ATOM   781  C CB  . LYS A 1 107 ? 14.979  -13.357 -4.818  1.00 54.03  ? 495 LYS A CB  1 
ATOM   782  C CG  . LYS A 1 107 ? 15.472  -13.722 -6.214  1.00 54.34  ? 495 LYS A CG  1 
ATOM   783  C CD  . LYS A 1 107 ? 16.261  -12.609 -6.874  1.00 53.69  ? 495 LYS A CD  1 
ATOM   784  N N   . GLU A 1 108 ? 15.548  -12.970 -1.900  1.00 51.02  ? 496 GLU A N   1 
ATOM   785  C CA  . GLU A 1 108 ? 15.413  -12.357 -0.546  1.00 52.80  ? 496 GLU A CA  1 
ATOM   786  C C   . GLU A 1 108 ? 16.351  -11.156 -0.429  1.00 51.04  ? 496 GLU A C   1 
ATOM   787  O O   . GLU A 1 108 ? 17.376  -11.149 -1.111  1.00 52.29  ? 496 GLU A O   1 
ATOM   788  C CB  . GLU A 1 108 ? 15.731  -13.358 0.573   1.00 54.34  ? 496 GLU A CB  1 
ATOM   789  C CG  . GLU A 1 108 ? 15.306  -12.874 1.951   1.00 56.01  ? 496 GLU A CG  1 
ATOM   790  C CD  . GLU A 1 108 ? 15.608  -13.814 3.103   1.00 56.53  ? 496 GLU A CD  1 
ATOM   791  O OE1 . GLU A 1 108 ? 16.794  -14.028 3.378   1.00 61.87  ? 496 GLU A OE1 1 
ATOM   792  O OE2 . GLU A 1 108 ? 14.659  -14.314 3.734   1.00 57.13  ? 496 GLU A OE2 1 
ATOM   793  N N   . GLN A 1 109 ? 15.995  -10.190 0.417   1.00 51.89  ? 497 GLN A N   1 
ATOM   794  C CA  . GLN A 1 109 ? 16.796  -8.972  0.701   1.00 51.79  ? 497 GLN A CA  1 
ATOM   795  C C   . GLN A 1 109 ? 16.396  -8.439  2.077   1.00 47.80  ? 497 GLN A C   1 
ATOM   796  O O   . GLN A 1 109 ? 15.211  -8.152  2.283   1.00 48.06  ? 497 GLN A O   1 
ATOM   797  C CB  . GLN A 1 109 ? 16.576  -7.907  -0.378  1.00 56.53  ? 497 GLN A CB  1 
ATOM   798  C CG  . GLN A 1 109 ? 17.608  -7.925  -1.502  1.00 60.35  ? 497 GLN A CG  1 
ATOM   799  C CD  . GLN A 1 109 ? 18.993  -7.526  -1.052  1.00 63.30  ? 497 GLN A CD  1 
ATOM   800  O OE1 . GLN A 1 109 ? 19.186  -6.538  -0.344  1.00 65.35  ? 497 GLN A OE1 1 
ATOM   801  N NE2 . GLN A 1 109 ? 19.982  -8.300  -1.469  1.00 67.38  ? 497 GLN A NE2 1 
ATOM   802  N N   . LYS A 1 110 ? 17.364  -8.314  2.976   1.00 44.30  ? 498 LYS A N   1 
ATOM   803  C CA  . LYS A 1 110 ? 17.148  -7.904  4.378   1.00 42.14  ? 498 LYS A CA  1 
ATOM   804  C C   . LYS A 1 110 ? 17.934  -6.617  4.619   1.00 42.87  ? 498 LYS A C   1 
ATOM   805  O O   . LYS A 1 110 ? 19.002  -6.437  4.006   1.00 43.21  ? 498 LYS A O   1 
ATOM   806  C CB  . LYS A 1 110 ? 17.570  -9.033  5.320   1.00 41.91  ? 498 LYS A CB  1 
ATOM   807  C CG  . LYS A 1 110 ? 17.404  -10.428 4.733   1.00 43.85  ? 498 LYS A CG  1 
ATOM   808  C CD  . LYS A 1 110 ? 18.158  -11.504 5.483   1.00 46.37  ? 498 LYS A CD  1 
ATOM   809  C CE  . LYS A 1 110 ? 17.528  -11.848 6.813   1.00 48.57  ? 498 LYS A CE  1 
ATOM   810  N NZ  . LYS A 1 110 ? 17.864  -13.233 7.223   1.00 50.94  ? 498 LYS A NZ  1 
ATOM   811  N N   . ILE A 1 111 ? 17.390  -5.753  5.472   1.00 44.56  ? 499 ILE A N   1 
ATOM   812  C CA  . ILE A 1 111 ? 18.095  -4.596  6.094   1.00 43.80  ? 499 ILE A CA  1 
ATOM   813  C C   . ILE A 1 111 ? 18.054  -4.801  7.612   1.00 43.41  ? 499 ILE A C   1 
ATOM   814  O O   . ILE A 1 111 ? 16.967  -5.168  8.135   1.00 42.54  ? 499 ILE A O   1 
ATOM   815  C CB  . ILE A 1 111 ? 17.460  -3.262  5.655   1.00 44.54  ? 499 ILE A CB  1 
ATOM   816  C CG1 . ILE A 1 111 ? 18.279  -2.055  6.125   1.00 45.23  ? 499 ILE A CG1 1 
ATOM   817  C CG2 . ILE A 1 111 ? 16.010  -3.174  6.114   1.00 46.57  ? 499 ILE A CG2 1 
ATOM   818  C CD1 . ILE A 1 111 ? 17.841  -0.733  5.521   1.00 45.20  ? 499 ILE A CD1 1 
ATOM   819  N N   . THR A 1 112 ? 19.197  -4.634  8.285   1.00 42.74  ? 500 THR A N   1 
ATOM   820  C CA  . THR A 1 112 ? 19.289  -4.687  9.769   1.00 40.89  ? 500 THR A CA  1 
ATOM   821  C C   . THR A 1 112 ? 19.390  -3.246  10.280  1.00 38.32  ? 500 THR A C   1 
ATOM   822  O O   . THR A 1 112 ? 20.055  -2.444  9.610   1.00 34.16  ? 500 THR A O   1 
ATOM   823  C CB  . THR A 1 112 ? 20.388  -5.660  10.206  1.00 40.92  ? 500 THR A CB  1 
ATOM   824  O OG1 . THR A 1 112 ? 19.939  -6.977  9.891   1.00 40.49  ? 500 THR A OG1 1 
ATOM   825  C CG2 . THR A 1 112 ? 20.671  -5.617  11.689  1.00 42.10  ? 500 THR A CG2 1 
ATOM   826  N N   . ILE A 1 113 ? 18.694  -2.947  11.386  1.00 39.54  ? 501 ILE A N   1 
ATOM   827  C CA  . ILE A 1 113 ? 18.508  -1.582  11.977  1.00 41.05  ? 501 ILE A CA  1 
ATOM   828  C C   . ILE A 1 113 ? 18.844  -1.637  13.469  1.00 42.10  ? 501 ILE A C   1 
ATOM   829  O O   . ILE A 1 113 ? 18.149  -2.365  14.199  1.00 43.64  ? 501 ILE A O   1 
ATOM   830  C CB  . ILE A 1 113 ? 17.071  -1.062  11.754  1.00 39.81  ? 501 ILE A CB  1 
ATOM   831  C CG1 . ILE A 1 113 ? 16.917  -0.353  10.405  1.00 38.97  ? 501 ILE A CG1 1 
ATOM   832  C CD1 . ILE A 1 113 ? 15.736  -0.815  9.595   1.00 37.46  ? 501 ILE A CD1 1 
ATOM   833  N N   . LYS A 1 114 ? 19.850  -0.867  13.888  1.00 46.45  ? 502 LYS A N   1 
ATOM   834  C CA  . LYS A 1 114 ? 20.403  -0.867  15.271  1.00 48.85  ? 502 LYS A CA  1 
ATOM   835  C C   . LYS A 1 114 ? 19.337  -0.283  16.206  1.00 47.18  ? 502 LYS A C   1 
ATOM   836  O O   . LYS A 1 114 ? 18.651  0.683   15.794  1.00 39.33  ? 502 LYS A O   1 
ATOM   837  C CB  . LYS A 1 114 ? 21.755  -0.132  15.368  1.00 53.21  ? 502 LYS A CB  1 
ATOM   838  C CG  . LYS A 1 114 ? 22.085  0.887   14.273  1.00 56.37  ? 502 LYS A CG  1 
ATOM   839  C CD  . LYS A 1 114 ? 23.403  1.642   14.468  1.00 57.99  ? 502 LYS A CD  1 
ATOM   840  C CE  . LYS A 1 114 ? 23.703  2.660   13.380  1.00 55.95  ? 502 LYS A CE  1 
ATOM   841  N N   . ALA A 1 115 ? 19.211  -0.872  17.407  1.00 48.14  ? 503 ALA A N   1 
ATOM   842  C CA  . ALA A 1 115 ? 18.212  -0.533  18.449  1.00 46.41  ? 503 ALA A CA  1 
ATOM   843  C C   . ALA A 1 115 ? 18.224  0.976   18.706  1.00 46.82  ? 503 ALA A C   1 
ATOM   844  O O   . ALA A 1 115 ? 17.219  1.484   19.224  1.00 44.96  ? 503 ALA A O   1 
ATOM   845  C CB  . ALA A 1 115 ? 18.502  -1.303  19.713  1.00 45.73  ? 503 ALA A CB  1 
ATOM   846  N N   . SER A 1 116 ? 19.331  1.644   18.351  1.00 49.23  ? 504 SER A N   1 
ATOM   847  C CA  . SER A 1 116 ? 19.578  3.100   18.526  1.00 49.37  ? 504 SER A CA  1 
ATOM   848  C C   . SER A 1 116 ? 19.064  3.904   17.325  1.00 52.19  ? 504 SER A C   1 
ATOM   849  O O   . SER A 1 116 ? 19.133  5.144   17.384  1.00 52.47  ? 504 SER A O   1 
ATOM   850  C CB  . SER A 1 116 ? 21.047  3.361   18.763  1.00 49.01  ? 504 SER A CB  1 
ATOM   851  O OG  . SER A 1 116 ? 21.854  2.824   17.722  1.00 45.88  ? 504 SER A OG  1 
ATOM   852  N N   . SER A 1 117 ? 18.573  3.245   16.270  1.00 58.49  ? 505 SER A N   1 
ATOM   853  C CA  . SER A 1 117 ? 18.020  3.916   15.061  1.00 60.65  ? 505 SER A CA  1 
ATOM   854  C C   . SER A 1 117 ? 16.688  4.594   15.411  1.00 59.59  ? 505 SER A C   1 
ATOM   855  O O   . SER A 1 117 ? 16.079  4.235   16.447  1.00 61.10  ? 505 SER A O   1 
ATOM   856  C CB  . SER A 1 117 ? 17.859  2.952   13.907  1.00 62.33  ? 505 SER A CB  1 
ATOM   857  O OG  . SER A 1 117 ? 19.105  2.389   13.522  1.00 63.74  ? 505 SER A OG  1 
ATOM   858  N N   . GLY A 1 118 ? 16.266  5.556   14.590  1.00 56.05  ? 506 GLY A N   1 
ATOM   859  C CA  . GLY A 1 118 ? 14.965  6.234   14.724  1.00 55.56  ? 506 GLY A CA  1 
ATOM   860  C C   . GLY A 1 118 ? 14.834  7.005   16.028  1.00 54.75  ? 506 GLY A C   1 
ATOM   861  O O   . GLY A 1 118 ? 15.800  7.018   16.814  1.00 57.07  ? 506 GLY A O   1 
ATOM   862  N N   . LEU A 1 119 ? 13.631  7.533   16.271  1.00 55.26  ? 507 LEU A N   1 
ATOM   863  C CA  . LEU A 1 119 ? 13.332  8.747   17.086  1.00 57.09  ? 507 LEU A CA  1 
ATOM   864  C C   . LEU A 1 119 ? 13.756  8.556   18.537  1.00 61.61  ? 507 LEU A C   1 
ATOM   865  O O   . LEU A 1 119 ? 13.590  7.428   19.034  1.00 65.73  ? 507 LEU A O   1 
ATOM   866  C CB  . LEU A 1 119 ? 11.823  9.005   17.048  1.00 55.14  ? 507 LEU A CB  1 
ATOM   867  C CG  . LEU A 1 119 ? 11.206  9.284   15.679  1.00 51.76  ? 507 LEU A CG  1 
ATOM   868  C CD1 . LEU A 1 119 ? 9.719   9.532   15.828  1.00 51.35  ? 507 LEU A CD1 1 
ATOM   869  C CD2 . LEU A 1 119 ? 11.871  10.469  14.992  1.00 52.55  ? 507 LEU A CD2 1 
ATOM   870  N N   . ASN A 1 120 ? 14.201  9.639   19.195  1.00 63.95  ? 508 ASN A N   1 
ATOM   871  C CA  . ASN A 1 120 ? 14.640  9.632   20.621  1.00 64.54  ? 508 ASN A CA  1 
ATOM   872  C C   . ASN A 1 120 ? 13.406  9.818   21.518  1.00 61.67  ? 508 ASN A C   1 
ATOM   873  O O   . ASN A 1 120 ? 12.324  10.141  20.981  1.00 60.99  ? 508 ASN A O   1 
ATOM   874  C CB  . ASN A 1 120 ? 15.749  10.657  20.893  1.00 65.22  ? 508 ASN A CB  1 
ATOM   875  C CG  . ASN A 1 120 ? 15.258  12.089  20.914  1.00 66.35  ? 508 ASN A CG  1 
ATOM   876  O OD1 . ASN A 1 120 ? 14.137  12.362  21.330  1.00 72.99  ? 508 ASN A OD1 1 
ATOM   877  N ND2 . ASN A 1 120 ? 16.095  13.018  20.484  1.00 65.36  ? 508 ASN A ND2 1 
ATOM   878  N N   . GLU A 1 121 ? 13.574  9.639   22.834  1.00 58.20  ? 509 GLU A N   1 
ATOM   879  C CA  . GLU A 1 121 ? 12.468  9.503   23.821  1.00 57.82  ? 509 GLU A CA  1 
ATOM   880  C C   . GLU A 1 121 ? 11.518  10.710  23.719  1.00 58.38  ? 509 GLU A C   1 
ATOM   881  O O   . GLU A 1 121 ? 10.315  10.520  23.998  1.00 61.04  ? 509 GLU A O   1 
ATOM   882  C CB  . GLU A 1 121 ? 13.048  9.297   25.221  1.00 57.20  ? 509 GLU A CB  1 
ATOM   883  C CG  . GLU A 1 121 ? 12.028  8.845   26.253  1.00 60.51  ? 509 GLU A CG  1 
ATOM   884  C CD  . GLU A 1 121 ? 12.612  8.579   27.638  1.00 66.28  ? 509 GLU A CD  1 
ATOM   885  O OE1 . GLU A 1 121 ? 13.774  8.083   27.709  1.00 64.00  ? 509 GLU A OE1 1 
ATOM   886  O OE2 . GLU A 1 121 ? 11.909  8.863   28.648  1.00 62.08  ? 509 GLU A OE2 1 
ATOM   887  N N   . ASP A 1 122 ? 12.020  11.888  23.324  1.00 57.13  ? 510 ASP A N   1 
ATOM   888  C CA  . ASP A 1 122 ? 11.225  13.144  23.179  1.00 60.02  ? 510 ASP A CA  1 
ATOM   889  C C   . ASP A 1 122 ? 10.327  13.071  21.932  1.00 57.86  ? 510 ASP A C   1 
ATOM   890  O O   . ASP A 1 122 ? 9.090   13.224  22.081  1.00 58.04  ? 510 ASP A O   1 
ATOM   891  C CB  . ASP A 1 122 ? 12.115  14.390  23.058  1.00 62.86  ? 510 ASP A CB  1 
ATOM   892  C CG  . ASP A 1 122 ? 12.614  14.974  24.368  1.00 63.34  ? 510 ASP A CG  1 
ATOM   893  O OD1 . ASP A 1 122 ? 12.601  14.249  25.396  1.00 64.68  ? 510 ASP A OD1 1 
ATOM   894  O OD2 . ASP A 1 122 ? 13.027  16.152  24.341  1.00 59.84  ? 510 ASP A OD2 1 
ATOM   895  N N   . GLU A 1 123 ? 10.935  12.911  20.750  1.00 51.65  ? 511 GLU A N   1 
ATOM   896  C CA  . GLU A 1 123 ? 10.242  12.841  19.436  1.00 48.21  ? 511 GLU A CA  1 
ATOM   897  C C   . GLU A 1 123 ? 9.129   11.785  19.518  1.00 45.62  ? 511 GLU A C   1 
ATOM   898  O O   . GLU A 1 123 ? 8.028   12.033  19.011  1.00 42.92  ? 511 GLU A O   1 
ATOM   899  C CB  . GLU A 1 123 ? 11.249  12.526  18.328  1.00 50.67  ? 511 GLU A CB  1 
ATOM   900  C CG  . GLU A 1 123 ? 12.195  13.675  18.001  1.00 54.55  ? 511 GLU A CG  1 
ATOM   901  C CD  . GLU A 1 123 ? 13.568  13.283  17.455  1.00 54.28  ? 511 GLU A CD  1 
ATOM   902  O OE1 . GLU A 1 123 ? 13.672  13.027  16.227  1.00 53.11  ? 511 GLU A OE1 1 
ATOM   903  O OE2 . GLU A 1 123 ? 14.532  13.240  18.256  1.00 47.33  ? 511 GLU A OE2 1 
ATOM   904  N N   . ILE A 1 124 ? 9.396   10.654  20.165  1.00 45.52  ? 512 ILE A N   1 
ATOM   905  C CA  . ILE A 1 124 ? 8.391   9.574   20.380  1.00 47.96  ? 512 ILE A CA  1 
ATOM   906  C C   . ILE A 1 124 ? 7.103   10.194  20.928  1.00 51.11  ? 512 ILE A C   1 
ATOM   907  O O   . ILE A 1 124 ? 6.026   9.905   20.386  1.00 54.51  ? 512 ILE A O   1 
ATOM   908  C CB  . ILE A 1 124 ? 8.944   8.497   21.328  1.00 49.64  ? 512 ILE A CB  1 
ATOM   909  C CG1 . ILE A 1 124 ? 10.036  7.669   20.642  1.00 49.29  ? 512 ILE A CG1 1 
ATOM   910  C CG2 . ILE A 1 124 ? 7.804   7.635   21.861  1.00 52.05  ? 512 ILE A CG2 1 
ATOM   911  C CD1 . ILE A 1 124 ? 10.889  6.843   21.580  1.00 47.43  ? 512 ILE A CD1 1 
ATOM   912  N N   . GLN A 1 125 ? 7.219   11.004  21.980  1.00 54.80  ? 513 GLN A N   1 
ATOM   913  C CA  . GLN A 1 125 ? 6.068   11.618  22.689  1.00 55.83  ? 513 GLN A CA  1 
ATOM   914  C C   . GLN A 1 125 ? 5.431   12.710  21.802  1.00 58.68  ? 513 GLN A C   1 
ATOM   915  O O   . GLN A 1 125 ? 4.193   12.854  21.863  1.00 62.50  ? 513 GLN A O   1 
ATOM   916  C CB  . GLN A 1 125 ? 6.515   12.105  24.073  1.00 54.25  ? 513 GLN A CB  1 
ATOM   917  N N   . LYS A 1 126 ? 6.205   13.443  20.989  1.00 57.86  ? 514 LYS A N   1 
ATOM   918  C CA  . LYS A 1 126 ? 5.631   14.422  20.022  1.00 58.08  ? 514 LYS A CA  1 
ATOM   919  C C   . LYS A 1 126 ? 4.811   13.656  18.981  1.00 61.88  ? 514 LYS A C   1 
ATOM   920  O O   . LYS A 1 126 ? 3.647   14.038  18.742  1.00 65.02  ? 514 LYS A O   1 
ATOM   921  C CB  . LYS A 1 126 ? 6.693   15.257  19.303  1.00 58.36  ? 514 LYS A CB  1 
ATOM   922  C CG  . LYS A 1 126 ? 6.128   16.477  18.586  1.00 61.93  ? 514 LYS A CG  1 
ATOM   923  C CD  . LYS A 1 126 ? 6.840   16.863  17.298  1.00 65.83  ? 514 LYS A CD  1 
ATOM   924  C CE  . LYS A 1 126 ? 6.092   17.945  16.539  1.00 67.66  ? 514 LYS A CE  1 
ATOM   925  N NZ  . LYS A 1 126 ? 6.912   18.589  15.486  1.00 66.56  ? 514 LYS A NZ  1 
ATOM   926  N N   . MET A 1 127 ? 5.408   12.618  18.383  1.00 63.04  ? 515 MET A N   1 
ATOM   927  C CA  . MET A 1 127 ? 4.736   11.729  17.400  1.00 59.44  ? 515 MET A CA  1 
ATOM   928  C C   . MET A 1 127 ? 3.353   11.381  17.949  1.00 60.25  ? 515 MET A C   1 
ATOM   929  O O   . MET A 1 127 ? 2.373   11.638  17.246  1.00 68.09  ? 515 MET A O   1 
ATOM   930  C CB  . MET A 1 127 ? 5.535   10.446  17.146  1.00 58.07  ? 515 MET A CB  1 
ATOM   931  C CG  . MET A 1 127 ? 4.954   9.549   16.059  1.00 57.68  ? 515 MET A CG  1 
ATOM   932  S SD  . MET A 1 127 ? 4.798   10.337  14.421  1.00 56.17  ? 515 MET A SD  1 
ATOM   933  C CE  . MET A 1 127 ? 6.512   10.462  13.920  1.00 55.57  ? 515 MET A CE  1 
ATOM   934  N N   . VAL A 1 128 ? 3.280   10.886  19.186  1.00 60.66  ? 516 VAL A N   1 
ATOM   935  C CA  . VAL A 1 128 ? 1.998   10.450  19.815  1.00 62.25  ? 516 VAL A CA  1 
ATOM   936  C C   . VAL A 1 128 ? 1.064   11.659  19.962  1.00 63.77  ? 516 VAL A C   1 
ATOM   937  O O   . VAL A 1 128 ? -0.158  11.465  19.817  1.00 66.87  ? 516 VAL A O   1 
ATOM   938  C CB  . VAL A 1 128 ? 2.209   9.749   21.168  1.00 60.90  ? 516 VAL A CB  1 
ATOM   939  C CG1 . VAL A 1 128 ? 0.896   9.169   21.680  1.00 63.18  ? 516 VAL A CG1 1 
ATOM   940  C CG2 . VAL A 1 128 ? 3.276   8.668   21.095  1.00 59.44  ? 516 VAL A CG2 1 
ATOM   941  N N   . ARG A 1 129 ? 1.609   12.846  20.262  1.00 66.57  ? 517 ARG A N   1 
ATOM   942  C CA  . ARG A 1 129 ? 0.832   14.118  20.330  1.00 69.44  ? 517 ARG A CA  1 
ATOM   943  C C   . ARG A 1 129 ? 0.194   14.362  18.961  1.00 66.60  ? 517 ARG A C   1 
ATOM   944  O O   . ARG A 1 129 ? -1.058  14.332  18.867  1.00 69.97  ? 517 ARG A O   1 
ATOM   945  C CB  . ARG A 1 129 ? 1.698   15.338  20.677  1.00 71.05  ? 517 ARG A CB  1 
ATOM   946  C CG  . ARG A 1 129 ? 1.899   15.605  22.161  1.00 70.97  ? 517 ARG A CG  1 
ATOM   947  C CD  . ARG A 1 129 ? 2.544   16.969  22.364  1.00 73.26  ? 517 ARG A CD  1 
ATOM   948  N NE  . ARG A 1 129 ? 4.009   16.964  22.348  1.00 75.93  ? 517 ARG A NE  1 
ATOM   949  C CZ  . ARG A 1 129 ? 4.790   17.972  21.929  1.00 75.82  ? 517 ARG A CZ  1 
ATOM   950  N NH1 . ARG A 1 129 ? 4.274   19.098  21.456  1.00 77.30  ? 517 ARG A NH1 1 
ATOM   951  N NH2 . ARG A 1 129 ? 6.105   17.846  21.974  1.00 71.64  ? 517 ARG A NH2 1 
ATOM   952  N N   . ASP A 1 130 ? 1.043   14.551  17.947  1.00 58.83  ? 518 ASP A N   1 
ATOM   953  C CA  . ASP A 1 130 ? 0.654   14.965  16.573  1.00 57.10  ? 518 ASP A CA  1 
ATOM   954  C C   . ASP A 1 130 ? -0.259  13.889  15.948  1.00 54.39  ? 518 ASP A C   1 
ATOM   955  O O   . ASP A 1 130 ? -0.992  14.214  15.006  1.00 53.79  ? 518 ASP A O   1 
ATOM   956  C CB  . ASP A 1 130 ? 1.907   15.283  15.750  1.00 58.36  ? 518 ASP A CB  1 
ATOM   957  C CG  . ASP A 1 130 ? 2.726   16.446  16.289  1.00 61.84  ? 518 ASP A CG  1 
ATOM   958  O OD1 . ASP A 1 130 ? 2.761   16.620  17.535  1.00 67.46  ? 518 ASP A OD1 1 
ATOM   959  O OD2 . ASP A 1 130 ? 3.318   17.181  15.462  1.00 57.81  ? 518 ASP A OD2 1 
ATOM   960  N N   . ALA A 1 131 ? -0.223  12.655  16.458  1.00 51.73  ? 519 ALA A N   1 
ATOM   961  C CA  . ALA A 1 131 ? -1.113  11.543  16.063  1.00 48.54  ? 519 ALA A CA  1 
ATOM   962  C C   . ALA A 1 131 ? -2.525  11.842  16.560  1.00 50.01  ? 519 ALA A C   1 
ATOM   963  O O   . ALA A 1 131 ? -3.428  11.978  15.715  1.00 53.23  ? 519 ALA A O   1 
ATOM   964  C CB  . ALA A 1 131 ? -0.606  10.241  16.629  1.00 48.62  ? 519 ALA A CB  1 
ATOM   965  N N   . GLU A 1 132 ? -2.690  11.945  17.885  1.00 49.89  ? 520 GLU A N   1 
ATOM   966  C CA  . GLU A 1 132 ? -3.975  12.280  18.560  1.00 47.89  ? 520 GLU A CA  1 
ATOM   967  C C   . GLU A 1 132 ? -4.487  13.615  17.997  1.00 48.38  ? 520 GLU A C   1 
ATOM   968  O O   . GLU A 1 132 ? -5.699  13.729  17.747  1.00 50.94  ? 520 GLU A O   1 
ATOM   969  C CB  . GLU A 1 132 ? -3.775  12.330  20.077  1.00 45.97  ? 520 GLU A CB  1 
ATOM   970  N N   . ALA A 1 133 ? -3.583  14.569  17.760  1.00 46.19  ? 521 ALA A N   1 
ATOM   971  C CA  . ALA A 1 133 ? -3.889  15.950  17.314  1.00 48.04  ? 521 ALA A CA  1 
ATOM   972  C C   . ALA A 1 133 ? -4.397  15.992  15.861  1.00 48.52  ? 521 ALA A C   1 
ATOM   973  O O   . ALA A 1 133 ? -5.034  17.023  15.508  1.00 48.19  ? 521 ALA A O   1 
ATOM   974  C CB  . ALA A 1 133 ? -2.659  16.810  17.471  1.00 48.59  ? 521 ALA A CB  1 
ATOM   975  N N   . ASN A 1 134 ? -4.073  14.979  15.038  1.00 45.79  ? 522 ASN A N   1 
ATOM   976  C CA  . ASN A 1 134 ? -4.432  14.915  13.591  1.00 44.94  ? 522 ASN A CA  1 
ATOM   977  C C   . ASN A 1 134 ? -5.101  13.573  13.275  1.00 48.47  ? 522 ASN A C   1 
ATOM   978  O O   . ASN A 1 134 ? -5.053  13.140  12.102  1.00 47.83  ? 522 ASN A O   1 
ATOM   979  C CB  . ASN A 1 134 ? -3.227  15.118  12.675  1.00 41.48  ? 522 ASN A CB  1 
ATOM   980  C CG  . ASN A 1 134 ? -2.469  16.377  13.016  1.00 40.85  ? 522 ASN A CG  1 
ATOM   981  O OD1 . ASN A 1 134 ? -2.241  16.649  14.186  1.00 43.29  ? 522 ASN A OD1 1 
ATOM   982  N ND2 . ASN A 1 134 ? -2.079  17.150  12.016  1.00 41.20  ? 522 ASN A ND2 1 
ATOM   983  N N   . ALA A 1 135 ? -5.733  12.953  14.273  1.00 50.54  ? 523 ALA A N   1 
ATOM   984  C CA  . ALA A 1 135 ? -6.500  11.704  14.101  1.00 54.13  ? 523 ALA A CA  1 
ATOM   985  C C   . ALA A 1 135 ? -7.409  11.837  12.868  1.00 54.06  ? 523 ALA A C   1 
ATOM   986  O O   . ALA A 1 135 ? -7.310  10.966  11.986  1.00 57.20  ? 523 ALA A O   1 
ATOM   987  C CB  . ALA A 1 135 ? -7.269  11.395  15.364  1.00 55.84  ? 523 ALA A CB  1 
ATOM   988  N N   . GLU A 1 136 ? -8.215  12.907  12.795  1.00 54.54  ? 524 GLU A N   1 
ATOM   989  C CA  . GLU A 1 136 ? -9.258  13.130  11.747  1.00 55.31  ? 524 GLU A CA  1 
ATOM   990  C C   . GLU A 1 136 ? -8.590  13.433  10.399  1.00 53.34  ? 524 GLU A C   1 
ATOM   991  O O   . GLU A 1 136 ? -8.969  12.803  9.388   1.00 49.09  ? 524 GLU A O   1 
ATOM   992  C CB  . GLU A 1 136 ? -10.199 14.279  12.131  1.00 54.65  ? 524 GLU A CB  1 
ATOM   993  N N   . ALA A 1 137 ? -7.645  14.378  10.385  1.00 52.43  ? 525 ALA A N   1 
ATOM   994  C CA  . ALA A 1 137 ? -6.906  14.817  9.179   1.00 49.82  ? 525 ALA A CA  1 
ATOM   995  C C   . ALA A 1 137 ? -6.385  13.583  8.434   1.00 49.42  ? 525 ALA A C   1 
ATOM   996  O O   . ALA A 1 137 ? -6.549  13.529  7.206   1.00 55.29  ? 525 ALA A O   1 
ATOM   997  C CB  . ALA A 1 137 ? -5.790  15.750  9.572   1.00 50.13  ? 525 ALA A CB  1 
ATOM   998  N N   . ASP A 1 138 ? -5.830  12.617  9.170   1.00 46.22  ? 526 ASP A N   1 
ATOM   999  C CA  . ASP A 1 138 ? -5.322  11.327  8.640   1.00 44.40  ? 526 ASP A CA  1 
ATOM   1000 C C   . ASP A 1 138 ? -6.479  10.365  8.355   1.00 43.52  ? 526 ASP A C   1 
ATOM   1001 O O   . ASP A 1 138 ? -6.332  9.537   7.438   1.00 42.01  ? 526 ASP A O   1 
ATOM   1002 C CB  . ASP A 1 138 ? -4.343  10.691  9.622   1.00 46.86  ? 526 ASP A CB  1 
ATOM   1003 C CG  . ASP A 1 138 ? -3.135  11.563  9.883   1.00 48.69  ? 526 ASP A CG  1 
ATOM   1004 O OD1 . ASP A 1 138 ? -3.047  12.631  9.229   1.00 47.77  ? 526 ASP A OD1 1 
ATOM   1005 O OD2 . ASP A 1 138 ? -2.308  11.180  10.745  1.00 49.44  ? 526 ASP A OD2 1 
ATOM   1006 N N   . ARG A 1 139 ? -7.563  10.433  9.136   1.00 44.22  ? 527 ARG A N   1 
ATOM   1007 C CA  . ARG A 1 139 ? -8.818  9.679   8.868   1.00 45.04  ? 527 ARG A CA  1 
ATOM   1008 C C   . ARG A 1 139 ? -9.315  10.072  7.466   1.00 47.36  ? 527 ARG A C   1 
ATOM   1009 O O   . ARG A 1 139 ? -9.677  9.169   6.693   1.00 47.54  ? 527 ARG A O   1 
ATOM   1010 C CB  . ARG A 1 139 ? -9.863  9.931   9.961   1.00 41.74  ? 527 ARG A CB  1 
ATOM   1011 N N   . LYS A 1 140 ? -9.284  11.366  7.136   1.00 49.23  ? 528 LYS A N   1 
ATOM   1012 C CA  . LYS A 1 140 ? -9.654  11.886  5.794   1.00 55.32  ? 528 LYS A CA  1 
ATOM   1013 C C   . LYS A 1 140 ? -8.625  11.415  4.756   1.00 53.44  ? 528 LYS A C   1 
ATOM   1014 O O   . LYS A 1 140 ? -9.030  11.006  3.647   1.00 51.28  ? 528 LYS A O   1 
ATOM   1015 C CB  . LYS A 1 140 ? -9.759  13.415  5.817   1.00 61.60  ? 528 LYS A CB  1 
ATOM   1016 C CG  . LYS A 1 140 ? -11.055 13.978  6.397   1.00 66.85  ? 528 LYS A CG  1 
ATOM   1017 C CD  . LYS A 1 140 ? -12.226 14.093  5.417   1.00 66.99  ? 528 LYS A CD  1 
ATOM   1018 C CE  . LYS A 1 140 ? -13.269 15.098  5.874   1.00 68.97  ? 528 LYS A CE  1 
ATOM   1019 N NZ  . LYS A 1 140 ? -14.645 14.690  5.499   1.00 70.22  ? 528 LYS A NZ  1 
ATOM   1020 N N   . PHE A 1 141 ? -7.340  11.481  5.099   1.00 52.79  ? 529 PHE A N   1 
ATOM   1021 C CA  . PHE A 1 141 ? -6.223  11.013  4.239   1.00 51.29  ? 529 PHE A CA  1 
ATOM   1022 C C   . PHE A 1 141 ? -6.414  9.536   3.881   1.00 51.82  ? 529 PHE A C   1 
ATOM   1023 O O   . PHE A 1 141 ? -6.341  9.218   2.698   1.00 53.76  ? 529 PHE A O   1 
ATOM   1024 C CB  . PHE A 1 141 ? -4.867  11.196  4.918   1.00 47.51  ? 529 PHE A CB  1 
ATOM   1025 C CG  . PHE A 1 141 ? -3.755  10.512  4.176   1.00 45.68  ? 529 PHE A CG  1 
ATOM   1026 C CD1 . PHE A 1 141 ? -3.347  10.979  2.940   1.00 45.49  ? 529 PHE A CD1 1 
ATOM   1027 C CD2 . PHE A 1 141 ? -3.158  9.370   4.686   1.00 47.20  ? 529 PHE A CD2 1 
ATOM   1028 C CE1 . PHE A 1 141 ? -2.337  10.334  2.244   1.00 47.63  ? 529 PHE A CE1 1 
ATOM   1029 C CE2 . PHE A 1 141 ? -2.145  8.730   3.991   1.00 47.17  ? 529 PHE A CE2 1 
ATOM   1030 C CZ  . PHE A 1 141 ? -1.737  9.213   2.770   1.00 46.97  ? 529 PHE A CZ  1 
ATOM   1031 N N   . GLU A 1 142 ? -6.627  8.663   4.868   1.00 52.65  ? 530 GLU A N   1 
ATOM   1032 C CA  . GLU A 1 142 ? -6.709  7.194   4.640   1.00 53.71  ? 530 GLU A CA  1 
ATOM   1033 C C   . GLU A 1 142 ? -7.811  6.890   3.621   1.00 51.74  ? 530 GLU A C   1 
ATOM   1034 O O   . GLU A 1 142 ? -7.515  6.194   2.630   1.00 52.50  ? 530 GLU A O   1 
ATOM   1035 C CB  . GLU A 1 142 ? -6.956  6.410   5.932   1.00 57.34  ? 530 GLU A CB  1 
ATOM   1036 C CG  . GLU A 1 142 ? -5.789  5.515   6.316   1.00 61.31  ? 530 GLU A CG  1 
ATOM   1037 C CD  . GLU A 1 142 ? -6.107  4.395   7.291   1.00 63.72  ? 530 GLU A CD  1 
ATOM   1038 O OE1 . GLU A 1 142 ? -7.089  4.530   8.066   1.00 62.36  ? 530 GLU A OE1 1 
ATOM   1039 O OE2 . GLU A 1 142 ? -5.357  3.394   7.283   1.00 62.78  ? 530 GLU A OE2 1 
ATOM   1040 N N   . GLU A 1 143 ? -9.027  7.390   3.851   1.00 49.81  ? 531 GLU A N   1 
ATOM   1041 C CA  . GLU A 1 143 ? -10.226 6.955   3.084   1.00 51.54  ? 531 GLU A CA  1 
ATOM   1042 C C   . GLU A 1 143 ? -10.138 7.476   1.640   1.00 51.45  ? 531 GLU A C   1 
ATOM   1043 O O   . GLU A 1 143 ? -10.755 6.829   0.762   1.00 50.24  ? 531 GLU A O   1 
ATOM   1044 C CB  . GLU A 1 143 ? -11.522 7.340   3.807   1.00 53.40  ? 531 GLU A CB  1 
ATOM   1045 C CG  . GLU A 1 143 ? -11.723 8.832   4.001   1.00 55.48  ? 531 GLU A CG  1 
ATOM   1046 C CD  . GLU A 1 143 ? -12.974 9.234   4.770   1.00 55.09  ? 531 GLU A CD  1 
ATOM   1047 O OE1 . GLU A 1 143 ? -13.363 8.514   5.719   1.00 52.53  ? 531 GLU A OE1 1 
ATOM   1048 O OE2 . GLU A 1 143 ? -13.548 10.283  4.424   1.00 58.28  ? 531 GLU A OE2 1 
ATOM   1049 N N   . LEU A 1 144 ? -9.378  8.557   1.392   1.00 50.50  ? 532 LEU A N   1 
ATOM   1050 C CA  . LEU A 1 144 ? -9.073  9.086   0.025   1.00 48.55  ? 532 LEU A CA  1 
ATOM   1051 C C   . LEU A 1 144 ? -8.163  8.103   -0.732  1.00 47.79  ? 532 LEU A C   1 
ATOM   1052 O O   . LEU A 1 144 ? -8.495  7.773   -1.892  1.00 48.09  ? 532 LEU A O   1 
ATOM   1053 C CB  . LEU A 1 144 ? -8.424  10.473  0.126   1.00 47.44  ? 532 LEU A CB  1 
ATOM   1054 C CG  . LEU A 1 144 ? -7.733  10.990  -1.141  1.00 48.04  ? 532 LEU A CG  1 
ATOM   1055 C CD1 . LEU A 1 144 ? -8.733  11.258  -2.256  1.00 49.29  ? 532 LEU A CD1 1 
ATOM   1056 C CD2 . LEU A 1 144 ? -6.923  12.250  -0.861  1.00 45.83  ? 532 LEU A CD2 1 
ATOM   1057 N N   . VAL A 1 145 ? -7.058  7.666   -0.113  1.00 44.47  ? 533 VAL A N   1 
ATOM   1058 C CA  . VAL A 1 145 ? -6.133  6.641   -0.682  1.00 43.14  ? 533 VAL A CA  1 
ATOM   1059 C C   . VAL A 1 145 ? -6.981  5.432   -1.057  1.00 42.43  ? 533 VAL A C   1 
ATOM   1060 O O   . VAL A 1 145 ? -6.933  5.015   -2.216  1.00 40.39  ? 533 VAL A O   1 
ATOM   1061 C CB  . VAL A 1 145 ? -5.019  6.208   0.290   1.00 44.17  ? 533 VAL A CB  1 
ATOM   1062 C CG1 . VAL A 1 145 ? -4.067  5.232   -0.383  1.00 44.81  ? 533 VAL A CG1 1 
ATOM   1063 C CG2 . VAL A 1 145 ? -4.241  7.380   0.871   1.00 45.75  ? 533 VAL A CG2 1 
ATOM   1064 N N   . GLN A 1 146 ? -7.734  4.913   -0.086  1.00 44.56  ? 534 GLN A N   1 
ATOM   1065 C CA  . GLN A 1 146 ? -8.633  3.750   -0.280  1.00 48.86  ? 534 GLN A CA  1 
ATOM   1066 C C   . GLN A 1 146 ? -9.463  4.004   -1.547  1.00 47.95  ? 534 GLN A C   1 
ATOM   1067 O O   . GLN A 1 146 ? -9.561  3.078   -2.375  1.00 47.35  ? 534 GLN A O   1 
ATOM   1068 C CB  . GLN A 1 146 ? -9.483  3.519   0.975   1.00 53.11  ? 534 GLN A CB  1 
ATOM   1069 C CG  . GLN A 1 146 ? -10.557 2.451   0.788   1.00 58.75  ? 534 GLN A CG  1 
ATOM   1070 C CD  . GLN A 1 146 ? -11.273 2.034   2.055   1.00 59.22  ? 534 GLN A CD  1 
ATOM   1071 O OE1 . GLN A 1 146 ? -11.826 0.933   2.143   1.00 57.83  ? 534 GLN A OE1 1 
ATOM   1072 N NE2 . GLN A 1 146 ? -11.289 2.921   3.040   1.00 57.63  ? 534 GLN A NE2 1 
ATOM   1073 N N   . THR A 1 147 ? -9.997  5.223   -1.702  1.00 44.69  ? 535 THR A N   1 
ATOM   1074 C CA  . THR A 1 147 ? -10.829 5.648   -2.860  1.00 42.24  ? 535 THR A CA  1 
ATOM   1075 C C   . THR A 1 147 ? -9.950  5.733   -4.112  1.00 42.11  ? 535 THR A C   1 
ATOM   1076 O O   . THR A 1 147 ? -10.399 5.258   -5.179  1.00 41.60  ? 535 THR A O   1 
ATOM   1077 C CB  . THR A 1 147 ? -11.543 6.986   -2.611  1.00 40.88  ? 535 THR A CB  1 
ATOM   1078 O OG1 . THR A 1 147 ? -12.185 6.996   -1.336  1.00 39.63  ? 535 THR A OG1 1 
ATOM   1079 C CG2 . THR A 1 147 ? -12.596 7.287   -3.654  1.00 40.83  ? 535 THR A CG2 1 
ATOM   1080 N N   . ARG A 1 148 ? -8.763  6.337   -3.991  1.00 42.06  ? 536 ARG A N   1 
ATOM   1081 C CA  . ARG A 1 148 ? -7.770  6.431   -5.097  1.00 42.27  ? 536 ARG A CA  1 
ATOM   1082 C C   . ARG A 1 148 ? -7.529  5.018   -5.625  1.00 40.40  ? 536 ARG A C   1 
ATOM   1083 O O   . ARG A 1 148 ? -7.658  4.825   -6.839  1.00 40.72  ? 536 ARG A O   1 
ATOM   1084 C CB  . ARG A 1 148 ? -6.447  7.061   -4.642  1.00 45.16  ? 536 ARG A CB  1 
ATOM   1085 C CG  . ARG A 1 148 ? -6.102  8.398   -5.295  1.00 46.06  ? 536 ARG A CG  1 
ATOM   1086 C CD  . ARG A 1 148 ? -5.169  9.238   -4.426  1.00 43.95  ? 536 ARG A CD  1 
ATOM   1087 N NE  . ARG A 1 148 ? -4.964  10.586  -4.936  1.00 42.46  ? 536 ARG A NE  1 
ATOM   1088 N N   . ASN A 1 149 ? -7.250  4.068   -4.729  1.00 39.07  ? 537 ASN A N   1 
ATOM   1089 C CA  . ASN A 1 149 ? -6.893  2.670   -5.084  1.00 40.53  ? 537 ASN A CA  1 
ATOM   1090 C C   . ASN A 1 149 ? -8.154  1.935   -5.551  1.00 41.78  ? 537 ASN A C   1 
ATOM   1091 O O   . ASN A 1 149 ? -8.107  1.351   -6.652  1.00 47.60  ? 537 ASN A O   1 
ATOM   1092 C CB  . ASN A 1 149 ? -6.175  1.945   -3.944  1.00 42.45  ? 537 ASN A CB  1 
ATOM   1093 C CG  . ASN A 1 149 ? -4.871  2.608   -3.543  1.00 44.19  ? 537 ASN A CG  1 
ATOM   1094 O OD1 . ASN A 1 149 ? -4.148  3.152   -4.381  1.00 41.79  ? 537 ASN A OD1 1 
ATOM   1095 N ND2 . ASN A 1 149 ? -4.570  2.572   -2.252  1.00 42.59  ? 537 ASN A ND2 1 
ATOM   1096 N N   . GLN A 1 150 ? -9.251  1.986   -4.788  1.00 41.04  ? 538 GLN A N   1 
ATOM   1097 C CA  . GLN A 1 150 ? -10.566 1.444   -5.239  1.00 41.20  ? 538 GLN A CA  1 
ATOM   1098 C C   . GLN A 1 150 ? -10.846 1.946   -6.660  1.00 38.07  ? 538 GLN A C   1 
ATOM   1099 O O   . GLN A 1 150 ? -11.147 1.121   -7.523  1.00 37.55  ? 538 GLN A O   1 
ATOM   1100 C CB  . GLN A 1 150 ? -11.704 1.818   -4.283  1.00 44.74  ? 538 GLN A CB  1 
ATOM   1101 C CG  . GLN A 1 150 ? -11.836 0.870   -3.094  1.00 47.53  ? 538 GLN A CG  1 
ATOM   1102 C CD  . GLN A 1 150 ? -12.980 1.220   -2.172  1.00 49.82  ? 538 GLN A CD  1 
ATOM   1103 O OE1 . GLN A 1 150 ? -13.952 1.867   -2.562  1.00 53.15  ? 538 GLN A OE1 1 
ATOM   1104 N NE2 . GLN A 1 150 ? -12.878 0.779   -0.929  1.00 51.78  ? 538 GLN A NE2 1 
ATOM   1105 N N   . GLY A 1 151 ? -10.708 3.247   -6.899  1.00 37.52  ? 539 GLY A N   1 
ATOM   1106 C CA  . GLY A 1 151 ? -10.731 3.813   -8.258  1.00 39.14  ? 539 GLY A CA  1 
ATOM   1107 C C   . GLY A 1 151 ? -9.707  3.145   -9.167  1.00 39.70  ? 539 GLY A C   1 
ATOM   1108 O O   . GLY A 1 151 ? -10.107 2.592   -10.201 1.00 38.46  ? 539 GLY A O   1 
ATOM   1109 N N   . ASP A 1 152 ? -8.426  3.194   -8.791  1.00 40.02  ? 540 ASP A N   1 
ATOM   1110 C CA  . ASP A 1 152 ? -7.275  2.744   -9.619  1.00 41.67  ? 540 ASP A CA  1 
ATOM   1111 C C   . ASP A 1 152 ? -7.489  1.288   -10.038 1.00 42.17  ? 540 ASP A C   1 
ATOM   1112 O O   . ASP A 1 152 ? -7.228  0.984   -11.209 1.00 42.11  ? 540 ASP A O   1 
ATOM   1113 C CB  . ASP A 1 152 ? -5.959  2.930   -8.862  1.00 44.84  ? 540 ASP A CB  1 
ATOM   1114 C CG  . ASP A 1 152 ? -4.724  2.409   -9.576  1.00 45.08  ? 540 ASP A CG  1 
ATOM   1115 O OD1 . ASP A 1 152 ? -4.411  2.937   -10.661 1.00 46.29  ? 540 ASP A OD1 1 
ATOM   1116 O OD2 . ASP A 1 152 ? -4.086  1.479   -9.024  1.00 43.66  ? 540 ASP A OD2 1 
ATOM   1117 N N   . HIS A 1 153 ? -7.942  0.425   -9.126  1.00 42.19  ? 541 HIS A N   1 
ATOM   1118 C CA  . HIS A 1 153 ? -8.359  -0.963  -9.449  1.00 43.72  ? 541 HIS A CA  1 
ATOM   1119 C C   . HIS A 1 153 ? -9.390  -0.923  -10.576 1.00 43.20  ? 541 HIS A C   1 
ATOM   1120 O O   . HIS A 1 153 ? -9.045  -1.365  -11.678 1.00 48.32  ? 541 HIS A O   1 
ATOM   1121 C CB  . HIS A 1 153 ? -8.919  -1.674  -8.221  1.00 49.14  ? 541 HIS A CB  1 
ATOM   1122 C CG  . HIS A 1 153 ? -9.586  -2.978  -8.509  1.00 53.86  ? 541 HIS A CG  1 
ATOM   1123 N ND1 . HIS A 1 153 ? -10.856 -3.058  -9.055  1.00 56.46  ? 541 HIS A ND1 1 
ATOM   1124 C CD2 . HIS A 1 153 ? -9.191  -4.251  -8.278  1.00 56.50  ? 541 HIS A CD2 1 
ATOM   1125 C CE1 . HIS A 1 153 ? -11.202 -4.327  -9.169  1.00 59.06  ? 541 HIS A CE1 1 
ATOM   1126 N NE2 . HIS A 1 153 ? -10.197 -5.081  -8.695  1.00 58.28  ? 541 HIS A NE2 1 
ATOM   1127 N N   . LEU A 1 154 ? -10.584 -0.377  -10.308 1.00 42.47  ? 542 LEU A N   1 
ATOM   1128 C CA  . LEU A 1 154 ? -11.763 -0.367  -11.233 1.00 42.33  ? 542 LEU A CA  1 
ATOM   1129 C C   . LEU A 1 154 ? -11.332 -0.009  -12.669 1.00 39.81  ? 542 LEU A C   1 
ATOM   1130 O O   . LEU A 1 154 ? -11.809 -0.671  -13.618 1.00 35.34  ? 542 LEU A O   1 
ATOM   1131 C CB  . LEU A 1 154 ? -12.813 0.624   -10.708 1.00 41.97  ? 542 LEU A CB  1 
ATOM   1132 C CG  . LEU A 1 154 ? -14.221 0.514   -11.306 1.00 40.92  ? 542 LEU A CG  1 
ATOM   1133 C CD1 . LEU A 1 154 ? -14.933 -0.741  -10.828 1.00 40.48  ? 542 LEU A CD1 1 
ATOM   1134 C CD2 . LEU A 1 154 ? -15.054 1.738   -10.954 1.00 41.12  ? 542 LEU A CD2 1 
ATOM   1135 N N   . LEU A 1 155 ? -10.463 0.996   -12.811 1.00 39.34  ? 543 LEU A N   1 
ATOM   1136 C CA  . LEU A 1 155 ? -9.877  1.434   -14.102 1.00 39.98  ? 543 LEU A CA  1 
ATOM   1137 C C   . LEU A 1 155 ? -9.184  0.238   -14.765 1.00 41.49  ? 543 LEU A C   1 
ATOM   1138 O O   . LEU A 1 155 ? -9.664  -0.221  -15.816 1.00 41.82  ? 543 LEU A O   1 
ATOM   1139 C CB  . LEU A 1 155 ? -8.907  2.589   -13.836 1.00 39.87  ? 543 LEU A CB  1 
ATOM   1140 C CG  . LEU A 1 155 ? -8.064  3.043   -15.026 1.00 40.94  ? 543 LEU A CG  1 
ATOM   1141 C CD1 . LEU A 1 155 ? -8.941  3.669   -16.091 1.00 41.76  ? 543 LEU A CD1 1 
ATOM   1142 C CD2 . LEU A 1 155 ? -6.981  4.017   -14.584 1.00 42.27  ? 543 LEU A CD2 1 
ATOM   1143 N N   . HIS A 1 156 ? -8.114  -0.265  -14.151 1.00 43.64  ? 544 HIS A N   1 
ATOM   1144 C CA  . HIS A 1 156 ? -7.301  -1.399  -14.662 1.00 45.14  ? 544 HIS A CA  1 
ATOM   1145 C C   . HIS A 1 156 ? -8.210  -2.582  -15.021 1.00 42.91  ? 544 HIS A C   1 
ATOM   1146 O O   . HIS A 1 156 ? -8.166  -3.029  -16.173 1.00 49.21  ? 544 HIS A O   1 
ATOM   1147 C CB  . HIS A 1 156 ? -6.230  -1.794  -13.642 1.00 49.72  ? 544 HIS A CB  1 
ATOM   1148 C CG  . HIS A 1 156 ? -5.308  -2.850  -14.142 1.00 55.74  ? 544 HIS A CG  1 
ATOM   1149 N ND1 . HIS A 1 156 ? -5.724  -4.155  -14.339 1.00 60.78  ? 544 HIS A ND1 1 
ATOM   1150 C CD2 . HIS A 1 156 ? -4.007  -2.800  -14.509 1.00 58.78  ? 544 HIS A CD2 1 
ATOM   1151 C CE1 . HIS A 1 156 ? -4.713  -4.865  -14.805 1.00 63.43  ? 544 HIS A CE1 1 
ATOM   1152 N NE2 . HIS A 1 156 ? -3.645  -4.057  -14.913 1.00 60.42  ? 544 HIS A NE2 1 
ATOM   1153 N N   . SER A 1 157 ? -9.009  -3.081  -14.086 1.00 39.26  ? 545 SER A N   1 
ATOM   1154 C CA  . SER A 1 157 ? -9.825  -4.304  -14.301 1.00 41.34  ? 545 SER A CA  1 
ATOM   1155 C C   . SER A 1 157 ? -10.830 -4.102  -15.442 1.00 42.57  ? 545 SER A C   1 
ATOM   1156 O O   . SER A 1 157 ? -11.131 -5.086  -16.129 1.00 44.75  ? 545 SER A O   1 
ATOM   1157 C CB  . SER A 1 157 ? -10.500 -4.740  -13.042 1.00 41.19  ? 545 SER A CB  1 
ATOM   1158 O OG  . SER A 1 157 ? -10.916 -3.606  -12.309 1.00 44.58  ? 545 SER A OG  1 
ATOM   1159 N N   . THR A 1 158 ? -11.332 -2.886  -15.661 1.00 44.67  ? 546 THR A N   1 
ATOM   1160 C CA  . THR A 1 158 ? -12.261 -2.582  -16.787 1.00 44.19  ? 546 THR A CA  1 
ATOM   1161 C C   . THR A 1 158 ? -11.474 -2.660  -18.107 1.00 40.92  ? 546 THR A C   1 
ATOM   1162 O O   . THR A 1 158 ? -11.917 -3.369  -19.010 1.00 37.71  ? 546 THR A O   1 
ATOM   1163 C CB  . THR A 1 158 ? -13.004 -1.258  -16.548 1.00 47.07  ? 546 THR A CB  1 
ATOM   1164 O OG1 . THR A 1 158 ? -13.740 -1.355  -15.329 1.00 46.16  ? 546 THR A OG1 1 
ATOM   1165 C CG2 . THR A 1 158 ? -13.990 -0.906  -17.641 1.00 48.27  ? 546 THR A CG2 1 
ATOM   1166 N N   . ARG A 1 159 ? -10.313 -2.013  -18.189 1.00 42.62  ? 547 ARG A N   1 
ATOM   1167 C CA  . ARG A 1 159 ? -9.462  -1.986  -19.412 1.00 46.65  ? 547 ARG A CA  1 
ATOM   1168 C C   . ARG A 1 159 ? -9.098  -3.411  -19.843 1.00 48.34  ? 547 ARG A C   1 
ATOM   1169 O O   . ARG A 1 159 ? -9.108  -3.695  -21.089 1.00 47.67  ? 547 ARG A O   1 
ATOM   1170 C CB  . ARG A 1 159 ? -8.232  -1.113  -19.164 1.00 46.30  ? 547 ARG A CB  1 
ATOM   1171 C CG  . ARG A 1 159 ? -8.602  0.357   -19.108 1.00 49.96  ? 547 ARG A CG  1 
ATOM   1172 C CD  . ARG A 1 159 ? -7.426  1.275   -18.914 1.00 54.19  ? 547 ARG A CD  1 
ATOM   1173 N NE  . ARG A 1 159 ? -7.779  2.634   -19.294 1.00 56.38  ? 547 ARG A NE  1 
ATOM   1174 C CZ  . ARG A 1 159 ? -7.051  3.708   -19.024 1.00 57.15  ? 547 ARG A CZ  1 
ATOM   1175 N NH1 . ARG A 1 159 ? -5.918  3.598   -18.346 1.00 59.07  ? 547 ARG A NH1 1 
ATOM   1176 N NH2 . ARG A 1 159 ? -7.473  4.895   -19.416 1.00 57.01  ? 547 ARG A NH2 1 
ATOM   1177 N N   . LYS A 1 160 ? -8.788  -4.267  -18.866 1.00 47.74  ? 548 LYS A N   1 
ATOM   1178 C CA  . LYS A 1 160 ? -8.615  -5.726  -19.074 1.00 48.19  ? 548 LYS A CA  1 
ATOM   1179 C C   . LYS A 1 160 ? -9.898  -6.237  -19.739 1.00 48.07  ? 548 LYS A C   1 
ATOM   1180 O O   . LYS A 1 160 ? -9.844  -6.592  -20.931 1.00 47.91  ? 548 LYS A O   1 
ATOM   1181 C CB  . LYS A 1 160 ? -8.305  -6.431  -17.745 1.00 47.19  ? 548 LYS A CB  1 
ATOM   1182 N N   . GLN A 1 161 ? -11.021 -6.157  -19.022 1.00 46.82  ? 549 GLN A N   1 
ATOM   1183 C CA  . GLN A 1 161 ? -12.324 -6.758  -19.414 1.00 50.58  ? 549 GLN A CA  1 
ATOM   1184 C C   . GLN A 1 161 ? -12.791 -6.240  -20.778 1.00 49.89  ? 549 GLN A C   1 
ATOM   1185 O O   . GLN A 1 161 ? -13.513 -6.986  -21.455 1.00 46.57  ? 549 GLN A O   1 
ATOM   1186 C CB  . GLN A 1 161 ? -13.377 -6.452  -18.352 1.00 55.75  ? 549 GLN A CB  1 
ATOM   1187 C CG  . GLN A 1 161 ? -13.171 -7.231  -17.060 1.00 58.58  ? 549 GLN A CG  1 
ATOM   1188 C CD  . GLN A 1 161 ? -14.009 -6.706  -15.920 1.00 60.33  ? 549 GLN A CD  1 
ATOM   1189 O OE1 . GLN A 1 161 ? -14.453 -5.557  -15.912 1.00 64.10  ? 549 GLN A OE1 1 
ATOM   1190 N NE2 . GLN A 1 161 ? -14.228 -7.560  -14.936 1.00 61.46  ? 549 GLN A NE2 1 
ATOM   1191 N N   . VAL A 1 162 ? -12.418 -5.010  -21.148 1.00 52.16  ? 550 VAL A N   1 
ATOM   1192 C CA  . VAL A 1 162 ? -12.694 -4.413  -22.491 1.00 55.84  ? 550 VAL A CA  1 
ATOM   1193 C C   . VAL A 1 162 ? -11.855 -5.139  -23.554 1.00 59.48  ? 550 VAL A C   1 
ATOM   1194 O O   . VAL A 1 162 ? -12.429 -5.476  -24.615 1.00 59.65  ? 550 VAL A O   1 
ATOM   1195 C CB  . VAL A 1 162 ? -12.435 -2.893  -22.516 1.00 55.10  ? 550 VAL A CB  1 
ATOM   1196 C CG1 . VAL A 1 162 ? -12.458 -2.314  -23.924 1.00 52.84  ? 550 VAL A CG1 1 
ATOM   1197 C CG2 . VAL A 1 162 ? -13.428 -2.155  -21.645 1.00 57.53  ? 550 VAL A CG2 1 
ATOM   1198 N N   . GLU A 1 163 ? -10.551 -5.342  -23.320 1.00 57.34  ? 551 GLU A N   1 
ATOM   1199 C CA  . GLU A 1 163 ? -9.697  -6.142  -24.241 1.00 56.74  ? 551 GLU A CA  1 
ATOM   1200 C C   . GLU A 1 163 ? -10.319 -7.548  -24.338 1.00 54.49  ? 551 GLU A C   1 
ATOM   1201 O O   . GLU A 1 163 ? -10.643 -7.975  -25.465 1.00 50.53  ? 551 GLU A O   1 
ATOM   1202 C CB  . GLU A 1 163 ? -8.232  -6.136  -23.784 1.00 57.51  ? 551 GLU A CB  1 
ATOM   1203 N N   . GLU A 1 164 ? -10.555 -8.197  -23.188 1.00 53.83  ? 552 GLU A N   1 
ATOM   1204 C CA  . GLU A 1 164 ? -11.118 -9.576  -23.051 1.00 52.34  ? 552 GLU A CA  1 
ATOM   1205 C C   . GLU A 1 164 ? -12.350 -9.757  -23.949 1.00 50.42  ? 552 GLU A C   1 
ATOM   1206 O O   . GLU A 1 164 ? -12.484 -10.836 -24.550 1.00 50.59  ? 552 GLU A O   1 
ATOM   1207 C CB  . GLU A 1 164 ? -11.491 -9.861  -21.591 1.00 51.74  ? 552 GLU A CB  1 
ATOM   1208 N N   . ALA A 1 165 ? -13.221 -8.747  -24.010 1.00 50.90  ? 553 ALA A N   1 
ATOM   1209 C CA  . ALA A 1 165 ? -14.517 -8.767  -24.729 1.00 52.25  ? 553 ALA A CA  1 
ATOM   1210 C C   . ALA A 1 165 ? -14.300 -8.539  -26.232 1.00 54.22  ? 553 ALA A C   1 
ATOM   1211 O O   . ALA A 1 165 ? -14.700 -9.407  -27.019 1.00 55.22  ? 553 ALA A O   1 
ATOM   1212 C CB  . ALA A 1 165 ? -15.446 -7.728  -24.138 1.00 50.74  ? 553 ALA A CB  1 
ATOM   1213 N N   . GLY A 1 166 ? -13.713 -7.399  -26.603 1.00 59.38  ? 554 GLY A N   1 
ATOM   1214 C CA  . GLY A 1 166 ? -13.453 -6.986  -27.997 1.00 62.69  ? 554 GLY A CA  1 
ATOM   1215 C C   . GLY A 1 166 ? -14.734 -6.846  -28.807 1.00 67.22  ? 554 GLY A C   1 
ATOM   1216 O O   . GLY A 1 166 ? -15.597 -6.018  -28.435 1.00 66.88  ? 554 GLY A O   1 
ATOM   1217 N N   . ASP A 1 167 ? -14.840 -7.627  -29.889 1.00 69.63  ? 555 ASP A N   1 
ATOM   1218 C CA  . ASP A 1 167 ? -16.031 -7.737  -30.774 1.00 69.12  ? 555 ASP A CA  1 
ATOM   1219 C C   . ASP A 1 167 ? -17.312 -7.747  -29.933 1.00 65.32  ? 555 ASP A C   1 
ATOM   1220 O O   . ASP A 1 167 ? -18.268 -7.073  -30.329 1.00 64.89  ? 555 ASP A O   1 
ATOM   1221 C CB  . ASP A 1 167 ? -16.016 -9.021  -31.615 1.00 73.51  ? 555 ASP A CB  1 
ATOM   1222 C CG  . ASP A 1 167 ? -14.640 -9.626  -31.863 1.00 79.89  ? 555 ASP A CG  1 
ATOM   1223 O OD1 . ASP A 1 167 ? -13.944 -9.974  -30.879 1.00 76.74  ? 555 ASP A OD1 1 
ATOM   1224 O OD2 . ASP A 1 167 ? -14.274 -9.753  -33.042 1.00 86.11  ? 555 ASP A OD2 1 
ATOM   1225 N N   . LYS A 1 168 ? -17.321 -8.490  -28.820 1.00 63.39  ? 556 LYS A N   1 
ATOM   1226 C CA  . LYS A 1 168 ? -18.548 -8.861  -28.058 1.00 66.08  ? 556 LYS A CA  1 
ATOM   1227 C C   . LYS A 1 168 ? -19.276 -7.600  -27.563 1.00 66.03  ? 556 LYS A C   1 
ATOM   1228 O O   . LYS A 1 168 ? -20.513 -7.683  -27.340 1.00 62.98  ? 556 LYS A O   1 
ATOM   1229 C CB  . LYS A 1 168 ? -18.203 -9.800  -26.893 1.00 66.26  ? 556 LYS A CB  1 
ATOM   1230 C CG  . LYS A 1 168 ? -17.551 -11.121 -27.292 1.00 67.39  ? 556 LYS A CG  1 
ATOM   1231 C CD  . LYS A 1 168 ? -17.431 -12.138 -26.169 1.00 66.57  ? 556 LYS A CD  1 
ATOM   1232 C CE  . LYS A 1 168 ? -16.438 -13.242 -26.475 1.00 66.99  ? 556 LYS A CE  1 
ATOM   1233 N N   . LEU A 1 169 ? -18.555 -6.481  -27.422 1.00 63.11  ? 557 LEU A N   1 
ATOM   1234 C CA  . LEU A 1 169 ? -19.052 -5.222  -26.796 1.00 62.22  ? 557 LEU A CA  1 
ATOM   1235 C C   . LEU A 1 169 ? -19.553 -4.242  -27.862 1.00 62.33  ? 557 LEU A C   1 
ATOM   1236 O O   . LEU A 1 169 ? -18.779 -3.813  -28.724 1.00 58.78  ? 557 LEU A O   1 
ATOM   1237 C CB  . LEU A 1 169 ? -17.902 -4.611  -25.986 1.00 61.82  ? 557 LEU A CB  1 
ATOM   1238 C CG  . LEU A 1 169 ? -18.210 -3.313  -25.236 1.00 57.85  ? 557 LEU A CG  1 
ATOM   1239 C CD1 . LEU A 1 169 ? -19.161 -3.561  -24.070 1.00 56.81  ? 557 LEU A CD1 1 
ATOM   1240 C CD2 . LEU A 1 169 ? -16.925 -2.660  -24.754 1.00 54.64  ? 557 LEU A CD2 1 
ATOM   1241 N N   . PRO A 1 170 ? -20.851 -3.837  -27.819 1.00 61.00  ? 558 PRO A N   1 
ATOM   1242 C CA  . PRO A 1 170 ? -21.360 -2.747  -28.659 1.00 61.71  ? 558 PRO A CA  1 
ATOM   1243 C C   . PRO A 1 170 ? -20.495 -1.475  -28.628 1.00 64.84  ? 558 PRO A C   1 
ATOM   1244 O O   . PRO A 1 170 ? -20.353 -0.893  -27.566 1.00 67.19  ? 558 PRO A O   1 
ATOM   1245 C CB  . PRO A 1 170 ? -22.750 -2.460  -28.065 1.00 56.68  ? 558 PRO A CB  1 
ATOM   1246 C CG  . PRO A 1 170 ? -23.183 -3.793  -27.509 1.00 55.90  ? 558 PRO A CG  1 
ATOM   1247 C CD  . PRO A 1 170 ? -21.913 -4.434  -26.990 1.00 57.62  ? 558 PRO A CD  1 
ATOM   1248 N N   . ALA A 1 171 ? -19.950 -1.079  -29.785 1.00 69.82  ? 559 ALA A N   1 
ATOM   1249 C CA  . ALA A 1 171 ? -19.208 0.190   -29.999 1.00 71.61  ? 559 ALA A CA  1 
ATOM   1250 C C   . ALA A 1 171 ? -19.917 1.324   -29.247 1.00 72.99  ? 559 ALA A C   1 
ATOM   1251 O O   . ALA A 1 171 ? -19.221 2.105   -28.569 1.00 70.46  ? 559 ALA A O   1 
ATOM   1252 C CB  . ALA A 1 171 ? -19.100 0.489   -31.473 1.00 69.62  ? 559 ALA A CB  1 
ATOM   1253 N N   . ASP A 1 172 ? -21.249 1.389   -29.374 1.00 75.97  ? 560 ASP A N   1 
ATOM   1254 C CA  . ASP A 1 172 ? -22.159 2.220   -28.538 1.00 82.34  ? 560 ASP A CA  1 
ATOM   1255 C C   . ASP A 1 172 ? -21.637 2.276   -27.097 1.00 84.49  ? 560 ASP A C   1 
ATOM   1256 O O   . ASP A 1 172 ? -21.354 3.396   -26.612 1.00 85.45  ? 560 ASP A O   1 
ATOM   1257 C CB  . ASP A 1 172 ? -23.587 1.662   -28.530 1.00 83.28  ? 560 ASP A CB  1 
ATOM   1258 C CG  . ASP A 1 172 ? -24.592 2.539   -29.251 1.00 82.50  ? 560 ASP A CG  1 
ATOM   1259 O OD1 . ASP A 1 172 ? -24.681 3.728   -28.900 1.00 81.70  ? 560 ASP A OD1 1 
ATOM   1260 O OD2 . ASP A 1 172 ? -25.281 2.022   -30.147 1.00 83.96  ? 560 ASP A OD2 1 
ATOM   1261 N N   . ASP A 1 173 ? -21.545 1.110   -26.446 1.00 81.38  ? 561 ASP A N   1 
ATOM   1262 C CA  . ASP A 1 173 ? -21.114 0.963   -25.029 1.00 73.80  ? 561 ASP A CA  1 
ATOM   1263 C C   . ASP A 1 173 ? -19.630 1.322   -24.924 1.00 63.43  ? 561 ASP A C   1 
ATOM   1264 O O   . ASP A 1 173 ? -19.288 2.112   -24.029 1.00 64.74  ? 561 ASP A O   1 
ATOM   1265 C CB  . ASP A 1 173 ? -21.425 -0.435  -24.478 1.00 76.04  ? 561 ASP A CB  1 
ATOM   1266 C CG  . ASP A 1 173 ? -22.830 -0.558  -23.906 1.00 80.50  ? 561 ASP A CG  1 
ATOM   1267 O OD1 . ASP A 1 173 ? -23.791 -0.205  -24.624 1.00 75.76  ? 561 ASP A OD1 1 
ATOM   1268 O OD2 . ASP A 1 173 ? -22.951 -0.986  -22.735 1.00 88.16  ? 561 ASP A OD2 1 
ATOM   1269 N N   . LYS A 1 174 ? -18.794 0.804   -25.824 1.00 54.77  ? 562 LYS A N   1 
ATOM   1270 C CA  . LYS A 1 174 ? -17.316 0.933   -25.720 1.00 55.30  ? 562 LYS A CA  1 
ATOM   1271 C C   . LYS A 1 174 ? -16.900 2.407   -25.793 1.00 59.54  ? 562 LYS A C   1 
ATOM   1272 O O   . LYS A 1 174 ? -15.831 2.736   -25.247 1.00 64.90  ? 562 LYS A O   1 
ATOM   1273 C CB  . LYS A 1 174 ? -16.597 0.131   -26.807 1.00 54.51  ? 562 LYS A CB  1 
ATOM   1274 C CG  . LYS A 1 174 ? -15.096 -0.037  -26.596 1.00 50.49  ? 562 LYS A CG  1 
ATOM   1275 C CD  . LYS A 1 174 ? -14.369 -0.577  -27.803 1.00 50.48  ? 562 LYS A CD  1 
ATOM   1276 C CE  . LYS A 1 174 ? -12.893 -0.246  -27.789 1.00 51.53  ? 562 LYS A CE  1 
ATOM   1277 N NZ  . LYS A 1 174 ? -12.146 -1.061  -28.778 1.00 52.34  ? 562 LYS A NZ  1 
ATOM   1278 N N   . THR A 1 175 ? -17.690 3.266   -26.443 1.00 61.73  ? 563 THR A N   1 
ATOM   1279 C CA  . THR A 1 175 ? -17.478 4.740   -26.434 1.00 56.77  ? 563 THR A CA  1 
ATOM   1280 C C   . THR A 1 175 ? -17.768 5.273   -25.025 1.00 55.38  ? 563 THR A C   1 
ATOM   1281 O O   . THR A 1 175 ? -16.847 5.856   -24.421 1.00 54.24  ? 563 THR A O   1 
ATOM   1282 C CB  . THR A 1 175 ? -18.347 5.452   -27.473 1.00 53.92  ? 563 THR A CB  1 
ATOM   1283 O OG1 . THR A 1 175 ? -18.160 4.844   -28.751 1.00 50.82  ? 563 THR A OG1 1 
ATOM   1284 C CG2 . THR A 1 175 ? -18.027 6.926   -27.550 1.00 53.84  ? 563 THR A CG2 1 
ATOM   1285 N N   . ALA A 1 176 ? -18.987 5.036   -24.519 1.00 56.51  ? 564 ALA A N   1 
ATOM   1286 C CA  . ALA A 1 176 ? -19.499 5.523   -23.210 1.00 61.55  ? 564 ALA A CA  1 
ATOM   1287 C C   . ALA A 1 176 ? -18.548 5.115   -22.078 1.00 62.61  ? 564 ALA A C   1 
ATOM   1288 O O   . ALA A 1 176 ? -18.304 5.931   -21.158 1.00 56.62  ? 564 ALA A O   1 
ATOM   1289 C CB  . ALA A 1 176 ? -20.886 4.985   -22.964 1.00 63.01  ? 564 ALA A CB  1 
ATOM   1290 N N   . ILE A 1 177 ? -18.032 3.890   -22.168 1.00 65.18  ? 565 ILE A N   1 
ATOM   1291 C CA  . ILE A 1 177 ? -17.069 3.287   -21.206 1.00 63.27  ? 565 ILE A CA  1 
ATOM   1292 C C   . ILE A 1 177 ? -15.675 3.895   -21.410 1.00 65.63  ? 565 ILE A C   1 
ATOM   1293 O O   . ILE A 1 177 ? -15.043 4.216   -20.388 1.00 77.78  ? 565 ILE A O   1 
ATOM   1294 C CB  . ILE A 1 177 ? -17.086 1.755   -21.354 1.00 59.66  ? 565 ILE A CB  1 
ATOM   1295 C CG1 . ILE A 1 177 ? -18.363 1.174   -20.748 1.00 57.88  ? 565 ILE A CG1 1 
ATOM   1296 C CG2 . ILE A 1 177 ? -15.842 1.128   -20.754 1.00 61.36  ? 565 ILE A CG2 1 
ATOM   1297 C CD1 . ILE A 1 177 ? -18.867 -0.045  -21.461 1.00 58.20  ? 565 ILE A CD1 1 
ATOM   1298 N N   . GLU A 1 178 ? -15.199 4.057   -22.651 1.00 59.77  ? 566 GLU A N   1 
ATOM   1299 C CA  . GLU A 1 178 ? -13.810 4.538   -22.903 1.00 59.05  ? 566 GLU A CA  1 
ATOM   1300 C C   . GLU A 1 178 ? -13.694 6.005   -22.460 1.00 55.56  ? 566 GLU A C   1 
ATOM   1301 O O   . GLU A 1 178 ? -12.604 6.371   -21.991 1.00 51.69  ? 566 GLU A O   1 
ATOM   1302 C CB  . GLU A 1 178 ? -13.366 4.296   -24.351 1.00 60.27  ? 566 GLU A CB  1 
ATOM   1303 C CG  . GLU A 1 178 ? -12.896 2.864   -24.602 1.00 61.50  ? 566 GLU A CG  1 
ATOM   1304 C CD  . GLU A 1 178 ? -11.983 2.610   -25.799 1.00 64.77  ? 566 GLU A CD  1 
ATOM   1305 O OE1 . GLU A 1 178 ? -12.299 3.084   -26.920 1.00 69.50  ? 566 GLU A OE1 1 
ATOM   1306 O OE2 . GLU A 1 178 ? -10.956 1.915   -25.613 1.00 59.97  ? 566 GLU A OE2 1 
ATOM   1307 N N   . SER A 1 179 ? -14.774 6.794   -22.545 1.00 55.35  ? 567 SER A N   1 
ATOM   1308 C CA  . SER A 1 179 ? -14.804 8.220   -22.108 1.00 59.32  ? 567 SER A CA  1 
ATOM   1309 C C   . SER A 1 179 ? -14.714 8.287   -20.582 1.00 56.43  ? 567 SER A C   1 
ATOM   1310 O O   . SER A 1 179 ? -13.961 9.139   -20.069 1.00 53.60  ? 567 SER A O   1 
ATOM   1311 C CB  . SER A 1 179 ? -16.042 8.965   -22.569 1.00 62.28  ? 567 SER A CB  1 
ATOM   1312 O OG  . SER A 1 179 ? -16.648 8.336   -23.681 1.00 69.08  ? 567 SER A OG  1 
ATOM   1313 N N   . ALA A 1 180 ? -15.511 7.446   -19.914 1.00 55.37  ? 568 ALA A N   1 
ATOM   1314 C CA  . ALA A 1 180 ? -15.696 7.384   -18.444 1.00 53.37  ? 568 ALA A CA  1 
ATOM   1315 C C   . ALA A 1 180 ? -14.427 6.851   -17.760 1.00 52.35  ? 568 ALA A C   1 
ATOM   1316 O O   . ALA A 1 180 ? -14.188 7.221   -16.582 1.00 53.16  ? 568 ALA A O   1 
ATOM   1317 C CB  . ALA A 1 180 ? -16.896 6.525   -18.134 1.00 54.95  ? 568 ALA A CB  1 
ATOM   1318 N N   . LEU A 1 181 ? -13.647 6.011   -18.456 1.00 47.63  ? 569 LEU A N   1 
ATOM   1319 C CA  . LEU A 1 181 ? -12.278 5.620   -18.025 1.00 43.97  ? 569 LEU A CA  1 
ATOM   1320 C C   . LEU A 1 181 ? -11.364 6.851   -18.074 1.00 42.00  ? 569 LEU A C   1 
ATOM   1321 O O   . LEU A 1 181 ? -10.815 7.191   -17.015 1.00 42.89  ? 569 LEU A O   1 
ATOM   1322 C CB  . LEU A 1 181 ? -11.736 4.489   -18.903 1.00 42.43  ? 569 LEU A CB  1 
ATOM   1323 C CG  . LEU A 1 181 ? -12.399 3.121   -18.732 1.00 42.26  ? 569 LEU A CG  1 
ATOM   1324 C CD1 . LEU A 1 181 ? -11.739 2.101   -19.647 1.00 44.00  ? 569 LEU A CD1 1 
ATOM   1325 C CD2 . LEU A 1 181 ? -12.359 2.626   -17.293 1.00 39.97  ? 569 LEU A CD2 1 
ATOM   1326 N N   . THR A 1 182 ? -11.223 7.508   -19.233 1.00 40.23  ? 570 THR A N   1 
ATOM   1327 C CA  . THR A 1 182 ? -10.374 8.725   -19.406 1.00 40.44  ? 570 THR A CA  1 
ATOM   1328 C C   . THR A 1 182 ? -10.633 9.725   -18.273 1.00 42.84  ? 570 THR A C   1 
ATOM   1329 O O   . THR A 1 182 ? -9.654  10.195  -17.645 1.00 41.67  ? 570 THR A O   1 
ATOM   1330 C CB  . THR A 1 182 ? -10.622 9.426   -20.743 1.00 36.84  ? 570 THR A CB  1 
ATOM   1331 O OG1 . THR A 1 182 ? -10.300 8.428   -21.705 1.00 35.29  ? 570 THR A OG1 1 
ATOM   1332 N N   . ALA A 1 183 ? -11.908 10.030  -18.020 1.00 45.30  ? 571 ALA A N   1 
ATOM   1333 C CA  . ALA A 1 183 ? -12.362 10.975  -16.972 1.00 46.96  ? 571 ALA A CA  1 
ATOM   1334 C C   . ALA A 1 183 ? -11.906 10.481  -15.592 1.00 46.26  ? 571 ALA A C   1 
ATOM   1335 O O   . ALA A 1 183 ? -11.396 11.299  -14.813 1.00 43.18  ? 571 ALA A O   1 
ATOM   1336 C CB  . ALA A 1 183 ? -13.863 11.147  -17.041 1.00 49.48  ? 571 ALA A CB  1 
ATOM   1337 N N   . LEU A 1 184 ? -12.076 9.184   -15.313 1.00 49.40  ? 572 LEU A N   1 
ATOM   1338 C CA  . LEU A 1 184 ? -11.722 8.551   -14.011 1.00 48.69  ? 572 LEU A CA  1 
ATOM   1339 C C   . LEU A 1 184 ? -10.197 8.551   -13.819 1.00 50.09  ? 572 LEU A C   1 
ATOM   1340 O O   . LEU A 1 184 ? -9.747  8.845   -12.697 1.00 50.39  ? 572 LEU A O   1 
ATOM   1341 C CB  . LEU A 1 184 ? -12.292 7.133   -13.972 1.00 46.10  ? 572 LEU A CB  1 
ATOM   1342 C CG  . LEU A 1 184 ? -11.852 6.291   -12.777 1.00 45.50  ? 572 LEU A CG  1 
ATOM   1343 C CD1 . LEU A 1 184 ? -12.183 6.971   -11.453 1.00 41.51  ? 572 LEU A CD1 1 
ATOM   1344 C CD2 . LEU A 1 184 ? -12.487 4.915   -12.863 1.00 47.22  ? 572 LEU A CD2 1 
ATOM   1345 N N   . GLU A 1 185 ? -9.440  8.252   -14.880 1.00 50.81  ? 573 GLU A N   1 
ATOM   1346 C CA  . GLU A 1 185 ? -7.955  8.291   -14.898 1.00 50.24  ? 573 GLU A CA  1 
ATOM   1347 C C   . GLU A 1 185 ? -7.431  9.712   -14.593 1.00 51.40  ? 573 GLU A C   1 
ATOM   1348 O O   . GLU A 1 185 ? -6.360  9.821   -13.940 1.00 50.64  ? 573 GLU A O   1 
ATOM   1349 C CB  . GLU A 1 185 ? -7.463  7.791   -16.251 1.00 51.84  ? 573 GLU A CB  1 
ATOM   1350 C CG  . GLU A 1 185 ? -5.959  7.610   -16.293 1.00 57.42  ? 573 GLU A CG  1 
ATOM   1351 C CD  . GLU A 1 185 ? -5.460  6.816   -17.489 1.00 60.13  ? 573 GLU A CD  1 
ATOM   1352 O OE1 . GLU A 1 185 ? -5.986  7.043   -18.604 1.00 57.56  ? 573 GLU A OE1 1 
ATOM   1353 O OE2 . GLU A 1 185 ? -4.566  5.954   -17.295 1.00 58.77  ? 573 GLU A OE2 1 
ATOM   1354 N N   . THR A 1 186 ? -8.126  10.769  -15.047 1.00 47.62  ? 574 THR A N   1 
ATOM   1355 C CA  . THR A 1 186 ? -7.792  12.186  -14.724 1.00 43.48  ? 574 THR A CA  1 
ATOM   1356 C C   . THR A 1 186 ? -8.148  12.471  -13.262 1.00 41.53  ? 574 THR A C   1 
ATOM   1357 O O   . THR A 1 186 ? -7.310  13.067  -12.555 1.00 43.44  ? 574 THR A O   1 
ATOM   1358 C CB  . THR A 1 186 ? -8.507  13.193  -15.636 1.00 41.62  ? 574 THR A CB  1 
ATOM   1359 O OG1 . THR A 1 186 ? -8.217  12.899  -17.001 1.00 38.85  ? 574 THR A OG1 1 
ATOM   1360 C CG2 . THR A 1 186 ? -8.096  14.622  -15.360 1.00 42.29  ? 574 THR A CG2 1 
ATOM   1361 N N   . ALA A 1 187 ? -9.345  12.065  -12.828 1.00 39.71  ? 575 ALA A N   1 
ATOM   1362 C CA  . ALA A 1 187 ? -9.853  12.280  -11.455 1.00 38.57  ? 575 ALA A CA  1 
ATOM   1363 C C   . ALA A 1 187 ? -8.804  11.777  -10.466 1.00 39.56  ? 575 ALA A C   1 
ATOM   1364 O O   . ALA A 1 187 ? -8.575  12.457  -9.434  1.00 36.75  ? 575 ALA A O   1 
ATOM   1365 C CB  . ALA A 1 187 ? -11.171 11.586  -11.253 1.00 36.44  ? 575 ALA A CB  1 
ATOM   1366 N N   . LEU A 1 188 ? -8.184  10.644  -10.808 1.00 43.44  ? 576 LEU A N   1 
ATOM   1367 C CA  . LEU A 1 188 ? -7.194  9.939   -9.951  1.00 50.24  ? 576 LEU A CA  1 
ATOM   1368 C C   . LEU A 1 188 ? -5.975  10.849  -9.725  1.00 57.52  ? 576 LEU A C   1 
ATOM   1369 O O   . LEU A 1 188 ? -5.431  10.830  -8.575  1.00 55.91  ? 576 LEU A O   1 
ATOM   1370 C CB  . LEU A 1 188 ? -6.809  8.608   -10.612 1.00 48.74  ? 576 LEU A CB  1 
ATOM   1371 C CG  . LEU A 1 188 ? -7.902  7.536   -10.661 1.00 47.38  ? 576 LEU A CG  1 
ATOM   1372 C CD1 . LEU A 1 188 ? -7.421  6.288   -11.385 1.00 47.28  ? 576 LEU A CD1 1 
ATOM   1373 C CD2 . LEU A 1 188 ? -8.389  7.171   -9.269  1.00 48.42  ? 576 LEU A CD2 1 
ATOM   1374 N N   . LYS A 1 189 ? -5.597  11.633  -10.755 1.00 59.79  ? 577 LYS A N   1 
ATOM   1375 C CA  . LYS A 1 189 ? -4.405  12.531  -10.761 1.00 59.44  ? 577 LYS A CA  1 
ATOM   1376 C C   . LYS A 1 189 ? -4.595  13.642  -9.722  1.00 59.53  ? 577 LYS A C   1 
ATOM   1377 O O   . LYS A 1 189 ? -3.626  13.957  -9.013  1.00 62.36  ? 577 LYS A O   1 
ATOM   1378 C CB  . LYS A 1 189 ? -4.138  13.094  -12.161 1.00 59.11  ? 577 LYS A CB  1 
ATOM   1379 C CG  . LYS A 1 189 ? -3.900  12.043  -13.242 1.00 61.97  ? 577 LYS A CG  1 
ATOM   1380 C CD  . LYS A 1 189 ? -2.640  12.265  -14.076 1.00 65.29  ? 577 LYS A CD  1 
ATOM   1381 C CE  . LYS A 1 189 ? -2.736  13.397  -15.083 1.00 66.57  ? 577 LYS A CE  1 
ATOM   1382 N NZ  . LYS A 1 189 ? -3.519  13.003  -16.276 1.00 65.59  ? 577 LYS A NZ  1 
ATOM   1383 N N   . GLY A 1 190 ? -5.801  14.195  -9.608  1.00 59.36  ? 578 GLY A N   1 
ATOM   1384 C CA  . GLY A 1 190 ? -6.125  15.204  -8.582  1.00 58.06  ? 578 GLY A CA  1 
ATOM   1385 C C   . GLY A 1 190 ? -6.129  14.608  -7.183  1.00 56.24  ? 578 GLY A C   1 
ATOM   1386 O O   . GLY A 1 190 ? -5.613  13.482  -7.010  1.00 50.82  ? 578 GLY A O   1 
ATOM   1387 N N   . GLU A 1 191 ? -6.692  15.354  -6.226  1.00 57.36  ? 579 GLU A N   1 
ATOM   1388 C CA  . GLU A 1 191 ? -6.835  14.984  -4.790  1.00 58.13  ? 579 GLU A CA  1 
ATOM   1389 C C   . GLU A 1 191 ? -8.312  15.032  -4.368  1.00 55.22  ? 579 GLU A C   1 
ATOM   1390 O O   . GLU A 1 191 ? -8.583  14.799  -3.168  1.00 48.62  ? 579 GLU A O   1 
ATOM   1391 C CB  . GLU A 1 191 ? -6.049  15.948  -3.899  1.00 59.39  ? 579 GLU A CB  1 
ATOM   1392 C CG  . GLU A 1 191 ? -4.697  16.356  -4.457  1.00 61.03  ? 579 GLU A CG  1 
ATOM   1393 C CD  . GLU A 1 191 ? -3.610  15.304  -4.373  1.00 64.54  ? 579 GLU A CD  1 
ATOM   1394 O OE1 . GLU A 1 191 ? -3.881  14.218  -3.831  1.00 66.90  ? 579 GLU A OE1 1 
ATOM   1395 O OE2 . GLU A 1 191 ? -2.493  15.577  -4.855  1.00 70.08  ? 579 GLU A OE2 1 
ATOM   1396 N N   . ASP A 1 192 ? -9.221  15.330  -5.305  1.00 53.48  ? 580 ASP A N   1 
ATOM   1397 C CA  . ASP A 1 192 ? -10.679 15.489  -5.042  1.00 53.31  ? 580 ASP A CA  1 
ATOM   1398 C C   . ASP A 1 192 ? -11.326 14.103  -4.949  1.00 49.11  ? 580 ASP A C   1 
ATOM   1399 O O   . ASP A 1 192 ? -11.541 13.487  -6.004  1.00 49.07  ? 580 ASP A O   1 
ATOM   1400 C CB  . ASP A 1 192 ? -11.365 16.341  -6.116  1.00 53.27  ? 580 ASP A CB  1 
ATOM   1401 C CG  . ASP A 1 192 ? -12.820 16.643  -5.796  1.00 52.88  ? 580 ASP A CG  1 
ATOM   1402 O OD1 . ASP A 1 192 ? -13.479 15.749  -5.226  1.00 54.41  ? 580 ASP A OD1 1 
ATOM   1403 O OD2 . ASP A 1 192 ? -13.276 17.779  -6.084  1.00 49.50  ? 580 ASP A OD2 1 
ATOM   1404 N N   . LYS A 1 193 ? -11.635 13.642  -3.737  1.00 44.27  ? 581 LYS A N   1 
ATOM   1405 C CA  . LYS A 1 193 ? -12.201 12.287  -3.504  1.00 42.76  ? 581 LYS A CA  1 
ATOM   1406 C C   . LYS A 1 193 ? -13.542 12.181  -4.244  1.00 42.63  ? 581 LYS A C   1 
ATOM   1407 O O   . LYS A 1 193 ? -13.710 11.272  -5.090  1.00 37.20  ? 581 LYS A O   1 
ATOM   1408 C CB  . LYS A 1 193 ? -12.364 12.026  -2.002  1.00 41.16  ? 581 LYS A CB  1 
ATOM   1409 C CG  . LYS A 1 193 ? -13.348 10.922  -1.644  1.00 41.67  ? 581 LYS A CG  1 
ATOM   1410 C CD  . LYS A 1 193 ? -13.429 10.638  -0.166  1.00 44.09  ? 581 LYS A CD  1 
ATOM   1411 C CE  . LYS A 1 193 ? -14.662 9.838   0.201   1.00 46.12  ? 581 LYS A CE  1 
ATOM   1412 N NZ  . LYS A 1 193 ? -14.634 9.380   1.614   1.00 47.56  ? 581 LYS A NZ  1 
ATOM   1413 N N   . ALA A 1 194 ? -14.461 13.090  -3.904  1.00 44.14  ? 582 ALA A N   1 
ATOM   1414 C CA  . ALA A 1 194 ? -15.809 13.219  -4.496  1.00 40.29  ? 582 ALA A CA  1 
ATOM   1415 C C   . ALA A 1 194 ? -15.729 12.850  -5.976  1.00 37.87  ? 582 ALA A C   1 
ATOM   1416 O O   . ALA A 1 194 ? -16.392 11.894  -6.382  1.00 38.33  ? 582 ALA A O   1 
ATOM   1417 C CB  . ALA A 1 194 ? -16.311 14.630  -4.301  1.00 40.13  ? 582 ALA A CB  1 
ATOM   1418 N N   . ALA A 1 195 ? -14.887 13.578  -6.712  1.00 38.87  ? 583 ALA A N   1 
ATOM   1419 C CA  . ALA A 1 195 ? -14.714 13.527  -8.185  1.00 37.55  ? 583 ALA A CA  1 
ATOM   1420 C C   . ALA A 1 195 ? -14.356 12.104  -8.610  1.00 36.64  ? 583 ALA A C   1 
ATOM   1421 O O   . ALA A 1 195 ? -14.923 11.618  -9.590  1.00 38.02  ? 583 ALA A O   1 
ATOM   1422 C CB  . ALA A 1 195 ? -13.648 14.510  -8.611  1.00 36.23  ? 583 ALA A CB  1 
ATOM   1423 N N   . ILE A 1 196 ? -13.444 11.468  -7.883  1.00 36.74  ? 584 ILE A N   1 
ATOM   1424 C CA  . ILE A 1 196 ? -13.040 10.057  -8.130  1.00 37.83  ? 584 ILE A CA  1 
ATOM   1425 C C   . ILE A 1 196 ? -14.323 9.215   -8.044  1.00 37.77  ? 584 ILE A C   1 
ATOM   1426 O O   . ILE A 1 196 ? -14.646 8.564   -9.045  1.00 40.13  ? 584 ILE A O   1 
ATOM   1427 C CB  . ILE A 1 196 ? -11.901 9.633   -7.169  1.00 38.61  ? 584 ILE A CB  1 
ATOM   1428 C CG1 . ILE A 1 196 ? -10.607 10.393  -7.487  1.00 37.73  ? 584 ILE A CG1 1 
ATOM   1429 C CG2 . ILE A 1 196 ? -11.670 8.129   -7.173  1.00 38.17  ? 584 ILE A CG2 1 
ATOM   1430 C CD1 . ILE A 1 196 ? -9.602  10.412  -6.361  1.00 37.85  ? 584 ILE A CD1 1 
ATOM   1431 N N   . GLU A 1 197 ? -15.089 9.316   -6.956  1.00 37.21  ? 585 GLU A N   1 
ATOM   1432 C CA  . GLU A 1 197 ? -16.351 8.538   -6.800  1.00 38.34  ? 585 GLU A CA  1 
ATOM   1433 C C   . GLU A 1 197 ? -17.326 8.900   -7.930  1.00 37.53  ? 585 GLU A C   1 
ATOM   1434 O O   . GLU A 1 197 ? -18.004 7.988   -8.433  1.00 40.09  ? 585 GLU A O   1 
ATOM   1435 C CB  . GLU A 1 197 ? -17.035 8.782   -5.459  1.00 39.51  ? 585 GLU A CB  1 
ATOM   1436 C CG  . GLU A 1 197 ? -16.117 9.231   -4.349  1.00 43.12  ? 585 GLU A CG  1 
ATOM   1437 C CD  . GLU A 1 197 ? -16.892 9.604   -3.101  1.00 50.29  ? 585 GLU A CD  1 
ATOM   1438 O OE1 . GLU A 1 197 ? -17.711 10.560  -3.171  1.00 53.24  ? 585 GLU A OE1 1 
ATOM   1439 O OE2 . GLU A 1 197 ? -16.708 8.926   -2.068  1.00 56.44  ? 585 GLU A OE2 1 
ATOM   1440 N N   . ALA A 1 198 ? -17.384 10.174  -8.318  1.00 36.56  ? 586 ALA A N   1 
ATOM   1441 C CA  . ALA A 1 198 ? -18.241 10.708  -9.404  1.00 38.00  ? 586 ALA A CA  1 
ATOM   1442 C C   . ALA A 1 198 ? -18.000 9.967   -10.727 1.00 39.94  ? 586 ALA A C   1 
ATOM   1443 O O   . ALA A 1 198 ? -18.992 9.685   -11.435 1.00 40.76  ? 586 ALA A O   1 
ATOM   1444 C CB  . ALA A 1 198 ? -17.987 12.182  -9.581  1.00 37.92  ? 586 ALA A CB  1 
ATOM   1445 N N   . LYS A 1 199 ? -16.733 9.705   -11.068 1.00 41.75  ? 587 LYS A N   1 
ATOM   1446 C CA  . LYS A 1 199 ? -16.321 9.049   -12.341 1.00 41.85  ? 587 LYS A CA  1 
ATOM   1447 C C   . LYS A 1 199 ? -16.430 7.529   -12.184 1.00 40.34  ? 587 LYS A C   1 
ATOM   1448 O O   . LYS A 1 199 ? -16.614 6.825   -13.200 1.00 40.40  ? 587 LYS A O   1 
ATOM   1449 C CB  . LYS A 1 199 ? -14.906 9.485   -12.733 1.00 42.07  ? 587 LYS A CB  1 
ATOM   1450 C CG  . LYS A 1 199 ? -14.734 10.989  -12.910 1.00 44.11  ? 587 LYS A CG  1 
ATOM   1451 C CD  . LYS A 1 199 ? -15.513 11.569  -14.078 1.00 47.14  ? 587 LYS A CD  1 
ATOM   1452 C CE  . LYS A 1 199 ? -16.292 12.823  -13.733 1.00 50.40  ? 587 LYS A CE  1 
ATOM   1453 N NZ  . LYS A 1 199 ? -17.477 12.997  -14.611 1.00 52.45  ? 587 LYS A NZ  1 
ATOM   1454 N N   . MET A 1 200 ? -16.329 7.045   -10.953 1.00 38.07  ? 588 MET A N   1 
ATOM   1455 C CA  . MET A 1 200 ? -16.526 5.613   -10.653 1.00 40.28  ? 588 MET A CA  1 
ATOM   1456 C C   . MET A 1 200 ? -18.018 5.330   -10.780 1.00 42.45  ? 588 MET A C   1 
ATOM   1457 O O   . MET A 1 200 ? -18.351 4.247   -11.273 1.00 49.25  ? 588 MET A O   1 
ATOM   1458 C CB  . MET A 1 200 ? -16.041 5.250   -9.246  1.00 41.86  ? 588 MET A CB  1 
ATOM   1459 C CG  . MET A 1 200 ? -14.526 5.130   -9.120  1.00 39.48  ? 588 MET A CG  1 
ATOM   1460 S SD  . MET A 1 200 ? -13.998 5.214   -7.398  1.00 36.62  ? 588 MET A SD  1 
ATOM   1461 C CE  . MET A 1 200 ? -14.571 3.619   -6.815  1.00 38.35  ? 588 MET A CE  1 
ATOM   1462 N N   . GLN A 1 201 ? -18.862 6.277   -10.354 1.00 42.17  ? 589 GLN A N   1 
ATOM   1463 C CA  . GLN A 1 201 ? -20.339 6.251   -10.550 1.00 40.44  ? 589 GLN A CA  1 
ATOM   1464 C C   . GLN A 1 201 ? -20.625 6.163   -12.052 1.00 37.09  ? 589 GLN A C   1 
ATOM   1465 O O   . GLN A 1 201 ? -21.308 5.235   -12.480 1.00 32.96  ? 589 GLN A O   1 
ATOM   1466 C CB  . GLN A 1 201 ? -20.965 7.514   -9.954  1.00 43.97  ? 589 GLN A CB  1 
ATOM   1467 C CG  . GLN A 1 201 ? -22.397 7.352   -9.455  1.00 47.56  ? 589 GLN A CG  1 
ATOM   1468 C CD  . GLN A 1 201 ? -22.802 8.452   -8.491  1.00 50.68  ? 589 GLN A CD  1 
ATOM   1469 O OE1 . GLN A 1 201 ? -23.289 8.180   -7.391  1.00 50.52  ? 589 GLN A OE1 1 
ATOM   1470 N NE2 . GLN A 1 201 ? -22.590 9.705   -8.880  1.00 46.93  ? 589 GLN A NE2 1 
ATOM   1471 N N   . GLU A 1 202 ? -20.063 7.081   -12.832 1.00 39.18  ? 590 GLU A N   1 
ATOM   1472 C CA  . GLU A 1 202 ? -20.309 7.192   -14.294 1.00 42.07  ? 590 GLU A CA  1 
ATOM   1473 C C   . GLU A 1 202 ? -19.932 5.872   -14.978 1.00 39.96  ? 590 GLU A C   1 
ATOM   1474 O O   . GLU A 1 202 ? -20.759 5.335   -15.734 1.00 38.70  ? 590 GLU A O   1 
ATOM   1475 C CB  . GLU A 1 202 ? -19.540 8.383   -14.865 1.00 46.20  ? 590 GLU A CB  1 
ATOM   1476 C CG  . GLU A 1 202 ? -19.957 8.727   -16.281 1.00 51.81  ? 590 GLU A CG  1 
ATOM   1477 C CD  . GLU A 1 202 ? -19.172 9.861   -16.914 1.00 58.06  ? 590 GLU A CD  1 
ATOM   1478 O OE1 . GLU A 1 202 ? -18.331 10.474  -16.203 1.00 64.10  ? 590 GLU A OE1 1 
ATOM   1479 O OE2 . GLU A 1 202 ? -19.400 10.128  -18.121 1.00 60.39  ? 590 GLU A OE2 1 
ATOM   1480 N N   . LEU A 1 203 ? -18.730 5.364   -14.709 1.00 39.48  ? 591 LEU A N   1 
ATOM   1481 C CA  . LEU A 1 203 ? -18.280 4.034   -15.193 1.00 40.16  ? 591 LEU A CA  1 
ATOM   1482 C C   . LEU A 1 203 ? -19.317 2.958   -14.843 1.00 42.02  ? 591 LEU A C   1 
ATOM   1483 O O   . LEU A 1 203 ? -19.790 2.282   -15.759 1.00 44.14  ? 591 LEU A O   1 
ATOM   1484 C CB  . LEU A 1 203 ? -16.927 3.693   -14.574 1.00 39.84  ? 591 LEU A CB  1 
ATOM   1485 C CG  . LEU A 1 203 ? -16.051 2.804   -15.449 1.00 42.33  ? 591 LEU A CG  1 
ATOM   1486 C CD1 . LEU A 1 203 ? -15.575 3.568   -16.674 1.00 45.97  ? 591 LEU A CD1 1 
ATOM   1487 C CD2 . LEU A 1 203 ? -14.858 2.268   -14.684 1.00 43.38  ? 591 LEU A CD2 1 
ATOM   1488 N N   . ALA A 1 204 ? -19.668 2.813   -13.566 1.00 44.86  ? 592 ALA A N   1 
ATOM   1489 C CA  . ALA A 1 204 ? -20.580 1.763   -13.051 1.00 47.93  ? 592 ALA A CA  1 
ATOM   1490 C C   . ALA A 1 204 ? -21.836 1.668   -13.922 1.00 51.75  ? 592 ALA A C   1 
ATOM   1491 O O   . ALA A 1 204 ? -22.200 0.523   -14.307 1.00 52.39  ? 592 ALA A O   1 
ATOM   1492 C CB  . ALA A 1 204 ? -20.949 2.040   -11.613 1.00 47.17  ? 592 ALA A CB  1 
ATOM   1493 N N   . GLN A 1 205 ? -22.449 2.826   -14.214 1.00 54.66  ? 593 GLN A N   1 
ATOM   1494 C CA  . GLN A 1 205 ? -23.782 2.967   -14.870 1.00 52.79  ? 593 GLN A CA  1 
ATOM   1495 C C   . GLN A 1 205 ? -23.687 2.588   -16.352 1.00 54.89  ? 593 GLN A C   1 
ATOM   1496 O O   . GLN A 1 205 ? -24.519 1.780   -16.815 1.00 58.63  ? 593 GLN A O   1 
ATOM   1497 C CB  . GLN A 1 205 ? -24.290 4.400   -14.770 1.00 48.83  ? 593 GLN A CB  1 
ATOM   1498 C CG  . GLN A 1 205 ? -24.386 4.905   -13.345 1.00 47.47  ? 593 GLN A CG  1 
ATOM   1499 C CD  . GLN A 1 205 ? -24.469 6.408   -13.285 1.00 49.17  ? 593 GLN A CD  1 
ATOM   1500 O OE1 . GLN A 1 205 ? -23.981 7.131   -14.161 1.00 51.18  ? 593 GLN A OE1 1 
ATOM   1501 N NE2 . GLN A 1 205 ? -25.096 6.892   -12.225 1.00 50.21  ? 593 GLN A NE2 1 
ATOM   1502 N N   . VAL A 1 206 ? -22.705 3.146   -17.062 1.00 51.47  ? 594 VAL A N   1 
ATOM   1503 C CA  . VAL A 1 206 ? -22.532 2.929   -18.525 1.00 51.53  ? 594 VAL A CA  1 
ATOM   1504 C C   . VAL A 1 206 ? -21.899 1.548   -18.786 1.00 50.83  ? 594 VAL A C   1 
ATOM   1505 O O   . VAL A 1 206 ? -21.879 1.120   -19.959 1.00 51.79  ? 594 VAL A O   1 
ATOM   1506 C CB  . VAL A 1 206 ? -21.750 4.096   -19.164 1.00 52.15  ? 594 VAL A CB  1 
ATOM   1507 C CG2 . VAL A 1 206 ? -20.303 4.174   -18.703 1.00 52.87  ? 594 VAL A CG2 1 
ATOM   1508 N N   . SER A 1 207 ? -21.441 0.835   -17.752 1.00 52.37  ? 595 SER A N   1 
ATOM   1509 C CA  . SER A 1 207 ? -20.714 -0.458  -17.898 1.00 55.48  ? 595 SER A CA  1 
ATOM   1510 C C   . SER A 1 207 ? -21.648 -1.662  -17.698 1.00 54.55  ? 595 SER A C   1 
ATOM   1511 O O   . SER A 1 207 ? -21.169 -2.782  -17.895 1.00 51.75  ? 595 SER A O   1 
ATOM   1512 C CB  . SER A 1 207 ? -19.512 -0.539  -16.967 1.00 55.47  ? 595 SER A CB  1 
ATOM   1513 O OG  . SER A 1 207 ? -18.492 0.379   -17.344 1.00 50.93  ? 595 SER A OG  1 
ATOM   1514 N N   . GLN A 1 208 ? -22.918 -1.452  -17.335 1.00 58.88  ? 596 GLN A N   1 
ATOM   1515 C CA  . GLN A 1 208 ? -23.924 -2.533  -17.097 1.00 64.52  ? 596 GLN A CA  1 
ATOM   1516 C C   . GLN A 1 208 ? -23.683 -3.747  -18.008 1.00 62.85  ? 596 GLN A C   1 
ATOM   1517 O O   . GLN A 1 208 ? -23.592 -4.871  -17.466 1.00 54.81  ? 596 GLN A O   1 
ATOM   1518 C CB  . GLN A 1 208 ? -25.355 -2.036  -17.338 1.00 70.46  ? 596 GLN A CB  1 
ATOM   1519 C CG  . GLN A 1 208 ? -26.139 -1.751  -16.062 1.00 72.52  ? 596 GLN A CG  1 
ATOM   1520 C CD  . GLN A 1 208 ? -27.620 -2.025  -16.190 1.00 74.78  ? 596 GLN A CD  1 
ATOM   1521 O OE1 . GLN A 1 208 ? -28.042 -3.160  -16.417 1.00 74.40  ? 596 GLN A OE1 1 
ATOM   1522 N NE2 . GLN A 1 208 ? -28.426 -0.986  -16.015 1.00 70.09  ? 596 GLN A NE2 1 
ATOM   1523 N N   . LYS A 1 209 ? -23.621 -3.539  -19.333 1.00 64.00  ? 597 LYS A N   1 
ATOM   1524 C CA  . LYS A 1 209 ? -23.605 -4.632  -20.347 1.00 66.43  ? 597 LYS A CA  1 
ATOM   1525 C C   . LYS A 1 209 ? -22.209 -5.265  -20.445 1.00 67.09  ? 597 LYS A C   1 
ATOM   1526 O O   . LYS A 1 209 ? -22.147 -6.472  -20.728 1.00 71.15  ? 597 LYS A O   1 
ATOM   1527 C CB  . LYS A 1 209 ? -24.066 -4.142  -21.726 1.00 68.60  ? 597 LYS A CB  1 
ATOM   1528 C CG  . LYS A 1 209 ? -24.144 -5.224  -22.805 1.00 68.00  ? 597 LYS A CG  1 
ATOM   1529 C CD  . LYS A 1 209 ? -24.924 -4.833  -24.052 1.00 67.20  ? 597 LYS A CD  1 
ATOM   1530 N N   . LEU A 1 210 ? -21.137 -4.489  -20.248 1.00 68.54  ? 598 LEU A N   1 
ATOM   1531 C CA  . LEU A 1 210 ? -19.729 -4.988  -20.220 1.00 64.17  ? 598 LEU A CA  1 
ATOM   1532 C C   . LEU A 1 210 ? -19.615 -6.081  -19.151 1.00 61.58  ? 598 LEU A C   1 
ATOM   1533 O O   . LEU A 1 210 ? -19.153 -7.181  -19.480 1.00 62.66  ? 598 LEU A O   1 
ATOM   1534 C CB  . LEU A 1 210 ? -18.783 -3.825  -19.898 1.00 66.27  ? 598 LEU A CB  1 
ATOM   1535 C CG  . LEU A 1 210 ? -17.312 -3.964  -20.301 1.00 66.66  ? 598 LEU A CG  1 
ATOM   1536 C CD1 . LEU A 1 210 ? -16.417 -3.350  -19.234 1.00 68.24  ? 598 LEU A CD1 1 
ATOM   1537 C CD2 . LEU A 1 210 ? -16.890 -5.400  -20.556 1.00 66.25  ? 598 LEU A CD2 1 
ATOM   1538 N N   . MET A 1 211 ? -20.023 -5.767  -17.918 1.00 59.10  ? 599 MET A N   1 
ATOM   1539 C CA  . MET A 1 211 ? -20.051 -6.698  -16.759 1.00 58.33  ? 599 MET A CA  1 
ATOM   1540 C C   . MET A 1 211 ? -20.647 -8.041  -17.194 1.00 61.20  ? 599 MET A C   1 
ATOM   1541 O O   . MET A 1 211 ? -19.999 -9.080  -16.948 1.00 67.44  ? 599 MET A O   1 
ATOM   1542 C CB  . MET A 1 211 ? -20.906 -6.131  -15.620 1.00 54.89  ? 599 MET A CB  1 
ATOM   1543 C CG  . MET A 1 211 ? -20.352 -4.875  -14.986 1.00 50.28  ? 599 MET A CG  1 
ATOM   1544 S SD  . MET A 1 211 ? -18.653 -5.068  -14.420 1.00 47.65  ? 599 MET A SD  1 
ATOM   1545 C CE  . MET A 1 211 ? -17.714 -4.493  -15.836 1.00 48.99  ? 599 MET A CE  1 
ATOM   1546 N N   . GLU A 1 212 ? -21.835 -8.002  -17.807 1.00 62.33  ? 600 GLU A N   1 
ATOM   1547 C CA  . GLU A 1 212 ? -22.636 -9.189  -18.218 1.00 62.93  ? 600 GLU A CA  1 
ATOM   1548 C C   . GLU A 1 212 ? -21.717 -10.193 -18.921 1.00 59.97  ? 600 GLU A C   1 
ATOM   1549 O O   . GLU A 1 212 ? -21.618 -11.354 -18.449 1.00 58.26  ? 600 GLU A O   1 
ATOM   1550 C CB  . GLU A 1 212 ? -23.784 -8.767  -19.143 1.00 65.80  ? 600 GLU A CB  1 
ATOM   1551 C CG  . GLU A 1 212 ? -25.156 -9.237  -18.691 1.00 67.51  ? 600 GLU A CG  1 
ATOM   1552 C CD  . GLU A 1 212 ? -26.304 -8.492  -19.352 1.00 69.65  ? 600 GLU A CD  1 
ATOM   1553 O OE1 . GLU A 1 212 ? -26.200 -8.219  -20.567 1.00 73.22  ? 600 GLU A OE1 1 
ATOM   1554 O OE2 . GLU A 1 212 ? -27.286 -8.169  -18.647 1.00 66.05  ? 600 GLU A OE2 1 
ATOM   1555 N N   . ILE A 1 213 ? -21.054 -9.738  -19.985 1.00 57.85  ? 601 ILE A N   1 
ATOM   1556 C CA  . ILE A 1 213 ? -20.224 -10.580 -20.898 1.00 61.35  ? 601 ILE A CA  1 
ATOM   1557 C C   . ILE A 1 213 ? -19.111 -11.257 -20.085 1.00 67.33  ? 601 ILE A C   1 
ATOM   1558 O O   . ILE A 1 213 ? -18.978 -12.504 -20.190 1.00 78.76  ? 601 ILE A O   1 
ATOM   1559 C CB  . ILE A 1 213 ? -19.658 -9.739  -22.061 1.00 58.28  ? 601 ILE A CB  1 
ATOM   1560 C CG1 . ILE A 1 213 ? -20.759 -9.057  -22.876 1.00 54.49  ? 601 ILE A CG1 1 
ATOM   1561 C CG2 . ILE A 1 213 ? -18.754 -10.588 -22.943 1.00 59.71  ? 601 ILE A CG2 1 
ATOM   1562 C CD1 . ILE A 1 213 ? -20.265 -7.884  -23.687 1.00 53.70  ? 601 ILE A CD1 1 
ATOM   1563 N N   . ALA A 1 214 ? -18.343 -10.466 -19.318 1.00 67.92  ? 602 ALA A N   1 
ATOM   1564 C CA  . ALA A 1 214 ? -17.212 -10.920 -18.471 1.00 65.71  ? 602 ALA A CA  1 
ATOM   1565 C C   . ALA A 1 214 ? -17.682 -12.117 -17.643 1.00 65.22  ? 602 ALA A C   1 
ATOM   1566 O O   . ALA A 1 214 ? -16.948 -13.122 -17.587 1.00 67.51  ? 602 ALA A O   1 
ATOM   1567 C CB  . ALA A 1 214 ? -16.719 -9.789  -17.599 1.00 65.70  ? 602 ALA A CB  1 
ATOM   1568 N N   . GLN A 1 215 ? -18.883 -11.991 -17.067 1.00 63.72  ? 603 GLN A N   1 
ATOM   1569 C CA  . GLN A 1 215 ? -19.676 -13.082 -16.438 1.00 64.84  ? 603 GLN A CA  1 
ATOM   1570 C C   . GLN A 1 215 ? -20.289 -13.959 -17.550 1.00 63.28  ? 603 GLN A C   1 
ATOM   1571 O O   . GLN A 1 215 ? -19.677 -14.744 -18.301 1.00 56.97  ? 603 GLN A O   1 
ATOM   1572 C CB  . GLN A 1 215 ? -20.738 -12.444 -15.532 1.00 65.77  ? 603 GLN A CB  1 
ATOM   1573 C CG  . GLN A 1 215 ? -21.256 -13.330 -14.403 1.00 67.40  ? 603 GLN A CG  1 
ATOM   1574 C CD  . GLN A 1 215 ? -21.660 -14.710 -14.865 1.00 70.64  ? 603 GLN A CD  1 
ATOM   1575 O OE1 . GLN A 1 215 ? -20.815 -15.558 -15.143 1.00 77.16  ? 603 GLN A OE1 1 
ATOM   1576 N NE2 . GLN A 1 215 ? -22.959 -14.954 -14.945 1.00 68.69  ? 603 GLN A NE2 1 
ATOM   1577 N N   . THR B 2 4   ? 6.824   0.080   -6.043  1.00 54.59  ? 363 THR B N   1 
ATOM   1578 C CA  . THR B 2 4   ? 5.561   0.401   -5.274  1.00 57.90  ? 363 THR B CA  1 
ATOM   1579 C C   . THR B 2 4   ? 4.917   -0.909  -4.792  1.00 60.77  ? 363 THR B C   1 
ATOM   1580 O O   . THR B 2 4   ? 4.776   -1.854  -5.617  1.00 62.58  ? 363 THR B O   1 
ATOM   1581 C CB  . THR B 2 4   ? 4.561   1.240   -6.095  1.00 58.42  ? 363 THR B CB  1 
ATOM   1582 O OG1 . THR B 2 4   ? 5.092   2.529   -6.408  1.00 60.08  ? 363 THR B OG1 1 
ATOM   1583 C CG2 . THR B 2 4   ? 3.243   1.470   -5.387  1.00 56.43  ? 363 THR B CG2 1 
ATOM   1584 N N   . LEU B 2 5   ? 4.516   -0.934  -3.514  1.00 57.56  ? 364 LEU B N   1 
ATOM   1585 C CA  . LEU B 2 5   ? 3.914   -2.096  -2.813  1.00 52.69  ? 364 LEU B CA  1 
ATOM   1586 C C   . LEU B 2 5   ? 2.437   -1.840  -2.523  1.00 51.90  ? 364 LEU B C   1 
ATOM   1587 O O   . LEU B 2 5   ? 2.083   -0.706  -2.141  1.00 51.57  ? 364 LEU B O   1 
ATOM   1588 C CB  . LEU B 2 5   ? 4.657   -2.314  -1.501  1.00 53.83  ? 364 LEU B CB  1 
ATOM   1589 C CG  . LEU B 2 5   ? 5.645   -3.467  -1.529  1.00 58.03  ? 364 LEU B CG  1 
ATOM   1590 C CD1 . LEU B 2 5   ? 6.613   -3.379  -0.370  1.00 62.03  ? 364 LEU B CD1 1 
ATOM   1591 C CD2 . LEU B 2 5   ? 4.911   -4.787  -1.493  1.00 59.54  ? 364 LEU B CD2 1 
ATOM   1592 N N   . VAL B 2 6   ? 1.632   -2.892  -2.629  1.00 49.02  ? 365 VAL B N   1 
ATOM   1593 C CA  . VAL B 2 6   ? 0.169   -2.871  -2.348  1.00 47.04  ? 365 VAL B CA  1 
ATOM   1594 C C   . VAL B 2 6   ? -0.128  -4.042  -1.419  1.00 47.80  ? 365 VAL B C   1 
ATOM   1595 O O   . VAL B 2 6   ? 0.591   -5.050  -1.502  1.00 51.38  ? 365 VAL B O   1 
ATOM   1596 C CB  . VAL B 2 6   ? -0.651  -2.960  -3.648  1.00 44.33  ? 365 VAL B CB  1 
ATOM   1597 C CG1 . VAL B 2 6   ? 0.229   -2.734  -4.866  1.00 43.92  ? 365 VAL B CG1 1 
ATOM   1598 C CG2 . VAL B 2 6   ? -1.412  -4.273  -3.778  1.00 42.70  ? 365 VAL B CG2 1 
ATOM   1599 N N   . ILE B 2 7   ? -1.172  -3.924  -0.610  1.00 47.30  ? 366 ILE B N   1 
ATOM   1600 C CA  . ILE B 2 7   ? -1.598  -4.997  0.329   1.00 48.76  ? 366 ILE B CA  1 
ATOM   1601 C C   . ILE B 2 7   ? -2.097  -6.196  -0.481  1.00 43.12  ? 366 ILE B C   1 
ATOM   1602 O O   . ILE B 2 7   ? -3.279  -6.300  -0.773  1.00 38.48  ? 366 ILE B O   1 
ATOM   1603 C CB  . ILE B 2 7   ? -2.657  -4.444  1.296   1.00 57.03  ? 366 ILE B CB  1 
ATOM   1604 C CG1 . ILE B 2 7   ? -2.147  -3.165  1.972   1.00 57.56  ? 366 ILE B CG1 1 
ATOM   1605 C CG2 . ILE B 2 7   ? -3.093  -5.520  2.288   1.00 64.07  ? 366 ILE B CG2 1 
ATOM   1606 C CD1 . ILE B 2 7   ? -2.566  -2.989  3.416   1.00 59.23  ? 366 ILE B CD1 1 
HETATM 1607 S S   . SO4 C 3 .   ? -6.628  -5.519  -10.379 1.00 102.58 ? 701 SO4 A S   1 
HETATM 1608 O O1  . SO4 C 3 .   ? -7.053  -4.213  -9.956  1.00 101.87 ? 701 SO4 A O1  1 
HETATM 1609 O O2  . SO4 C 3 .   ? -5.338  -5.804  -9.807  1.00 95.27  ? 701 SO4 A O2  1 
HETATM 1610 O O3  . SO4 C 3 .   ? -6.544  -5.545  -11.816 1.00 101.00 ? 701 SO4 A O3  1 
HETATM 1611 O O4  . SO4 C 3 .   ? -7.578  -6.510  -9.942  1.00 104.37 ? 701 SO4 A O4  1 
HETATM 1612 S S   . SO4 D 3 .   ? 18.917  7.781   12.494  1.00 102.82 ? 702 SO4 A S   1 
HETATM 1613 O O1  . SO4 D 3 .   ? 17.740  8.558   12.765  1.00 105.91 ? 702 SO4 A O1  1 
HETATM 1614 O O2  . SO4 D 3 .   ? 19.720  7.684   13.686  1.00 103.16 ? 702 SO4 A O2  1 
HETATM 1615 O O3  . SO4 D 3 .   ? 18.513  6.463   12.078  1.00 99.10  ? 702 SO4 A O3  1 
HETATM 1616 O O4  . SO4 D 3 .   ? 19.685  8.421   11.455  1.00 95.09  ? 702 SO4 A O4  1 
HETATM 1617 O O   . HOH E 4 .   ? 1.510   6.046   -3.896  1.00 29.54  ? 801 HOH A O   1 
HETATM 1618 O O   . HOH E 4 .   ? 19.162  10.990  21.305  1.00 18.96  ? 802 HOH A O   1 
HETATM 1619 O O   . HOH E 4 .   ? 18.770  12.778  12.991  1.00 29.50  ? 803 HOH A O   1 
HETATM 1620 O O   . HOH E 4 .   ? 22.327  12.594  12.785  1.00 35.71  ? 804 HOH A O   1 
# 
loop_
_pdbx_poly_seq_scheme.asym_id 
_pdbx_poly_seq_scheme.entity_id 
_pdbx_poly_seq_scheme.seq_id 
_pdbx_poly_seq_scheme.mon_id 
_pdbx_poly_seq_scheme.ndb_seq_num 
_pdbx_poly_seq_scheme.pdb_seq_num 
_pdbx_poly_seq_scheme.auth_seq_num 
_pdbx_poly_seq_scheme.pdb_mon_id 
_pdbx_poly_seq_scheme.auth_mon_id 
_pdbx_poly_seq_scheme.pdb_strand_id 
_pdbx_poly_seq_scheme.pdb_ins_code 
_pdbx_poly_seq_scheme.hetero 
A 1 1   VAL 1   389 389 VAL VAL A . n 
A 1 2   LEU 2   390 390 LEU LEU A . n 
A 1 3   LEU 3   391 391 LEU LEU A . n 
A 1 4   LEU 4   392 392 LEU LEU A . n 
A 1 5   ASP 5   393 393 ASP ASP A . n 
A 1 6   VAL 6   394 394 VAL VAL A . n 
A 1 7   THR 7   395 395 THR THR A . n 
A 1 8   PRO 8   396 396 PRO PRO A . n 
A 1 9   LEU 9   397 397 LEU LEU A . n 
A 1 10  SER 10  398 398 SER SER A . n 
A 1 11  LEU 11  399 399 LEU LEU A . n 
A 1 12  GLY 12  400 400 GLY GLY A . n 
A 1 13  ILE 13  401 401 ILE ILE A . n 
A 1 14  GLU 14  402 402 GLU GLU A . n 
A 1 15  THR 15  403 403 THR THR A . n 
A 1 16  MET 16  404 404 MET MET A . n 
A 1 17  GLY 17  405 405 GLY GLY A . n 
A 1 18  GLY 18  406 406 GLY GLY A . n 
A 1 19  VAL 19  407 407 VAL VAL A . n 
A 1 20  MET 20  408 408 MET MET A . n 
A 1 21  THR 21  409 409 THR THR A . n 
A 1 22  THR 22  410 410 THR THR A . n 
A 1 23  LEU 23  411 411 LEU LEU A . n 
A 1 24  ILE 24  412 412 ILE ILE A . n 
A 1 25  ALA 25  413 413 ALA ALA A . n 
A 1 26  LYS 26  414 414 LYS LYS A . n 
A 1 27  ASN 27  415 415 ASN ASN A . n 
A 1 28  THR 28  416 416 THR THR A . n 
A 1 29  THR 29  417 417 THR THR A . n 
A 1 30  ILE 30  418 418 ILE ILE A . n 
A 1 31  PRO 31  419 419 PRO PRO A . n 
A 1 32  THR 32  420 420 THR THR A . n 
A 1 33  LYS 33  421 421 LYS LYS A . n 
A 1 34  HIS 34  422 422 HIS HIS A . n 
A 1 35  SER 35  423 423 SER SER A . n 
A 1 36  GLN 36  424 424 GLN GLN A . n 
A 1 37  VAL 37  425 425 VAL VAL A . n 
A 1 38  PHE 38  426 426 PHE PHE A . n 
A 1 39  SER 39  427 427 SER SER A . n 
A 1 40  THR 40  428 428 THR THR A . n 
A 1 41  ALA 41  429 429 ALA ALA A . n 
A 1 42  GLU 42  430 430 GLU GLU A . n 
A 1 43  ASP 43  431 431 ASP ASP A . n 
A 1 44  ASN 44  432 432 ASN ASN A . n 
A 1 45  GLN 45  433 433 GLN GLN A . n 
A 1 46  SER 46  434 434 SER SER A . n 
A 1 47  ALA 47  435 435 ALA ALA A . n 
A 1 48  VAL 48  436 436 VAL VAL A . n 
A 1 49  THR 49  437 437 THR THR A . n 
A 1 50  ILE 50  438 438 ILE ILE A . n 
A 1 51  HIS 51  439 439 HIS HIS A . n 
A 1 52  VAL 52  440 440 VAL VAL A . n 
A 1 53  LEU 53  441 441 LEU LEU A . n 
A 1 54  GLN 54  442 442 GLN GLN A . n 
A 1 55  GLY 55  443 443 GLY GLY A . n 
A 1 56  GLU 56  444 444 GLU GLU A . n 
A 1 57  ARG 57  445 445 ARG ARG A . n 
A 1 58  LYS 58  446 446 LYS LYS A . n 
A 1 59  ARG 59  447 447 ARG ARG A . n 
A 1 60  ALA 60  448 448 ALA ALA A . n 
A 1 61  ALA 61  449 449 ALA ALA A . n 
A 1 62  ASP 62  450 450 ASP ASP A . n 
A 1 63  ASN 63  451 451 ASN ASN A . n 
A 1 64  LYS 64  452 452 LYS LYS A . n 
A 1 65  SER 65  453 453 SER SER A . n 
A 1 66  LEU 66  454 454 LEU LEU A . n 
A 1 67  GLY 67  455 455 GLY GLY A . n 
A 1 68  GLN 68  456 456 GLN GLN A . n 
A 1 69  PHE 69  457 457 PHE PHE A . n 
A 1 70  ASN 70  458 458 ASN ASN A . n 
A 1 71  LEU 71  459 459 LEU LEU A . n 
A 1 72  ASP 72  460 460 ASP ASP A . n 
A 1 73  GLY 73  461 461 GLY GLY A . n 
A 1 74  ILE 74  462 462 ILE ILE A . n 
A 1 75  ASN 75  463 463 ASN ASN A . n 
A 1 76  PRO 76  464 464 PRO PRO A . n 
A 1 77  ALA 77  465 465 ALA ALA A . n 
A 1 78  PRO 78  466 466 PRO PRO A . n 
A 1 79  ARG 79  467 467 ARG ARG A . n 
A 1 80  GLY 80  468 468 GLY GLY A . n 
A 1 81  MET 81  469 469 MET MET A . n 
A 1 82  PRO 82  470 470 PRO PRO A . n 
A 1 83  GLN 83  471 471 GLN GLN A . n 
A 1 84  ILE 84  472 472 ILE ILE A . n 
A 1 85  GLU 85  473 473 GLU GLU A . n 
A 1 86  VAL 86  474 474 VAL VAL A . n 
A 1 87  THR 87  475 475 THR THR A . n 
A 1 88  PHE 88  476 476 PHE PHE A . n 
A 1 89  ASP 89  477 477 ASP ASP A . n 
A 1 90  ILE 90  478 478 ILE ILE A . n 
A 1 91  ASP 91  479 479 ASP ASP A . n 
A 1 92  ALA 92  480 480 ALA ALA A . n 
A 1 93  ASP 93  481 481 ASP ASP A . n 
A 1 94  GLY 94  482 482 GLY GLY A . n 
A 1 95  ILE 95  483 483 ILE ILE A . n 
A 1 96  LEU 96  484 484 LEU LEU A . n 
A 1 97  HIS 97  485 485 HIS HIS A . n 
A 1 98  VAL 98  486 486 VAL VAL A . n 
A 1 99  SER 99  487 487 SER SER A . n 
A 1 100 ALA 100 488 488 ALA ALA A . n 
A 1 101 LYS 101 489 489 LYS LYS A . n 
A 1 102 ASP 102 490 490 ASP ASP A . n 
A 1 103 LYS 103 491 491 LYS LYS A . n 
A 1 104 ASN 104 492 492 ASN ASN A . n 
A 1 105 SER 105 493 493 SER SER A . n 
A 1 106 GLY 106 494 494 GLY GLY A . n 
A 1 107 LYS 107 495 495 LYS LYS A . n 
A 1 108 GLU 108 496 496 GLU GLU A . n 
A 1 109 GLN 109 497 497 GLN GLN A . n 
A 1 110 LYS 110 498 498 LYS LYS A . n 
A 1 111 ILE 111 499 499 ILE ILE A . n 
A 1 112 THR 112 500 500 THR THR A . n 
A 1 113 ILE 113 501 501 ILE ILE A . n 
A 1 114 LYS 114 502 502 LYS LYS A . n 
A 1 115 ALA 115 503 503 ALA ALA A . n 
A 1 116 SER 116 504 504 SER SER A . n 
A 1 117 SER 117 505 505 SER SER A . n 
A 1 118 GLY 118 506 506 GLY GLY A . n 
A 1 119 LEU 119 507 507 LEU LEU A . n 
A 1 120 ASN 120 508 508 ASN ASN A . n 
A 1 121 GLU 121 509 509 GLU GLU A . n 
A 1 122 ASP 122 510 510 ASP ASP A . n 
A 1 123 GLU 123 511 511 GLU GLU A . n 
A 1 124 ILE 124 512 512 ILE ILE A . n 
A 1 125 GLN 125 513 513 GLN GLN A . n 
A 1 126 LYS 126 514 514 LYS LYS A . n 
A 1 127 MET 127 515 515 MET MET A . n 
A 1 128 VAL 128 516 516 VAL VAL A . n 
A 1 129 ARG 129 517 517 ARG ARG A . n 
A 1 130 ASP 130 518 518 ASP ASP A . n 
A 1 131 ALA 131 519 519 ALA ALA A . n 
A 1 132 GLU 132 520 520 GLU GLU A . n 
A 1 133 ALA 133 521 521 ALA ALA A . n 
A 1 134 ASN 134 522 522 ASN ASN A . n 
A 1 135 ALA 135 523 523 ALA ALA A . n 
A 1 136 GLU 136 524 524 GLU GLU A . n 
A 1 137 ALA 137 525 525 ALA ALA A . n 
A 1 138 ASP 138 526 526 ASP ASP A . n 
A 1 139 ARG 139 527 527 ARG ARG A . n 
A 1 140 LYS 140 528 528 LYS LYS A . n 
A 1 141 PHE 141 529 529 PHE PHE A . n 
A 1 142 GLU 142 530 530 GLU GLU A . n 
A 1 143 GLU 143 531 531 GLU GLU A . n 
A 1 144 LEU 144 532 532 LEU LEU A . n 
A 1 145 VAL 145 533 533 VAL VAL A . n 
A 1 146 GLN 146 534 534 GLN GLN A . n 
A 1 147 THR 147 535 535 THR THR A . n 
A 1 148 ARG 148 536 536 ARG ARG A . n 
A 1 149 ASN 149 537 537 ASN ASN A . n 
A 1 150 GLN 150 538 538 GLN GLN A . n 
A 1 151 GLY 151 539 539 GLY GLY A . n 
A 1 152 ASP 152 540 540 ASP ASP A . n 
A 1 153 HIS 153 541 541 HIS HIS A . n 
A 1 154 LEU 154 542 542 LEU LEU A . n 
A 1 155 LEU 155 543 543 LEU LEU A . n 
A 1 156 HIS 156 544 544 HIS HIS A . n 
A 1 157 SER 157 545 545 SER SER A . n 
A 1 158 THR 158 546 546 THR THR A . n 
A 1 159 ARG 159 547 547 ARG ARG A . n 
A 1 160 LYS 160 548 548 LYS LYS A . n 
A 1 161 GLN 161 549 549 GLN GLN A . n 
A 1 162 VAL 162 550 550 VAL VAL A . n 
A 1 163 GLU 163 551 551 GLU GLU A . n 
A 1 164 GLU 164 552 552 GLU GLU A . n 
A 1 165 ALA 165 553 553 ALA ALA A . n 
A 1 166 GLY 166 554 554 GLY GLY A . n 
A 1 167 ASP 167 555 555 ASP ASP A . n 
A 1 168 LYS 168 556 556 LYS LYS A . n 
A 1 169 LEU 169 557 557 LEU LEU A . n 
A 1 170 PRO 170 558 558 PRO PRO A . n 
A 1 171 ALA 171 559 559 ALA ALA A . n 
A 1 172 ASP 172 560 560 ASP ASP A . n 
A 1 173 ASP 173 561 561 ASP ASP A . n 
A 1 174 LYS 174 562 562 LYS LYS A . n 
A 1 175 THR 175 563 563 THR THR A . n 
A 1 176 ALA 176 564 564 ALA ALA A . n 
A 1 177 ILE 177 565 565 ILE ILE A . n 
A 1 178 GLU 178 566 566 GLU GLU A . n 
A 1 179 SER 179 567 567 SER SER A . n 
A 1 180 ALA 180 568 568 ALA ALA A . n 
A 1 181 LEU 181 569 569 LEU LEU A . n 
A 1 182 THR 182 570 570 THR THR A . n 
A 1 183 ALA 183 571 571 ALA ALA A . n 
A 1 184 LEU 184 572 572 LEU LEU A . n 
A 1 185 GLU 185 573 573 GLU GLU A . n 
A 1 186 THR 186 574 574 THR THR A . n 
A 1 187 ALA 187 575 575 ALA ALA A . n 
A 1 188 LEU 188 576 576 LEU LEU A . n 
A 1 189 LYS 189 577 577 LYS LYS A . n 
A 1 190 GLY 190 578 578 GLY GLY A . n 
A 1 191 GLU 191 579 579 GLU GLU A . n 
A 1 192 ASP 192 580 580 ASP ASP A . n 
A 1 193 LYS 193 581 581 LYS LYS A . n 
A 1 194 ALA 194 582 582 ALA ALA A . n 
A 1 195 ALA 195 583 583 ALA ALA A . n 
A 1 196 ILE 196 584 584 ILE ILE A . n 
A 1 197 GLU 197 585 585 GLU GLU A . n 
A 1 198 ALA 198 586 586 ALA ALA A . n 
A 1 199 LYS 199 587 587 LYS LYS A . n 
A 1 200 MET 200 588 588 MET MET A . n 
A 1 201 GLN 201 589 589 GLN GLN A . n 
A 1 202 GLU 202 590 590 GLU GLU A . n 
A 1 203 LEU 203 591 591 LEU LEU A . n 
A 1 204 ALA 204 592 592 ALA ALA A . n 
A 1 205 GLN 205 593 593 GLN GLN A . n 
A 1 206 VAL 206 594 594 VAL VAL A . n 
A 1 207 SER 207 595 595 SER SER A . n 
A 1 208 GLN 208 596 596 GLN GLN A . n 
A 1 209 LYS 209 597 597 LYS LYS A . n 
A 1 210 LEU 210 598 598 LEU LEU A . n 
A 1 211 MET 211 599 599 MET MET A . n 
A 1 212 GLU 212 600 600 GLU GLU A . n 
A 1 213 ILE 213 601 601 ILE ILE A . n 
A 1 214 ALA 214 602 602 ALA ALA A . n 
A 1 215 GLN 215 603 603 GLN GLN A . n 
A 1 216 GLN 216 604 ?   ?   ?   A . n 
A 1 217 GLN 217 605 ?   ?   ?   A . n 
A 1 218 HIS 218 606 ?   ?   ?   A . n 
A 1 219 ALA 219 607 ?   ?   ?   A . n 
B 2 1   ARG 1   360 ?   ?   ?   B . n 
B 2 2   GLY 2   361 ?   ?   ?   B . n 
B 2 3   ASN 3   362 ?   ?   ?   B . n 
B 2 4   THR 4   363 362 THR THR B . n 
B 2 5   LEU 5   364 363 LEU LEU B . n 
B 2 6   VAL 6   365 364 VAL VAL B . n 
B 2 7   ILE 7   366 365 ILE ILE B . n 
B 2 8   VAL 8   367 ?   ?   ?   B . n 
B 2 9   SER 9   368 ?   ?   ?   B . n 
B 2 10  ARG 10  369 ?   ?   ?   B . n 
# 
loop_
_pdbx_nonpoly_scheme.asym_id 
_pdbx_nonpoly_scheme.entity_id 
_pdbx_nonpoly_scheme.mon_id 
_pdbx_nonpoly_scheme.ndb_seq_num 
_pdbx_nonpoly_scheme.pdb_seq_num 
_pdbx_nonpoly_scheme.auth_seq_num 
_pdbx_nonpoly_scheme.pdb_mon_id 
_pdbx_nonpoly_scheme.auth_mon_id 
_pdbx_nonpoly_scheme.pdb_strand_id 
_pdbx_nonpoly_scheme.pdb_ins_code 
C 3 SO4 1 701 1 SO4 SO4 A . 
D 3 SO4 1 702 2 SO4 SO4 A . 
E 4 HOH 1 801 3 HOH HOH A . 
E 4 HOH 2 802 4 HOH HOH A . 
E 4 HOH 3 803 1 HOH HOH A . 
E 4 HOH 4 804 2 HOH HOH A . 
# 
_pdbx_struct_assembly.id                   1 
_pdbx_struct_assembly.details              author_and_software_defined_assembly 
_pdbx_struct_assembly.method_details       PISA 
_pdbx_struct_assembly.oligomeric_details   dimeric 
_pdbx_struct_assembly.oligomeric_count     2 
# 
_pdbx_struct_assembly_gen.assembly_id       1 
_pdbx_struct_assembly_gen.oper_expression   1 
_pdbx_struct_assembly_gen.asym_id_list      A,B,C,D,E 
# 
loop_
_pdbx_struct_assembly_prop.biol_id 
_pdbx_struct_assembly_prop.type 
_pdbx_struct_assembly_prop.value 
_pdbx_struct_assembly_prop.details 
1 'ABSA (A^2)' 1110  ? 
1 MORE         -30   ? 
1 'SSA (A^2)'  12050 ? 
# 
_pdbx_struct_oper_list.id                   1 
_pdbx_struct_oper_list.type                 'identity operation' 
_pdbx_struct_oper_list.name                 1_555 
_pdbx_struct_oper_list.symmetry_operation   x,y,z 
_pdbx_struct_oper_list.matrix[1][1]         1.0000000000 
_pdbx_struct_oper_list.matrix[1][2]         0.0000000000 
_pdbx_struct_oper_list.matrix[1][3]         0.0000000000 
_pdbx_struct_oper_list.vector[1]            0.0000000000 
_pdbx_struct_oper_list.matrix[2][1]         0.0000000000 
_pdbx_struct_oper_list.matrix[2][2]         1.0000000000 
_pdbx_struct_oper_list.matrix[2][3]         0.0000000000 
_pdbx_struct_oper_list.vector[2]            0.0000000000 
_pdbx_struct_oper_list.matrix[3][1]         0.0000000000 
_pdbx_struct_oper_list.matrix[3][2]         0.0000000000 
_pdbx_struct_oper_list.matrix[3][3]         1.0000000000 
_pdbx_struct_oper_list.vector[3]            0.0000000000 
# 
loop_
_pdbx_audit_revision_history.ordinal 
_pdbx_audit_revision_history.data_content_type 
_pdbx_audit_revision_history.major_revision 
_pdbx_audit_revision_history.minor_revision 
_pdbx_audit_revision_history.revision_date 
1 'Structure model' 1 0 2020-08-26 
2 'Structure model' 2 0 2021-07-07 
3 'Structure model' 2 1 2021-10-20 
4 'Structure model' 2 2 2023-10-18 
# 
_pdbx_audit_revision_details.ordinal             1 
_pdbx_audit_revision_details.revision_ordinal    1 
_pdbx_audit_revision_details.data_content_type   'Structure model' 
_pdbx_audit_revision_details.provider            repository 
_pdbx_audit_revision_details.type                'Initial release' 
_pdbx_audit_revision_details.description         ? 
_pdbx_audit_revision_details.details             ? 
# 
loop_
_pdbx_audit_revision_group.ordinal 
_pdbx_audit_revision_group.revision_ordinal 
_pdbx_audit_revision_group.data_content_type 
_pdbx_audit_revision_group.group 
1 2 'Structure model' Advisory                 
2 2 'Structure model' 'Atomic model'           
3 2 'Structure model' 'Database references'    
4 2 'Structure model' 'Derived calculations'   
5 2 'Structure model' 'Structure summary'      
6 3 'Structure model' 'Database references'    
7 4 'Structure model' 'Data collection'        
8 4 'Structure model' 'Refinement description' 
# 
loop_
_pdbx_audit_revision_category.ordinal 
_pdbx_audit_revision_category.revision_ordinal 
_pdbx_audit_revision_category.data_content_type 
_pdbx_audit_revision_category.category 
1  2 'Structure model' atom_site                       
2  2 'Structure model' pdbx_poly_seq_scheme            
3  2 'Structure model' pdbx_struct_sheet_hbond         
4  2 'Structure model' pdbx_unobs_or_zero_occ_residues 
5  2 'Structure model' struct_ref_seq                  
6  2 'Structure model' struct_ref_seq_dif              
7  2 'Structure model' struct_sheet_range              
8  3 'Structure model' citation                        
9  3 'Structure model' citation_author                 
10 3 'Structure model' database_2                      
11 4 'Structure model' chem_comp_atom                  
12 4 'Structure model' chem_comp_bond                  
13 4 'Structure model' pdbx_initial_refinement_model   
# 
loop_
_pdbx_audit_revision_item.ordinal 
_pdbx_audit_revision_item.revision_ordinal 
_pdbx_audit_revision_item.data_content_type 
_pdbx_audit_revision_item.item 
1  2 'Structure model' '_atom_site.auth_seq_id'                       
2  2 'Structure model' '_pdbx_poly_seq_scheme.pdb_seq_num'            
3  2 'Structure model' '_pdbx_struct_sheet_hbond.range_2_auth_seq_id' 
4  2 'Structure model' '_pdbx_unobs_or_zero_occ_residues.auth_seq_id' 
5  2 'Structure model' '_struct_ref_seq.pdbx_auth_seq_align_beg'      
6  2 'Structure model' '_struct_ref_seq.pdbx_auth_seq_align_end'      
7  2 'Structure model' '_struct_ref_seq_dif.pdbx_auth_seq_num'        
8  2 'Structure model' '_struct_sheet_range.beg_auth_seq_id'          
9  2 'Structure model' '_struct_sheet_range.end_auth_seq_id'          
10 3 'Structure model' '_citation.country'                            
11 3 'Structure model' '_citation.journal_abbrev'                     
12 3 'Structure model' '_citation.journal_id_ASTM'                    
13 3 'Structure model' '_citation.journal_id_CSD'                     
14 3 'Structure model' '_citation.journal_id_ISSN'                    
15 3 'Structure model' '_citation.journal_volume'                     
16 3 'Structure model' '_citation.pdbx_database_id_DOI'               
17 3 'Structure model' '_citation.pdbx_database_id_PubMed'            
18 3 'Structure model' '_citation.title'                              
19 3 'Structure model' '_citation.year'                               
20 3 'Structure model' '_database_2.pdbx_DOI'                         
21 3 'Structure model' '_database_2.pdbx_database_accession'          
# 
loop_
_software.citation_id 
_software.classification 
_software.compiler_name 
_software.compiler_version 
_software.contact_author 
_software.contact_author_email 
_software.date 
_software.description 
_software.dependencies 
_software.hardware 
_software.language 
_software.location 
_software.mods 
_software.name 
_software.os 
_software.os_version 
_software.type 
_software.version 
_software.pdbx_ordinal 
? 'data reduction'  ? ? ? ? ? ? ? ? ? ? ? HKL-2000    ? ? ? .        1 
? 'data scaling'    ? ? ? ? ? ? ? ? ? ? ? HKL-2000    ? ? ? .        2 
? refinement        ? ? ? ? ? ? ? ? ? ? ? REFMAC      ? ? ? 5.8.0238 3 
? 'data extraction' ? ? ? ? ? ? ? ? ? ? ? PDB_EXTRACT ? ? ? 3.25     4 
? phasing           ? ? ? ? ? ? ? ? ? ? ? PHASER      ? ? ? .        5 
# 
_pdbx_entry_details.entry_id                 7JN8 
_pdbx_entry_details.has_ligand_of_interest   N 
_pdbx_entry_details.compound_details         ? 
_pdbx_entry_details.source_details           ? 
_pdbx_entry_details.nonpolymer_details       ? 
_pdbx_entry_details.sequence_details         ? 
# 
loop_
_pdbx_validate_torsion.id 
_pdbx_validate_torsion.PDB_model_num 
_pdbx_validate_torsion.auth_comp_id 
_pdbx_validate_torsion.auth_asym_id 
_pdbx_validate_torsion.auth_seq_id 
_pdbx_validate_torsion.PDB_ins_code 
_pdbx_validate_torsion.label_alt_id 
_pdbx_validate_torsion.phi 
_pdbx_validate_torsion.psi 
1 1 LEU A 392 ? ? -166.57 101.51  
2 1 PHE A 426 ? ? -129.80 -169.39 
3 1 GLN A 456 ? ? -171.16 130.57  
4 1 ASP A 460 ? ? -118.11 -166.02 
5 1 ASN A 492 ? ? -86.37  -78.24  
# 
loop_
_pdbx_unobs_or_zero_occ_atoms.id 
_pdbx_unobs_or_zero_occ_atoms.PDB_model_num 
_pdbx_unobs_or_zero_occ_atoms.polymer_flag 
_pdbx_unobs_or_zero_occ_atoms.occupancy_flag 
_pdbx_unobs_or_zero_occ_atoms.auth_asym_id 
_pdbx_unobs_or_zero_occ_atoms.auth_comp_id 
_pdbx_unobs_or_zero_occ_atoms.auth_seq_id 
_pdbx_unobs_or_zero_occ_atoms.PDB_ins_code 
_pdbx_unobs_or_zero_occ_atoms.auth_atom_id 
_pdbx_unobs_or_zero_occ_atoms.label_alt_id 
_pdbx_unobs_or_zero_occ_atoms.label_asym_id 
_pdbx_unobs_or_zero_occ_atoms.label_comp_id 
_pdbx_unobs_or_zero_occ_atoms.label_seq_id 
_pdbx_unobs_or_zero_occ_atoms.label_atom_id 
1  1 Y 1 A VAL 389 ? CG1 ? A VAL 1   CG1 
2  1 Y 1 A VAL 389 ? CG2 ? A VAL 1   CG2 
3  1 Y 1 A LEU 391 ? CG  ? A LEU 3   CG  
4  1 Y 1 A LEU 391 ? CD1 ? A LEU 3   CD1 
5  1 Y 1 A LEU 391 ? CD2 ? A LEU 3   CD2 
6  1 Y 1 A ILE 418 ? CD1 ? A ILE 30  CD1 
7  1 Y 1 A LYS 421 ? CE  ? A LYS 33  CE  
8  1 Y 1 A LYS 421 ? NZ  ? A LYS 33  NZ  
9  1 Y 1 A GLU 430 ? CG  ? A GLU 42  CG  
10 1 Y 1 A GLU 430 ? CD  ? A GLU 42  CD  
11 1 Y 1 A GLU 430 ? OE1 ? A GLU 42  OE1 
12 1 Y 1 A GLU 430 ? OE2 ? A GLU 42  OE2 
13 1 Y 1 A LYS 489 ? CE  ? A LYS 101 CE  
14 1 Y 1 A LYS 489 ? NZ  ? A LYS 101 NZ  
15 1 Y 1 A LYS 495 ? CE  ? A LYS 107 CE  
16 1 Y 1 A LYS 495 ? NZ  ? A LYS 107 NZ  
17 1 Y 1 A ILE 501 ? CG2 ? A ILE 113 CG2 
18 1 Y 1 A LYS 502 ? NZ  ? A LYS 114 NZ  
19 1 Y 1 A GLN 513 ? CG  ? A GLN 125 CG  
20 1 Y 1 A GLN 513 ? CD  ? A GLN 125 CD  
21 1 Y 1 A GLN 513 ? OE1 ? A GLN 125 OE1 
22 1 Y 1 A GLN 513 ? NE2 ? A GLN 125 NE2 
23 1 Y 1 A GLU 520 ? CG  ? A GLU 132 CG  
24 1 Y 1 A GLU 520 ? CD  ? A GLU 132 CD  
25 1 Y 1 A GLU 520 ? OE1 ? A GLU 132 OE1 
26 1 Y 1 A GLU 520 ? OE2 ? A GLU 132 OE2 
27 1 Y 1 A GLU 524 ? CG  ? A GLU 136 CG  
28 1 Y 1 A GLU 524 ? CD  ? A GLU 136 CD  
29 1 Y 1 A GLU 524 ? OE1 ? A GLU 136 OE1 
30 1 Y 1 A GLU 524 ? OE2 ? A GLU 136 OE2 
31 1 Y 1 A ARG 527 ? CG  ? A ARG 139 CG  
32 1 Y 1 A ARG 527 ? CD  ? A ARG 139 CD  
33 1 Y 1 A ARG 527 ? NE  ? A ARG 139 NE  
34 1 Y 1 A ARG 527 ? CZ  ? A ARG 139 CZ  
35 1 Y 1 A ARG 527 ? NH1 ? A ARG 139 NH1 
36 1 Y 1 A ARG 527 ? NH2 ? A ARG 139 NH2 
37 1 Y 1 A ARG 536 ? CZ  ? A ARG 148 CZ  
38 1 Y 1 A ARG 536 ? NH1 ? A ARG 148 NH1 
39 1 Y 1 A ARG 536 ? NH2 ? A ARG 148 NH2 
40 1 Y 1 A LYS 548 ? CG  ? A LYS 160 CG  
41 1 Y 1 A LYS 548 ? CD  ? A LYS 160 CD  
42 1 Y 1 A LYS 548 ? CE  ? A LYS 160 CE  
43 1 Y 1 A LYS 548 ? NZ  ? A LYS 160 NZ  
44 1 Y 1 A GLU 551 ? CG  ? A GLU 163 CG  
45 1 Y 1 A GLU 551 ? CD  ? A GLU 163 CD  
46 1 Y 1 A GLU 551 ? OE1 ? A GLU 163 OE1 
47 1 Y 1 A GLU 551 ? OE2 ? A GLU 163 OE2 
48 1 Y 1 A GLU 552 ? CG  ? A GLU 164 CG  
49 1 Y 1 A GLU 552 ? CD  ? A GLU 164 CD  
50 1 Y 1 A GLU 552 ? OE1 ? A GLU 164 OE1 
51 1 Y 1 A GLU 552 ? OE2 ? A GLU 164 OE2 
52 1 Y 1 A LYS 556 ? NZ  ? A LYS 168 NZ  
53 1 Y 1 A THR 570 ? CG2 ? A THR 182 CG2 
54 1 Y 1 A VAL 594 ? CG1 ? A VAL 206 CG1 
55 1 Y 1 A LYS 597 ? CE  ? A LYS 209 CE  
56 1 Y 1 A LYS 597 ? NZ  ? A LYS 209 NZ  
# 
loop_
_pdbx_unobs_or_zero_occ_residues.id 
_pdbx_unobs_or_zero_occ_residues.PDB_model_num 
_pdbx_unobs_or_zero_occ_residues.polymer_flag 
_pdbx_unobs_or_zero_occ_residues.occupancy_flag 
_pdbx_unobs_or_zero_occ_residues.auth_asym_id 
_pdbx_unobs_or_zero_occ_residues.auth_comp_id 
_pdbx_unobs_or_zero_occ_residues.auth_seq_id 
_pdbx_unobs_or_zero_occ_residues.PDB_ins_code 
_pdbx_unobs_or_zero_occ_residues.label_asym_id 
_pdbx_unobs_or_zero_occ_residues.label_comp_id 
_pdbx_unobs_or_zero_occ_residues.label_seq_id 
1  1 Y 1 A GLN 604 ? A GLN 216 
2  1 Y 1 A GLN 605 ? A GLN 217 
3  1 Y 1 A HIS 606 ? A HIS 218 
4  1 Y 1 A ALA 607 ? A ALA 219 
5  1 Y 1 B ARG 360 ? B ARG 1   
6  1 Y 1 B GLY 361 ? B GLY 2   
7  1 Y 1 B ASN 362 ? B ASN 3   
8  1 Y 1 B VAL 367 ? B VAL 8   
9  1 Y 1 B SER 368 ? B SER 9   
10 1 Y 1 B ARG 369 ? B ARG 10  
# 
loop_
_chem_comp_atom.comp_id 
_chem_comp_atom.atom_id 
_chem_comp_atom.type_symbol 
_chem_comp_atom.pdbx_aromatic_flag 
_chem_comp_atom.pdbx_stereo_config 
_chem_comp_atom.pdbx_ordinal 
ALA N    N N N 1   
ALA CA   C N S 2   
ALA C    C N N 3   
ALA O    O N N 4   
ALA CB   C N N 5   
ALA OXT  O N N 6   
ALA H    H N N 7   
ALA H2   H N N 8   
ALA HA   H N N 9   
ALA HB1  H N N 10  
ALA HB2  H N N 11  
ALA HB3  H N N 12  
ALA HXT  H N N 13  
ARG N    N N N 14  
ARG CA   C N S 15  
ARG C    C N N 16  
ARG O    O N N 17  
ARG CB   C N N 18  
ARG CG   C N N 19  
ARG CD   C N N 20  
ARG NE   N N N 21  
ARG CZ   C N N 22  
ARG NH1  N N N 23  
ARG NH2  N N N 24  
ARG OXT  O N N 25  
ARG H    H N N 26  
ARG H2   H N N 27  
ARG HA   H N N 28  
ARG HB2  H N N 29  
ARG HB3  H N N 30  
ARG HG2  H N N 31  
ARG HG3  H N N 32  
ARG HD2  H N N 33  
ARG HD3  H N N 34  
ARG HE   H N N 35  
ARG HH11 H N N 36  
ARG HH12 H N N 37  
ARG HH21 H N N 38  
ARG HH22 H N N 39  
ARG HXT  H N N 40  
ASN N    N N N 41  
ASN CA   C N S 42  
ASN C    C N N 43  
ASN O    O N N 44  
ASN CB   C N N 45  
ASN CG   C N N 46  
ASN OD1  O N N 47  
ASN ND2  N N N 48  
ASN OXT  O N N 49  
ASN H    H N N 50  
ASN H2   H N N 51  
ASN HA   H N N 52  
ASN HB2  H N N 53  
ASN HB3  H N N 54  
ASN HD21 H N N 55  
ASN HD22 H N N 56  
ASN HXT  H N N 57  
ASP N    N N N 58  
ASP CA   C N S 59  
ASP C    C N N 60  
ASP O    O N N 61  
ASP CB   C N N 62  
ASP CG   C N N 63  
ASP OD1  O N N 64  
ASP OD2  O N N 65  
ASP OXT  O N N 66  
ASP H    H N N 67  
ASP H2   H N N 68  
ASP HA   H N N 69  
ASP HB2  H N N 70  
ASP HB3  H N N 71  
ASP HD2  H N N 72  
ASP HXT  H N N 73  
GLN N    N N N 74  
GLN CA   C N S 75  
GLN C    C N N 76  
GLN O    O N N 77  
GLN CB   C N N 78  
GLN CG   C N N 79  
GLN CD   C N N 80  
GLN OE1  O N N 81  
GLN NE2  N N N 82  
GLN OXT  O N N 83  
GLN H    H N N 84  
GLN H2   H N N 85  
GLN HA   H N N 86  
GLN HB2  H N N 87  
GLN HB3  H N N 88  
GLN HG2  H N N 89  
GLN HG3  H N N 90  
GLN HE21 H N N 91  
GLN HE22 H N N 92  
GLN HXT  H N N 93  
GLU N    N N N 94  
GLU CA   C N S 95  
GLU C    C N N 96  
GLU O    O N N 97  
GLU CB   C N N 98  
GLU CG   C N N 99  
GLU CD   C N N 100 
GLU OE1  O N N 101 
GLU OE2  O N N 102 
GLU OXT  O N N 103 
GLU H    H N N 104 
GLU H2   H N N 105 
GLU HA   H N N 106 
GLU HB2  H N N 107 
GLU HB3  H N N 108 
GLU HG2  H N N 109 
GLU HG3  H N N 110 
GLU HE2  H N N 111 
GLU HXT  H N N 112 
GLY N    N N N 113 
GLY CA   C N N 114 
GLY C    C N N 115 
GLY O    O N N 116 
GLY OXT  O N N 117 
GLY H    H N N 118 
GLY H2   H N N 119 
GLY HA2  H N N 120 
GLY HA3  H N N 121 
GLY HXT  H N N 122 
HIS N    N N N 123 
HIS CA   C N S 124 
HIS C    C N N 125 
HIS O    O N N 126 
HIS CB   C N N 127 
HIS CG   C Y N 128 
HIS ND1  N Y N 129 
HIS CD2  C Y N 130 
HIS CE1  C Y N 131 
HIS NE2  N Y N 132 
HIS OXT  O N N 133 
HIS H    H N N 134 
HIS H2   H N N 135 
HIS HA   H N N 136 
HIS HB2  H N N 137 
HIS HB3  H N N 138 
HIS HD1  H N N 139 
HIS HD2  H N N 140 
HIS HE1  H N N 141 
HIS HE2  H N N 142 
HIS HXT  H N N 143 
HOH O    O N N 144 
HOH H1   H N N 145 
HOH H2   H N N 146 
ILE N    N N N 147 
ILE CA   C N S 148 
ILE C    C N N 149 
ILE O    O N N 150 
ILE CB   C N S 151 
ILE CG1  C N N 152 
ILE CG2  C N N 153 
ILE CD1  C N N 154 
ILE OXT  O N N 155 
ILE H    H N N 156 
ILE H2   H N N 157 
ILE HA   H N N 158 
ILE HB   H N N 159 
ILE HG12 H N N 160 
ILE HG13 H N N 161 
ILE HG21 H N N 162 
ILE HG22 H N N 163 
ILE HG23 H N N 164 
ILE HD11 H N N 165 
ILE HD12 H N N 166 
ILE HD13 H N N 167 
ILE HXT  H N N 168 
LEU N    N N N 169 
LEU CA   C N S 170 
LEU C    C N N 171 
LEU O    O N N 172 
LEU CB   C N N 173 
LEU CG   C N N 174 
LEU CD1  C N N 175 
LEU CD2  C N N 176 
LEU OXT  O N N 177 
LEU H    H N N 178 
LEU H2   H N N 179 
LEU HA   H N N 180 
LEU HB2  H N N 181 
LEU HB3  H N N 182 
LEU HG   H N N 183 
LEU HD11 H N N 184 
LEU HD12 H N N 185 
LEU HD13 H N N 186 
LEU HD21 H N N 187 
LEU HD22 H N N 188 
LEU HD23 H N N 189 
LEU HXT  H N N 190 
LYS N    N N N 191 
LYS CA   C N S 192 
LYS C    C N N 193 
LYS O    O N N 194 
LYS CB   C N N 195 
LYS CG   C N N 196 
LYS CD   C N N 197 
LYS CE   C N N 198 
LYS NZ   N N N 199 
LYS OXT  O N N 200 
LYS H    H N N 201 
LYS H2   H N N 202 
LYS HA   H N N 203 
LYS HB2  H N N 204 
LYS HB3  H N N 205 
LYS HG2  H N N 206 
LYS HG3  H N N 207 
LYS HD2  H N N 208 
LYS HD3  H N N 209 
LYS HE2  H N N 210 
LYS HE3  H N N 211 
LYS HZ1  H N N 212 
LYS HZ2  H N N 213 
LYS HZ3  H N N 214 
LYS HXT  H N N 215 
MET N    N N N 216 
MET CA   C N S 217 
MET C    C N N 218 
MET O    O N N 219 
MET CB   C N N 220 
MET CG   C N N 221 
MET SD   S N N 222 
MET CE   C N N 223 
MET OXT  O N N 224 
MET H    H N N 225 
MET H2   H N N 226 
MET HA   H N N 227 
MET HB2  H N N 228 
MET HB3  H N N 229 
MET HG2  H N N 230 
MET HG3  H N N 231 
MET HE1  H N N 232 
MET HE2  H N N 233 
MET HE3  H N N 234 
MET HXT  H N N 235 
PHE N    N N N 236 
PHE CA   C N S 237 
PHE C    C N N 238 
PHE O    O N N 239 
PHE CB   C N N 240 
PHE CG   C Y N 241 
PHE CD1  C Y N 242 
PHE CD2  C Y N 243 
PHE CE1  C Y N 244 
PHE CE2  C Y N 245 
PHE CZ   C Y N 246 
PHE OXT  O N N 247 
PHE H    H N N 248 
PHE H2   H N N 249 
PHE HA   H N N 250 
PHE HB2  H N N 251 
PHE HB3  H N N 252 
PHE HD1  H N N 253 
PHE HD2  H N N 254 
PHE HE1  H N N 255 
PHE HE2  H N N 256 
PHE HZ   H N N 257 
PHE HXT  H N N 258 
PRO N    N N N 259 
PRO CA   C N S 260 
PRO C    C N N 261 
PRO O    O N N 262 
PRO CB   C N N 263 
PRO CG   C N N 264 
PRO CD   C N N 265 
PRO OXT  O N N 266 
PRO H    H N N 267 
PRO HA   H N N 268 
PRO HB2  H N N 269 
PRO HB3  H N N 270 
PRO HG2  H N N 271 
PRO HG3  H N N 272 
PRO HD2  H N N 273 
PRO HD3  H N N 274 
PRO HXT  H N N 275 
SER N    N N N 276 
SER CA   C N S 277 
SER C    C N N 278 
SER O    O N N 279 
SER CB   C N N 280 
SER OG   O N N 281 
SER OXT  O N N 282 
SER H    H N N 283 
SER H2   H N N 284 
SER HA   H N N 285 
SER HB2  H N N 286 
SER HB3  H N N 287 
SER HG   H N N 288 
SER HXT  H N N 289 
SO4 S    S N N 290 
SO4 O1   O N N 291 
SO4 O2   O N N 292 
SO4 O3   O N N 293 
SO4 O4   O N N 294 
THR N    N N N 295 
THR CA   C N S 296 
THR C    C N N 297 
THR O    O N N 298 
THR CB   C N R 299 
THR OG1  O N N 300 
THR CG2  C N N 301 
THR OXT  O N N 302 
THR H    H N N 303 
THR H2   H N N 304 
THR HA   H N N 305 
THR HB   H N N 306 
THR HG1  H N N 307 
THR HG21 H N N 308 
THR HG22 H N N 309 
THR HG23 H N N 310 
THR HXT  H N N 311 
VAL N    N N N 312 
VAL CA   C N S 313 
VAL C    C N N 314 
VAL O    O N N 315 
VAL CB   C N N 316 
VAL CG1  C N N 317 
VAL CG2  C N N 318 
VAL OXT  O N N 319 
VAL H    H N N 320 
VAL H2   H N N 321 
VAL HA   H N N 322 
VAL HB   H N N 323 
VAL HG11 H N N 324 
VAL HG12 H N N 325 
VAL HG13 H N N 326 
VAL HG21 H N N 327 
VAL HG22 H N N 328 
VAL HG23 H N N 329 
VAL HXT  H N N 330 
# 
loop_
_chem_comp_bond.comp_id 
_chem_comp_bond.atom_id_1 
_chem_comp_bond.atom_id_2 
_chem_comp_bond.value_order 
_chem_comp_bond.pdbx_aromatic_flag 
_chem_comp_bond.pdbx_stereo_config 
_chem_comp_bond.pdbx_ordinal 
ALA N   CA   sing N N 1   
ALA N   H    sing N N 2   
ALA N   H2   sing N N 3   
ALA CA  C    sing N N 4   
ALA CA  CB   sing N N 5   
ALA CA  HA   sing N N 6   
ALA C   O    doub N N 7   
ALA C   OXT  sing N N 8   
ALA CB  HB1  sing N N 9   
ALA CB  HB2  sing N N 10  
ALA CB  HB3  sing N N 11  
ALA OXT HXT  sing N N 12  
ARG N   CA   sing N N 13  
ARG N   H    sing N N 14  
ARG N   H2   sing N N 15  
ARG CA  C    sing N N 16  
ARG CA  CB   sing N N 17  
ARG CA  HA   sing N N 18  
ARG C   O    doub N N 19  
ARG C   OXT  sing N N 20  
ARG CB  CG   sing N N 21  
ARG CB  HB2  sing N N 22  
ARG CB  HB3  sing N N 23  
ARG CG  CD   sing N N 24  
ARG CG  HG2  sing N N 25  
ARG CG  HG3  sing N N 26  
ARG CD  NE   sing N N 27  
ARG CD  HD2  sing N N 28  
ARG CD  HD3  sing N N 29  
ARG NE  CZ   sing N N 30  
ARG NE  HE   sing N N 31  
ARG CZ  NH1  sing N N 32  
ARG CZ  NH2  doub N N 33  
ARG NH1 HH11 sing N N 34  
ARG NH1 HH12 sing N N 35  
ARG NH2 HH21 sing N N 36  
ARG NH2 HH22 sing N N 37  
ARG OXT HXT  sing N N 38  
ASN N   CA   sing N N 39  
ASN N   H    sing N N 40  
ASN N   H2   sing N N 41  
ASN CA  C    sing N N 42  
ASN CA  CB   sing N N 43  
ASN CA  HA   sing N N 44  
ASN C   O    doub N N 45  
ASN C   OXT  sing N N 46  
ASN CB  CG   sing N N 47  
ASN CB  HB2  sing N N 48  
ASN CB  HB3  sing N N 49  
ASN CG  OD1  doub N N 50  
ASN CG  ND2  sing N N 51  
ASN ND2 HD21 sing N N 52  
ASN ND2 HD22 sing N N 53  
ASN OXT HXT  sing N N 54  
ASP N   CA   sing N N 55  
ASP N   H    sing N N 56  
ASP N   H2   sing N N 57  
ASP CA  C    sing N N 58  
ASP CA  CB   sing N N 59  
ASP CA  HA   sing N N 60  
ASP C   O    doub N N 61  
ASP C   OXT  sing N N 62  
ASP CB  CG   sing N N 63  
ASP CB  HB2  sing N N 64  
ASP CB  HB3  sing N N 65  
ASP CG  OD1  doub N N 66  
ASP CG  OD2  sing N N 67  
ASP OD2 HD2  sing N N 68  
ASP OXT HXT  sing N N 69  
GLN N   CA   sing N N 70  
GLN N   H    sing N N 71  
GLN N   H2   sing N N 72  
GLN CA  C    sing N N 73  
GLN CA  CB   sing N N 74  
GLN CA  HA   sing N N 75  
GLN C   O    doub N N 76  
GLN C   OXT  sing N N 77  
GLN CB  CG   sing N N 78  
GLN CB  HB2  sing N N 79  
GLN CB  HB3  sing N N 80  
GLN CG  CD   sing N N 81  
GLN CG  HG2  sing N N 82  
GLN CG  HG3  sing N N 83  
GLN CD  OE1  doub N N 84  
GLN CD  NE2  sing N N 85  
GLN NE2 HE21 sing N N 86  
GLN NE2 HE22 sing N N 87  
GLN OXT HXT  sing N N 88  
GLU N   CA   sing N N 89  
GLU N   H    sing N N 90  
GLU N   H2   sing N N 91  
GLU CA  C    sing N N 92  
GLU CA  CB   sing N N 93  
GLU CA  HA   sing N N 94  
GLU C   O    doub N N 95  
GLU C   OXT  sing N N 96  
GLU CB  CG   sing N N 97  
GLU CB  HB2  sing N N 98  
GLU CB  HB3  sing N N 99  
GLU CG  CD   sing N N 100 
GLU CG  HG2  sing N N 101 
GLU CG  HG3  sing N N 102 
GLU CD  OE1  doub N N 103 
GLU CD  OE2  sing N N 104 
GLU OE2 HE2  sing N N 105 
GLU OXT HXT  sing N N 106 
GLY N   CA   sing N N 107 
GLY N   H    sing N N 108 
GLY N   H2   sing N N 109 
GLY CA  C    sing N N 110 
GLY CA  HA2  sing N N 111 
GLY CA  HA3  sing N N 112 
GLY C   O    doub N N 113 
GLY C   OXT  sing N N 114 
GLY OXT HXT  sing N N 115 
HIS N   CA   sing N N 116 
HIS N   H    sing N N 117 
HIS N   H2   sing N N 118 
HIS CA  C    sing N N 119 
HIS CA  CB   sing N N 120 
HIS CA  HA   sing N N 121 
HIS C   O    doub N N 122 
HIS C   OXT  sing N N 123 
HIS CB  CG   sing N N 124 
HIS CB  HB2  sing N N 125 
HIS CB  HB3  sing N N 126 
HIS CG  ND1  sing Y N 127 
HIS CG  CD2  doub Y N 128 
HIS ND1 CE1  doub Y N 129 
HIS ND1 HD1  sing N N 130 
HIS CD2 NE2  sing Y N 131 
HIS CD2 HD2  sing N N 132 
HIS CE1 NE2  sing Y N 133 
HIS CE1 HE1  sing N N 134 
HIS NE2 HE2  sing N N 135 
HIS OXT HXT  sing N N 136 
HOH O   H1   sing N N 137 
HOH O   H2   sing N N 138 
ILE N   CA   sing N N 139 
ILE N   H    sing N N 140 
ILE N   H2   sing N N 141 
ILE CA  C    sing N N 142 
ILE CA  CB   sing N N 143 
ILE CA  HA   sing N N 144 
ILE C   O    doub N N 145 
ILE C   OXT  sing N N 146 
ILE CB  CG1  sing N N 147 
ILE CB  CG2  sing N N 148 
ILE CB  HB   sing N N 149 
ILE CG1 CD1  sing N N 150 
ILE CG1 HG12 sing N N 151 
ILE CG1 HG13 sing N N 152 
ILE CG2 HG21 sing N N 153 
ILE CG2 HG22 sing N N 154 
ILE CG2 HG23 sing N N 155 
ILE CD1 HD11 sing N N 156 
ILE CD1 HD12 sing N N 157 
ILE CD1 HD13 sing N N 158 
ILE OXT HXT  sing N N 159 
LEU N   CA   sing N N 160 
LEU N   H    sing N N 161 
LEU N   H2   sing N N 162 
LEU CA  C    sing N N 163 
LEU CA  CB   sing N N 164 
LEU CA  HA   sing N N 165 
LEU C   O    doub N N 166 
LEU C   OXT  sing N N 167 
LEU CB  CG   sing N N 168 
LEU CB  HB2  sing N N 169 
LEU CB  HB3  sing N N 170 
LEU CG  CD1  sing N N 171 
LEU CG  CD2  sing N N 172 
LEU CG  HG   sing N N 173 
LEU CD1 HD11 sing N N 174 
LEU CD1 HD12 sing N N 175 
LEU CD1 HD13 sing N N 176 
LEU CD2 HD21 sing N N 177 
LEU CD2 HD22 sing N N 178 
LEU CD2 HD23 sing N N 179 
LEU OXT HXT  sing N N 180 
LYS N   CA   sing N N 181 
LYS N   H    sing N N 182 
LYS N   H2   sing N N 183 
LYS CA  C    sing N N 184 
LYS CA  CB   sing N N 185 
LYS CA  HA   sing N N 186 
LYS C   O    doub N N 187 
LYS C   OXT  sing N N 188 
LYS CB  CG   sing N N 189 
LYS CB  HB2  sing N N 190 
LYS CB  HB3  sing N N 191 
LYS CG  CD   sing N N 192 
LYS CG  HG2  sing N N 193 
LYS CG  HG3  sing N N 194 
LYS CD  CE   sing N N 195 
LYS CD  HD2  sing N N 196 
LYS CD  HD3  sing N N 197 
LYS CE  NZ   sing N N 198 
LYS CE  HE2  sing N N 199 
LYS CE  HE3  sing N N 200 
LYS NZ  HZ1  sing N N 201 
LYS NZ  HZ2  sing N N 202 
LYS NZ  HZ3  sing N N 203 
LYS OXT HXT  sing N N 204 
MET N   CA   sing N N 205 
MET N   H    sing N N 206 
MET N   H2   sing N N 207 
MET CA  C    sing N N 208 
MET CA  CB   sing N N 209 
MET CA  HA   sing N N 210 
MET C   O    doub N N 211 
MET C   OXT  sing N N 212 
MET CB  CG   sing N N 213 
MET CB  HB2  sing N N 214 
MET CB  HB3  sing N N 215 
MET CG  SD   sing N N 216 
MET CG  HG2  sing N N 217 
MET CG  HG3  sing N N 218 
MET SD  CE   sing N N 219 
MET CE  HE1  sing N N 220 
MET CE  HE2  sing N N 221 
MET CE  HE3  sing N N 222 
MET OXT HXT  sing N N 223 
PHE N   CA   sing N N 224 
PHE N   H    sing N N 225 
PHE N   H2   sing N N 226 
PHE CA  C    sing N N 227 
PHE CA  CB   sing N N 228 
PHE CA  HA   sing N N 229 
PHE C   O    doub N N 230 
PHE C   OXT  sing N N 231 
PHE CB  CG   sing N N 232 
PHE CB  HB2  sing N N 233 
PHE CB  HB3  sing N N 234 
PHE CG  CD1  doub Y N 235 
PHE CG  CD2  sing Y N 236 
PHE CD1 CE1  sing Y N 237 
PHE CD1 HD1  sing N N 238 
PHE CD2 CE2  doub Y N 239 
PHE CD2 HD2  sing N N 240 
PHE CE1 CZ   doub Y N 241 
PHE CE1 HE1  sing N N 242 
PHE CE2 CZ   sing Y N 243 
PHE CE2 HE2  sing N N 244 
PHE CZ  HZ   sing N N 245 
PHE OXT HXT  sing N N 246 
PRO N   CA   sing N N 247 
PRO N   CD   sing N N 248 
PRO N   H    sing N N 249 
PRO CA  C    sing N N 250 
PRO CA  CB   sing N N 251 
PRO CA  HA   sing N N 252 
PRO C   O    doub N N 253 
PRO C   OXT  sing N N 254 
PRO CB  CG   sing N N 255 
PRO CB  HB2  sing N N 256 
PRO CB  HB3  sing N N 257 
PRO CG  CD   sing N N 258 
PRO CG  HG2  sing N N 259 
PRO CG  HG3  sing N N 260 
PRO CD  HD2  sing N N 261 
PRO CD  HD3  sing N N 262 
PRO OXT HXT  sing N N 263 
SER N   CA   sing N N 264 
SER N   H    sing N N 265 
SER N   H2   sing N N 266 
SER CA  C    sing N N 267 
SER CA  CB   sing N N 268 
SER CA  HA   sing N N 269 
SER C   O    doub N N 270 
SER C   OXT  sing N N 271 
SER CB  OG   sing N N 272 
SER CB  HB2  sing N N 273 
SER CB  HB3  sing N N 274 
SER OG  HG   sing N N 275 
SER OXT HXT  sing N N 276 
SO4 S   O1   doub N N 277 
SO4 S   O2   doub N N 278 
SO4 S   O3   sing N N 279 
SO4 S   O4   sing N N 280 
THR N   CA   sing N N 281 
THR N   H    sing N N 282 
THR N   H2   sing N N 283 
THR CA  C    sing N N 284 
THR CA  CB   sing N N 285 
THR CA  HA   sing N N 286 
THR C   O    doub N N 287 
THR C   OXT  sing N N 288 
THR CB  OG1  sing N N 289 
THR CB  CG2  sing N N 290 
THR CB  HB   sing N N 291 
THR OG1 HG1  sing N N 292 
THR CG2 HG21 sing N N 293 
THR CG2 HG22 sing N N 294 
THR CG2 HG23 sing N N 295 
THR OXT HXT  sing N N 296 
VAL N   CA   sing N N 297 
VAL N   H    sing N N 298 
VAL N   H2   sing N N 299 
VAL CA  C    sing N N 300 
VAL CA  CB   sing N N 301 
VAL CA  HA   sing N N 302 
VAL C   O    doub N N 303 
VAL C   OXT  sing N N 304 
VAL CB  CG1  sing N N 305 
VAL CB  CG2  sing N N 306 
VAL CB  HB   sing N N 307 
VAL CG1 HG11 sing N N 308 
VAL CG1 HG12 sing N N 309 
VAL CG1 HG13 sing N N 310 
VAL CG2 HG21 sing N N 311 
VAL CG2 HG22 sing N N 312 
VAL CG2 HG23 sing N N 313 
VAL OXT HXT  sing N N 314 
# 
_pdbx_audit_support.funding_organization   
'National Institutes of Health/National Institute of General Medical Sciences (NIH/NIGMS)' 
_pdbx_audit_support.country                'United States' 
_pdbx_audit_support.grant_number           '5 R35 GM118161' 
_pdbx_audit_support.ordinal                1 
# 
loop_
_pdbx_entity_nonpoly.entity_id 
_pdbx_entity_nonpoly.name 
_pdbx_entity_nonpoly.comp_id 
3 'SULFATE ION' SO4 
4 water         HOH 
# 
_pdbx_initial_refinement_model.id               1 
_pdbx_initial_refinement_model.entity_id_list   ? 
_pdbx_initial_refinement_model.type             'experimental model' 
_pdbx_initial_refinement_model.source_name      PDB 
_pdbx_initial_refinement_model.accession_code   1DKZ 
_pdbx_initial_refinement_model.details          ? 
# 
_pdbx_struct_assembly_auth_evidence.id                     1 
_pdbx_struct_assembly_auth_evidence.assembly_id            1 
_pdbx_struct_assembly_auth_evidence.experimental_support   none 
_pdbx_struct_assembly_auth_evidence.details                ? 
# 
